data_7TV2
# 
_entry.id   7TV2 
# 
_audit_conform.dict_name       mmcif_pdbx.dic 
_audit_conform.dict_version    5.380 
_audit_conform.dict_location   http://mmcif.pdb.org/dictionaries/ascii/mmcif_pdbx.dic 
# 
loop_
_database_2.database_id 
_database_2.database_code 
_database_2.pdbx_database_accession 
_database_2.pdbx_DOI 
PDB   7TV2         pdb_00007tv2 10.2210/pdb7tv2/pdb 
WWPDB D_1000262957 ?            ?                   
# 
_pdbx_database_status.status_code                     REL 
_pdbx_database_status.status_code_sf                  REL 
_pdbx_database_status.status_code_mr                  ? 
_pdbx_database_status.entry_id                        7TV2 
_pdbx_database_status.recvd_initial_deposition_date   2022-02-03 
_pdbx_database_status.SG_entry                        N 
_pdbx_database_status.deposit_site                    RCSB 
_pdbx_database_status.process_site                    RCSB 
_pdbx_database_status.status_code_cs                  ? 
_pdbx_database_status.status_code_nmr_data            ? 
_pdbx_database_status.methods_development_category    ? 
_pdbx_database_status.pdb_format_compatible           Y 
# 
loop_
_audit_author.name 
_audit_author.pdbx_ordinal 
_audit_author.identifier_ORCID 
'Shi, K.'    1 0000-0003-4175-3714 
'Aihara, H.' 2 0000-0001-7508-6230 
# 
_citation.abstract                  ? 
_citation.abstract_id_CAS           ? 
_citation.book_id_ISBN              ? 
_citation.book_publisher            ? 
_citation.book_publisher_city       ? 
_citation.book_title                ? 
_citation.coordinate_linkage        ? 
_citation.country                   UK 
_citation.database_id_Medline       ? 
_citation.details                   ? 
_citation.id                        primary 
_citation.journal_abbrev            J.Mol.Biol. 
_citation.journal_id_ASTM           JMOBAK 
_citation.journal_id_CSD            0070 
_citation.journal_id_ISSN           1089-8638 
_citation.journal_full              ? 
_citation.journal_issue             ? 
_citation.journal_volume            435 
_citation.language                  ? 
_citation.page_first                168143 
_citation.page_last                 168143 
_citation.title                     
'HIV-2 Immature Particle Morphology Provides Insights into Gag Lattice Stability and Virus Maturation.' 
_citation.year                      2023 
_citation.database_id_CSD           ? 
_citation.pdbx_database_id_DOI      10.1016/j.jmb.2023.168143 
_citation.pdbx_database_id_PubMed   37150290 
_citation.pdbx_database_id_patent   ? 
_citation.unpublished_flag          ? 
# 
loop_
_citation_author.citation_id 
_citation_author.name 
_citation_author.ordinal 
_citation_author.identifier_ORCID 
primary 'Talledge, N.'     1  ? 
primary 'Yang, H.'         2  ? 
primary 'Shi, K.'          3  ? 
primary 'Coray, R.'        4  ? 
primary 'Yu, G.'           5  ? 
primary 'Arndt, W.G.'      6  ? 
primary 'Meng, S.'         7  ? 
primary 'Baxter, G.C.'     8  ? 
primary 'Mendonca, L.M.'   9  ? 
primary 'Castano-Diez, D.' 10 ? 
primary 'Aihara, H.'       11 ? 
primary 'Mansky, L.M.'     12 ? 
primary 'Zhang, W.'        13 ? 
# 
_cell.angle_alpha                  90.000 
_cell.angle_alpha_esd              ? 
_cell.angle_beta                   90.560 
_cell.angle_beta_esd               ? 
_cell.angle_gamma                  90.000 
_cell.angle_gamma_esd              ? 
_cell.entry_id                     7TV2 
_cell.details                      ? 
_cell.formula_units_Z              ? 
_cell.length_a                     48.813 
_cell.length_a_esd                 ? 
_cell.length_b                     30.919 
_cell.length_b_esd                 ? 
_cell.length_c                     46.494 
_cell.length_c_esd                 ? 
_cell.volume                       ? 
_cell.volume_esd                   ? 
_cell.Z_PDB                        4 
_cell.reciprocal_angle_alpha       ? 
_cell.reciprocal_angle_beta        ? 
_cell.reciprocal_angle_gamma       ? 
_cell.reciprocal_angle_alpha_esd   ? 
_cell.reciprocal_angle_beta_esd    ? 
_cell.reciprocal_angle_gamma_esd   ? 
_cell.reciprocal_length_a          ? 
_cell.reciprocal_length_b          ? 
_cell.reciprocal_length_c          ? 
_cell.reciprocal_length_a_esd      ? 
_cell.reciprocal_length_b_esd      ? 
_cell.reciprocal_length_c_esd      ? 
_cell.pdbx_unique_axis             ? 
# 
_symmetry.entry_id                         7TV2 
_symmetry.cell_setting                     ? 
_symmetry.Int_Tables_number                5 
_symmetry.space_group_name_Hall            ? 
_symmetry.space_group_name_H-M             'C 1 2 1' 
_symmetry.pdbx_full_space_group_name_H-M   ? 
# 
loop_
_entity.id 
_entity.type 
_entity.src_method 
_entity.pdbx_description 
_entity.formula_weight 
_entity.pdbx_number_of_molecules 
_entity.pdbx_ec 
_entity.pdbx_mutation 
_entity.pdbx_fragment 
_entity.details 
1 polymer man 'Capsid protein p24' 9713.201 1  ? ? ? ? 
2 water   nat water                18.015   25 ? ? ? ? 
# 
_entity_name_com.entity_id   1 
_entity_name_com.name        'Matrix protein p17,Nucleocapsid protein p7' 
# 
_entity_poly.entity_id                      1 
_entity_poly.type                           'polypeptide(L)' 
_entity_poly.nstd_linkage                   no 
_entity_poly.nstd_monomer                   no 
_entity_poly.pdbx_seq_one_letter_code       
;GPNPTNILDIKQGPKEPFQSYVDRFYKSLRAEQTDPAVKNWMTQTLLVQNANPDCKLVLKGLGMNPTLEEMLTACQGVGG
PGQKARLM
;
_entity_poly.pdbx_seq_one_letter_code_can   
;GPNPTNILDIKQGPKEPFQSYVDRFYKSLRAEQTDPAVKNWMTQTLLVQNANPDCKLVLKGLGMNPTLEEMLTACQGVGG
PGQKARLM
;
_entity_poly.pdbx_strand_id                 A 
_entity_poly.pdbx_target_identifier         ? 
# 
loop_
_entity_poly_seq.entity_id 
_entity_poly_seq.num 
_entity_poly_seq.mon_id 
_entity_poly_seq.hetero 
1 1  GLY n 
1 2  PRO n 
1 3  ASN n 
1 4  PRO n 
1 5  THR n 
1 6  ASN n 
1 7  ILE n 
1 8  LEU n 
1 9  ASP n 
1 10 ILE n 
1 11 LYS n 
1 12 GLN n 
1 13 GLY n 
1 14 PRO n 
1 15 LYS n 
1 16 GLU n 
1 17 PRO n 
1 18 PHE n 
1 19 GLN n 
1 20 SER n 
1 21 TYR n 
1 22 VAL n 
1 23 ASP n 
1 24 ARG n 
1 25 PHE n 
1 26 TYR n 
1 27 LYS n 
1 28 SER n 
1 29 LEU n 
1 30 ARG n 
1 31 ALA n 
1 32 GLU n 
1 33 GLN n 
1 34 THR n 
1 35 ASP n 
1 36 PRO n 
1 37 ALA n 
1 38 VAL n 
1 39 LYS n 
1 40 ASN n 
1 41 TRP n 
1 42 MET n 
1 43 THR n 
1 44 GLN n 
1 45 THR n 
1 46 LEU n 
1 47 LEU n 
1 48 VAL n 
1 49 GLN n 
1 50 ASN n 
1 51 ALA n 
1 52 ASN n 
1 53 PRO n 
1 54 ASP n 
1 55 CYS n 
1 56 LYS n 
1 57 LEU n 
1 58 VAL n 
1 59 LEU n 
1 60 LYS n 
1 61 GLY n 
1 62 LEU n 
1 63 GLY n 
1 64 MET n 
1 65 ASN n 
1 66 PRO n 
1 67 THR n 
1 68 LEU n 
1 69 GLU n 
1 70 GLU n 
1 71 MET n 
1 72 LEU n 
1 73 THR n 
1 74 ALA n 
1 75 CYS n 
1 76 GLN n 
1 77 GLY n 
1 78 VAL n 
1 79 GLY n 
1 80 GLY n 
1 81 PRO n 
1 82 GLY n 
1 83 GLN n 
1 84 LYS n 
1 85 ALA n 
1 86 ARG n 
1 87 LEU n 
1 88 MET n 
# 
_entity_src_gen.entity_id                          1 
_entity_src_gen.pdbx_src_id                        1 
_entity_src_gen.pdbx_alt_source_flag               sample 
_entity_src_gen.pdbx_seq_type                      'Biological sequence' 
_entity_src_gen.pdbx_beg_seq_num                   1 
_entity_src_gen.pdbx_end_seq_num                   88 
_entity_src_gen.gene_src_common_name               ? 
_entity_src_gen.gene_src_genus                     ? 
_entity_src_gen.pdbx_gene_src_gene                 gag 
_entity_src_gen.gene_src_species                   ? 
_entity_src_gen.gene_src_strain                    ? 
_entity_src_gen.gene_src_tissue                    ? 
_entity_src_gen.gene_src_tissue_fraction           ? 
_entity_src_gen.gene_src_details                   ? 
_entity_src_gen.pdbx_gene_src_fragment             ? 
_entity_src_gen.pdbx_gene_src_scientific_name      'Human immunodeficiency virus type 2 (ISOLATE ROD)' 
_entity_src_gen.pdbx_gene_src_ncbi_taxonomy_id     11720 
_entity_src_gen.pdbx_gene_src_variant              ? 
_entity_src_gen.pdbx_gene_src_cell_line            ? 
_entity_src_gen.pdbx_gene_src_atcc                 ? 
_entity_src_gen.pdbx_gene_src_organ                ? 
_entity_src_gen.pdbx_gene_src_organelle            ? 
_entity_src_gen.pdbx_gene_src_cell                 ? 
_entity_src_gen.pdbx_gene_src_cellular_location    ? 
_entity_src_gen.host_org_common_name               ? 
_entity_src_gen.pdbx_host_org_scientific_name      'Escherichia coli' 
_entity_src_gen.pdbx_host_org_ncbi_taxonomy_id     562 
_entity_src_gen.host_org_genus                     ? 
_entity_src_gen.pdbx_host_org_gene                 ? 
_entity_src_gen.pdbx_host_org_organ                ? 
_entity_src_gen.host_org_species                   ? 
_entity_src_gen.pdbx_host_org_tissue               ? 
_entity_src_gen.pdbx_host_org_tissue_fraction      ? 
_entity_src_gen.pdbx_host_org_strain               ? 
_entity_src_gen.pdbx_host_org_variant              ? 
_entity_src_gen.pdbx_host_org_cell_line            ? 
_entity_src_gen.pdbx_host_org_atcc                 ? 
_entity_src_gen.pdbx_host_org_culture_collection   ? 
_entity_src_gen.pdbx_host_org_cell                 ? 
_entity_src_gen.pdbx_host_org_organelle            ? 
_entity_src_gen.pdbx_host_org_cellular_location    ? 
_entity_src_gen.pdbx_host_org_vector_type          ? 
_entity_src_gen.pdbx_host_org_vector               ? 
_entity_src_gen.host_org_details                   ? 
_entity_src_gen.expression_system_id               ? 
_entity_src_gen.plasmid_name                       ? 
_entity_src_gen.plasmid_details                    ? 
_entity_src_gen.pdbx_description                   ? 
# 
_struct_ref.id                         1 
_struct_ref.db_name                    UNP 
_struct_ref.db_code                    A0A7D6CKX3_9HIV2 
_struct_ref.pdbx_db_accession          A0A7D6CKX3 
_struct_ref.pdbx_db_isoform            ? 
_struct_ref.entity_id                  1 
_struct_ref.pdbx_seq_one_letter_code   
;NPTNILDIKQGPKEPFQSYVDRFYKSLRAEQTDPAVKNWMTQTLLVQNANPDCKLVLKGLGMNPTLEEMLTACQGVGGPG
QKARLM
;
_struct_ref.pdbx_align_begin           280 
# 
_struct_ref_seq.align_id                      1 
_struct_ref_seq.ref_id                        1 
_struct_ref_seq.pdbx_PDB_id_code              7TV2 
_struct_ref_seq.pdbx_strand_id                A 
_struct_ref_seq.seq_align_beg                 3 
_struct_ref_seq.pdbx_seq_align_beg_ins_code   ? 
_struct_ref_seq.seq_align_end                 88 
_struct_ref_seq.pdbx_seq_align_end_ins_code   ? 
_struct_ref_seq.pdbx_db_accession             A0A7D6CKX3 
_struct_ref_seq.db_align_beg                  280 
_struct_ref_seq.pdbx_db_align_beg_ins_code    ? 
_struct_ref_seq.db_align_end                  365 
_struct_ref_seq.pdbx_db_align_end_ins_code    ? 
_struct_ref_seq.pdbx_auth_seq_align_beg       280 
_struct_ref_seq.pdbx_auth_seq_align_end       365 
# 
loop_
_struct_ref_seq_dif.align_id 
_struct_ref_seq_dif.pdbx_pdb_id_code 
_struct_ref_seq_dif.mon_id 
_struct_ref_seq_dif.pdbx_pdb_strand_id 
_struct_ref_seq_dif.seq_num 
_struct_ref_seq_dif.pdbx_pdb_ins_code 
_struct_ref_seq_dif.pdbx_seq_db_name 
_struct_ref_seq_dif.pdbx_seq_db_accession_code 
_struct_ref_seq_dif.db_mon_id 
_struct_ref_seq_dif.pdbx_seq_db_seq_num 
_struct_ref_seq_dif.details 
_struct_ref_seq_dif.pdbx_auth_seq_num 
_struct_ref_seq_dif.pdbx_ordinal 
1 7TV2 GLY A 1 ? UNP A0A7D6CKX3 ? ? 'expression tag' 278 1 
1 7TV2 PRO A 2 ? UNP A0A7D6CKX3 ? ? 'expression tag' 279 2 
# 
loop_
_chem_comp.id 
_chem_comp.type 
_chem_comp.mon_nstd_flag 
_chem_comp.name 
_chem_comp.pdbx_synonyms 
_chem_comp.formula 
_chem_comp.formula_weight 
ALA 'L-peptide linking' y ALANINE         ? 'C3 H7 N O2'     89.093  
ARG 'L-peptide linking' y ARGININE        ? 'C6 H15 N4 O2 1' 175.209 
ASN 'L-peptide linking' y ASPARAGINE      ? 'C4 H8 N2 O3'    132.118 
ASP 'L-peptide linking' y 'ASPARTIC ACID' ? 'C4 H7 N O4'     133.103 
CYS 'L-peptide linking' y CYSTEINE        ? 'C3 H7 N O2 S'   121.158 
GLN 'L-peptide linking' y GLUTAMINE       ? 'C5 H10 N2 O3'   146.144 
GLU 'L-peptide linking' y 'GLUTAMIC ACID' ? 'C5 H9 N O4'     147.129 
GLY 'peptide linking'   y GLYCINE         ? 'C2 H5 N O2'     75.067  
HOH non-polymer         . WATER           ? 'H2 O'           18.015  
ILE 'L-peptide linking' y ISOLEUCINE      ? 'C6 H13 N O2'    131.173 
LEU 'L-peptide linking' y LEUCINE         ? 'C6 H13 N O2'    131.173 
LYS 'L-peptide linking' y LYSINE          ? 'C6 H15 N2 O2 1' 147.195 
MET 'L-peptide linking' y METHIONINE      ? 'C5 H11 N O2 S'  149.211 
PHE 'L-peptide linking' y PHENYLALANINE   ? 'C9 H11 N O2'    165.189 
PRO 'L-peptide linking' y PROLINE         ? 'C5 H9 N O2'     115.130 
SER 'L-peptide linking' y SERINE          ? 'C3 H7 N O3'     105.093 
THR 'L-peptide linking' y THREONINE       ? 'C4 H9 N O3'     119.119 
TRP 'L-peptide linking' y TRYPTOPHAN      ? 'C11 H12 N2 O2'  204.225 
TYR 'L-peptide linking' y TYROSINE        ? 'C9 H11 N O3'    181.189 
VAL 'L-peptide linking' y VALINE          ? 'C5 H11 N O2'    117.146 
# 
_exptl.absorpt_coefficient_mu     ? 
_exptl.absorpt_correction_T_max   ? 
_exptl.absorpt_correction_T_min   ? 
_exptl.absorpt_correction_type    ? 
_exptl.absorpt_process_details    ? 
_exptl.entry_id                   7TV2 
_exptl.crystals_number            1 
_exptl.details                    ? 
_exptl.method                     'X-RAY DIFFRACTION' 
_exptl.method_details             ? 
# 
_exptl_crystal.colour                      ? 
_exptl_crystal.density_diffrn              ? 
_exptl_crystal.density_Matthews            1.81 
_exptl_crystal.density_method              ? 
_exptl_crystal.density_percent_sol         31.89 
_exptl_crystal.description                 ? 
_exptl_crystal.F_000                       ? 
_exptl_crystal.id                          1 
_exptl_crystal.preparation                 ? 
_exptl_crystal.size_max                    ? 
_exptl_crystal.size_mid                    ? 
_exptl_crystal.size_min                    ? 
_exptl_crystal.size_rad                    ? 
_exptl_crystal.colour_lustre               ? 
_exptl_crystal.colour_modifier             ? 
_exptl_crystal.colour_primary              ? 
_exptl_crystal.density_meas                ? 
_exptl_crystal.density_meas_esd            ? 
_exptl_crystal.density_meas_gt             ? 
_exptl_crystal.density_meas_lt             ? 
_exptl_crystal.density_meas_temp           ? 
_exptl_crystal.density_meas_temp_esd       ? 
_exptl_crystal.density_meas_temp_gt        ? 
_exptl_crystal.density_meas_temp_lt        ? 
_exptl_crystal.pdbx_crystal_image_url      ? 
_exptl_crystal.pdbx_crystal_image_format   ? 
_exptl_crystal.pdbx_mosaicity              ? 
_exptl_crystal.pdbx_mosaicity_esd          ? 
# 
_exptl_crystal_grow.apparatus       ? 
_exptl_crystal_grow.atmosphere      ? 
_exptl_crystal_grow.crystal_id      1 
_exptl_crystal_grow.details         ? 
_exptl_crystal_grow.method          'VAPOR DIFFUSION, SITTING DROP' 
_exptl_crystal_grow.method_ref      ? 
_exptl_crystal_grow.pH              ? 
_exptl_crystal_grow.pressure        ? 
_exptl_crystal_grow.pressure_esd    ? 
_exptl_crystal_grow.seeding         ? 
_exptl_crystal_grow.seeding_ref     ? 
_exptl_crystal_grow.temp            293 
_exptl_crystal_grow.temp_details    ? 
_exptl_crystal_grow.temp_esd        ? 
_exptl_crystal_grow.time            ? 
_exptl_crystal_grow.pdbx_details    '1.2 M tri-sodium citrate, 0.1M Bis-Tris propane, pH 7.0' 
_exptl_crystal_grow.pdbx_pH_range   ? 
# 
_diffrn.ambient_environment              ? 
_diffrn.ambient_temp                     100 
_diffrn.ambient_temp_details             ? 
_diffrn.ambient_temp_esd                 ? 
_diffrn.crystal_id                       1 
_diffrn.crystal_support                  ? 
_diffrn.crystal_treatment                ? 
_diffrn.details                          ? 
_diffrn.id                               1 
_diffrn.ambient_pressure                 ? 
_diffrn.ambient_pressure_esd             ? 
_diffrn.ambient_pressure_gt              ? 
_diffrn.ambient_pressure_lt              ? 
_diffrn.ambient_temp_gt                  ? 
_diffrn.ambient_temp_lt                  ? 
_diffrn.pdbx_serial_crystal_experiment   N 
# 
_diffrn_detector.details                      ? 
_diffrn_detector.detector                     PIXEL 
_diffrn_detector.diffrn_id                    1 
_diffrn_detector.type                         'DECTRIS EIGER2 S 16M' 
_diffrn_detector.area_resol_mean              ? 
_diffrn_detector.dtime                        ? 
_diffrn_detector.pdbx_frames_total            ? 
_diffrn_detector.pdbx_collection_time_total   ? 
_diffrn_detector.pdbx_collection_date         2019-03-27 
_diffrn_detector.pdbx_frequency               ? 
# 
_diffrn_radiation.collimation                      ? 
_diffrn_radiation.diffrn_id                        1 
_diffrn_radiation.filter_edge                      ? 
_diffrn_radiation.inhomogeneity                    ? 
_diffrn_radiation.monochromator                    ? 
_diffrn_radiation.polarisn_norm                    ? 
_diffrn_radiation.polarisn_ratio                   ? 
_diffrn_radiation.probe                            ? 
_diffrn_radiation.type                             ? 
_diffrn_radiation.xray_symbol                      ? 
_diffrn_radiation.wavelength_id                    1 
_diffrn_radiation.pdbx_monochromatic_or_laue_m_l   M 
_diffrn_radiation.pdbx_wavelength_list             ? 
_diffrn_radiation.pdbx_wavelength                  ? 
_diffrn_radiation.pdbx_diffrn_protocol             'SINGLE WAVELENGTH' 
_diffrn_radiation.pdbx_analyzer                    ? 
_diffrn_radiation.pdbx_scattering_type             x-ray 
# 
_diffrn_radiation_wavelength.id           1 
_diffrn_radiation_wavelength.wavelength   0.979 
_diffrn_radiation_wavelength.wt           1.0 
# 
_diffrn_source.current                     ? 
_diffrn_source.details                     ? 
_diffrn_source.diffrn_id                   1 
_diffrn_source.power                       ? 
_diffrn_source.size                        ? 
_diffrn_source.source                      SYNCHROTRON 
_diffrn_source.target                      ? 
_diffrn_source.type                        'APS BEAMLINE 24-ID-E' 
_diffrn_source.voltage                     ? 
_diffrn_source.take-off_angle              ? 
_diffrn_source.pdbx_wavelength_list        0.979 
_diffrn_source.pdbx_wavelength             ? 
_diffrn_source.pdbx_synchrotron_beamline   24-ID-E 
_diffrn_source.pdbx_synchrotron_site       APS 
# 
_reflns.B_iso_Wilson_estimate                          35.280 
_reflns.entry_id                                       7TV2 
_reflns.data_reduction_details                         ? 
_reflns.data_reduction_method                          ? 
_reflns.d_resolution_high                              1.980 
_reflns.d_resolution_low                               26.120 
_reflns.details                                        ? 
_reflns.limit_h_max                                    ? 
_reflns.limit_h_min                                    ? 
_reflns.limit_k_max                                    ? 
_reflns.limit_k_min                                    ? 
_reflns.limit_l_max                                    ? 
_reflns.limit_l_min                                    ? 
_reflns.number_all                                     ? 
_reflns.number_obs                                     4761 
_reflns.observed_criterion                             ? 
_reflns.observed_criterion_F_max                       ? 
_reflns.observed_criterion_F_min                       ? 
_reflns.observed_criterion_I_max                       ? 
_reflns.observed_criterion_I_min                       ? 
_reflns.observed_criterion_sigma_F                     ? 
_reflns.observed_criterion_sigma_I                     ? 
_reflns.percent_possible_obs                           96.300 
_reflns.R_free_details                                 ? 
_reflns.Rmerge_F_all                                   ? 
_reflns.Rmerge_F_obs                                   ? 
_reflns.Friedel_coverage                               ? 
_reflns.number_gt                                      ? 
_reflns.threshold_expression                           ? 
_reflns.pdbx_redundancy                                2.700 
_reflns.pdbx_Rmerge_I_obs                              0.058 
_reflns.pdbx_Rmerge_I_all                              ? 
_reflns.pdbx_Rsym_value                                ? 
_reflns.pdbx_netI_over_av_sigmaI                       ? 
_reflns.pdbx_netI_over_sigmaI                          11.100 
_reflns.pdbx_res_netI_over_av_sigmaI_2                 ? 
_reflns.pdbx_res_netI_over_sigmaI_2                    ? 
_reflns.pdbx_chi_squared                               ? 
_reflns.pdbx_scaling_rejects                           ? 
_reflns.pdbx_d_res_high_opt                            ? 
_reflns.pdbx_d_res_low_opt                             ? 
_reflns.pdbx_d_res_opt_method                          ? 
_reflns.phase_calculation_details                      ? 
_reflns.pdbx_Rrim_I_all                                0.072 
_reflns.pdbx_Rpim_I_all                                0.041 
_reflns.pdbx_d_opt                                     ? 
_reflns.pdbx_number_measured_all                       12687 
_reflns.pdbx_diffrn_id                                 1 
_reflns.pdbx_ordinal                                   1 
_reflns.pdbx_CC_half                                   0.997 
_reflns.pdbx_CC_star                                   ? 
_reflns.pdbx_R_split                                   ? 
_reflns.pdbx_aniso_diffraction_limit_axis_1_ortho[1]   ? 
_reflns.pdbx_aniso_diffraction_limit_axis_1_ortho[2]   ? 
_reflns.pdbx_aniso_diffraction_limit_axis_1_ortho[3]   ? 
_reflns.pdbx_aniso_diffraction_limit_axis_2_ortho[1]   ? 
_reflns.pdbx_aniso_diffraction_limit_axis_2_ortho[2]   ? 
_reflns.pdbx_aniso_diffraction_limit_axis_2_ortho[3]   ? 
_reflns.pdbx_aniso_diffraction_limit_axis_3_ortho[1]   ? 
_reflns.pdbx_aniso_diffraction_limit_axis_3_ortho[2]   ? 
_reflns.pdbx_aniso_diffraction_limit_axis_3_ortho[3]   ? 
_reflns.pdbx_aniso_diffraction_limit_1                 ? 
_reflns.pdbx_aniso_diffraction_limit_2                 ? 
_reflns.pdbx_aniso_diffraction_limit_3                 ? 
_reflns.pdbx_aniso_B_tensor_eigenvector_1_ortho[1]     ? 
_reflns.pdbx_aniso_B_tensor_eigenvector_1_ortho[2]     ? 
_reflns.pdbx_aniso_B_tensor_eigenvector_1_ortho[3]     ? 
_reflns.pdbx_aniso_B_tensor_eigenvector_2_ortho[1]     ? 
_reflns.pdbx_aniso_B_tensor_eigenvector_2_ortho[2]     ? 
_reflns.pdbx_aniso_B_tensor_eigenvector_2_ortho[3]     ? 
_reflns.pdbx_aniso_B_tensor_eigenvector_3_ortho[1]     ? 
_reflns.pdbx_aniso_B_tensor_eigenvector_3_ortho[2]     ? 
_reflns.pdbx_aniso_B_tensor_eigenvector_3_ortho[3]     ? 
_reflns.pdbx_aniso_B_tensor_eigenvalue_1               ? 
_reflns.pdbx_aniso_B_tensor_eigenvalue_2               ? 
_reflns.pdbx_aniso_B_tensor_eigenvalue_3               ? 
_reflns.pdbx_orthogonalization_convention              ? 
_reflns.pdbx_percent_possible_ellipsoidal              ? 
_reflns.pdbx_percent_possible_spherical                ? 
_reflns.pdbx_percent_possible_ellipsoidal_anomalous    ? 
_reflns.pdbx_percent_possible_spherical_anomalous      ? 
_reflns.pdbx_redundancy_anomalous                      ? 
_reflns.pdbx_CC_half_anomalous                         ? 
_reflns.pdbx_absDiff_over_sigma_anomalous              ? 
_reflns.pdbx_percent_possible_anomalous                ? 
_reflns.pdbx_observed_signal_threshold                 ? 
_reflns.pdbx_signal_type                               ? 
_reflns.pdbx_signal_details                            ? 
_reflns.pdbx_signal_software_id                        ? 
# 
loop_
_reflns_shell.d_res_high 
_reflns_shell.d_res_low 
_reflns_shell.meanI_over_sigI_all 
_reflns_shell.meanI_over_sigI_obs 
_reflns_shell.number_measured_all 
_reflns_shell.number_measured_obs 
_reflns_shell.number_possible 
_reflns_shell.number_unique_all 
_reflns_shell.number_unique_obs 
_reflns_shell.percent_possible_all 
_reflns_shell.percent_possible_obs 
_reflns_shell.Rmerge_F_all 
_reflns_shell.Rmerge_F_obs 
_reflns_shell.Rmerge_I_all 
_reflns_shell.Rmerge_I_obs 
_reflns_shell.meanI_over_sigI_gt 
_reflns_shell.meanI_over_uI_all 
_reflns_shell.meanI_over_uI_gt 
_reflns_shell.number_measured_gt 
_reflns_shell.number_unique_gt 
_reflns_shell.percent_possible_gt 
_reflns_shell.Rmerge_F_gt 
_reflns_shell.Rmerge_I_gt 
_reflns_shell.pdbx_redundancy 
_reflns_shell.pdbx_Rsym_value 
_reflns_shell.pdbx_chi_squared 
_reflns_shell.pdbx_netI_over_sigmaI_all 
_reflns_shell.pdbx_netI_over_sigmaI_obs 
_reflns_shell.pdbx_Rrim_I_all 
_reflns_shell.pdbx_Rpim_I_all 
_reflns_shell.pdbx_rejects 
_reflns_shell.pdbx_ordinal 
_reflns_shell.pdbx_diffrn_id 
_reflns_shell.pdbx_CC_half 
_reflns_shell.pdbx_CC_star 
_reflns_shell.pdbx_R_split 
_reflns_shell.pdbx_percent_possible_ellipsoidal 
_reflns_shell.pdbx_percent_possible_spherical 
_reflns_shell.pdbx_percent_possible_ellipsoidal_anomalous 
_reflns_shell.pdbx_percent_possible_spherical_anomalous 
_reflns_shell.pdbx_redundancy_anomalous 
_reflns_shell.pdbx_CC_half_anomalous 
_reflns_shell.pdbx_absDiff_over_sigma_anomalous 
_reflns_shell.pdbx_percent_possible_anomalous 
1.980 2.030  ? ? 908 ? ? ? 348 96.400 ? ? ? ? 0.257 ? ? ? ? ? ? ? ? 2.600 ? ? ? 3.100  0.318 0.184 ? 1 1 0.962 ? ? ? ? ? ? ? ? ? ? 
9.070 26.120 ? ? 146 ? ? ? 54  90.100 ? ? ? ? 0.030 ? ? ? ? ? ? ? ? 2.700 ? ? ? 21.500 0.037 0.022 ? 2 1 0.999 ? ? ? ? ? ? ? ? ? ? 
# 
_refine.aniso_B[1][1]                            ? 
_refine.aniso_B[1][2]                            ? 
_refine.aniso_B[1][3]                            ? 
_refine.aniso_B[2][2]                            ? 
_refine.aniso_B[2][3]                            ? 
_refine.aniso_B[3][3]                            ? 
_refine.B_iso_max                                110.070 
_refine.B_iso_mean                               51.1976 
_refine.B_iso_min                                24.220 
_refine.correlation_coeff_Fo_to_Fc               ? 
_refine.correlation_coeff_Fo_to_Fc_free          ? 
_refine.details                                  ? 
_refine.diff_density_max                         ? 
_refine.diff_density_max_esd                     ? 
_refine.diff_density_min                         ? 
_refine.diff_density_min_esd                     ? 
_refine.diff_density_rms                         ? 
_refine.diff_density_rms_esd                     ? 
_refine.entry_id                                 7TV2 
_refine.pdbx_refine_id                           'X-RAY DIFFRACTION' 
_refine.ls_abs_structure_details                 ? 
_refine.ls_abs_structure_Flack                   ? 
_refine.ls_abs_structure_Flack_esd               ? 
_refine.ls_abs_structure_Rogers                  ? 
_refine.ls_abs_structure_Rogers_esd              ? 
_refine.ls_d_res_high                            1.9800 
_refine.ls_d_res_low                             24.4100 
_refine.ls_extinction_coef                       ? 
_refine.ls_extinction_coef_esd                   ? 
_refine.ls_extinction_expression                 ? 
_refine.ls_extinction_method                     ? 
_refine.ls_goodness_of_fit_all                   ? 
_refine.ls_goodness_of_fit_all_esd               ? 
_refine.ls_goodness_of_fit_obs                   ? 
_refine.ls_goodness_of_fit_obs_esd               ? 
_refine.ls_hydrogen_treatment                    ? 
_refine.ls_matrix_type                           ? 
_refine.ls_number_constraints                    ? 
_refine.ls_number_parameters                     ? 
_refine.ls_number_reflns_all                     ? 
_refine.ls_number_reflns_obs                     4750 
_refine.ls_number_reflns_R_free                  237 
_refine.ls_number_reflns_R_work                  4513 
_refine.ls_number_restraints                     ? 
_refine.ls_percent_reflns_obs                    95.4800 
_refine.ls_percent_reflns_R_free                 4.9900 
_refine.ls_R_factor_all                          ? 
_refine.ls_R_factor_obs                          0.2056 
_refine.ls_R_factor_R_free                       0.2461 
_refine.ls_R_factor_R_free_error                 ? 
_refine.ls_R_factor_R_free_error_details         ? 
_refine.ls_R_factor_R_work                       0.2035 
_refine.ls_R_Fsqd_factor_obs                     ? 
_refine.ls_R_I_factor_obs                        ? 
_refine.ls_redundancy_reflns_all                 ? 
_refine.ls_redundancy_reflns_obs                 ? 
_refine.ls_restrained_S_all                      ? 
_refine.ls_restrained_S_obs                      ? 
_refine.ls_shift_over_esd_max                    ? 
_refine.ls_shift_over_esd_mean                   ? 
_refine.ls_structure_factor_coef                 ? 
_refine.ls_weighting_details                     ? 
_refine.ls_weighting_scheme                      ? 
_refine.ls_wR_factor_all                         ? 
_refine.ls_wR_factor_obs                         ? 
_refine.ls_wR_factor_R_free                      ? 
_refine.ls_wR_factor_R_work                      ? 
_refine.occupancy_max                            ? 
_refine.occupancy_min                            ? 
_refine.solvent_model_details                    'FLAT BULK SOLVENT MODEL' 
_refine.solvent_model_param_bsol                 ? 
_refine.solvent_model_param_ksol                 ? 
_refine.pdbx_R_complete                          ? 
_refine.ls_R_factor_gt                           ? 
_refine.ls_goodness_of_fit_gt                    ? 
_refine.ls_goodness_of_fit_ref                   ? 
_refine.ls_shift_over_su_max                     ? 
_refine.ls_shift_over_su_max_lt                  ? 
_refine.ls_shift_over_su_mean                    ? 
_refine.ls_shift_over_su_mean_lt                 ? 
_refine.pdbx_ls_sigma_I                          ? 
_refine.pdbx_ls_sigma_F                          1.400 
_refine.pdbx_ls_sigma_Fsqd                       ? 
_refine.pdbx_data_cutoff_high_absF               ? 
_refine.pdbx_data_cutoff_high_rms_absF           ? 
_refine.pdbx_data_cutoff_low_absF                ? 
_refine.pdbx_isotropic_thermal_model             ? 
_refine.pdbx_ls_cross_valid_method               THROUGHOUT 
_refine.pdbx_method_to_determine_struct          'MOLECULAR REPLACEMENT' 
_refine.pdbx_starting_model                      6AXX 
_refine.pdbx_stereochemistry_target_values       ML 
_refine.pdbx_R_Free_selection_details            ? 
_refine.pdbx_stereochem_target_val_spec_case     ? 
_refine.pdbx_overall_ESU_R                       ? 
_refine.pdbx_overall_ESU_R_Free                  ? 
_refine.pdbx_solvent_vdw_probe_radii             1.1100 
_refine.pdbx_solvent_ion_probe_radii             ? 
_refine.pdbx_solvent_shrinkage_radii             0.9000 
_refine.pdbx_real_space_R                        ? 
_refine.pdbx_density_correlation                 ? 
_refine.pdbx_pd_number_of_powder_patterns        ? 
_refine.pdbx_pd_number_of_points                 ? 
_refine.pdbx_pd_meas_number_of_points            ? 
_refine.pdbx_pd_proc_ls_prof_R_factor            ? 
_refine.pdbx_pd_proc_ls_prof_wR_factor           ? 
_refine.pdbx_pd_Marquardt_correlation_coeff      ? 
_refine.pdbx_pd_Fsqrd_R_factor                   ? 
_refine.pdbx_pd_ls_matrix_band_width             ? 
_refine.pdbx_overall_phase_error                 22.7500 
_refine.pdbx_overall_SU_R_free_Cruickshank_DPI   ? 
_refine.pdbx_overall_SU_R_free_Blow_DPI          ? 
_refine.pdbx_overall_SU_R_Blow_DPI               ? 
_refine.pdbx_TLS_residual_ADP_flag               ? 
_refine.pdbx_diffrn_id                           1 
_refine.overall_SU_B                             ? 
_refine.overall_SU_ML                            0.2400 
_refine.overall_SU_R_Cruickshank_DPI             ? 
_refine.overall_SU_R_free                        ? 
_refine.overall_FOM_free_R_set                   ? 
_refine.overall_FOM_work_R_set                   ? 
_refine.pdbx_average_fsc_overall                 ? 
_refine.pdbx_average_fsc_work                    ? 
_refine.pdbx_average_fsc_free                    ? 
# 
_refine_hist.pdbx_refine_id                   'X-RAY DIFFRACTION' 
_refine_hist.cycle_id                         final 
_refine_hist.details                          ? 
_refine_hist.d_res_high                       1.9800 
_refine_hist.d_res_low                        24.4100 
_refine_hist.number_atoms_solvent             25 
_refine_hist.number_atoms_total               677 
_refine_hist.number_reflns_all                ? 
_refine_hist.number_reflns_obs                ? 
_refine_hist.number_reflns_R_free             ? 
_refine_hist.number_reflns_R_work             ? 
_refine_hist.R_factor_all                     ? 
_refine_hist.R_factor_obs                     ? 
_refine_hist.R_factor_R_free                  ? 
_refine_hist.R_factor_R_work                  ? 
_refine_hist.pdbx_number_residues_total       84 
_refine_hist.pdbx_B_iso_mean_ligand           ? 
_refine_hist.pdbx_B_iso_mean_solvent          46.63 
_refine_hist.pdbx_number_atoms_protein        652 
_refine_hist.pdbx_number_atoms_nucleic_acid   0 
_refine_hist.pdbx_number_atoms_ligand         0 
_refine_hist.pdbx_number_atoms_lipid          ? 
_refine_hist.pdbx_number_atoms_carb           ? 
_refine_hist.pdbx_pseudo_atom_details         ? 
# 
loop_
_refine_ls_shell.pdbx_refine_id 
_refine_ls_shell.d_res_high 
_refine_ls_shell.d_res_low 
_refine_ls_shell.number_reflns_all 
_refine_ls_shell.number_reflns_obs 
_refine_ls_shell.number_reflns_R_free 
_refine_ls_shell.number_reflns_R_work 
_refine_ls_shell.percent_reflns_obs 
_refine_ls_shell.percent_reflns_R_free 
_refine_ls_shell.R_factor_all 
_refine_ls_shell.R_factor_obs 
_refine_ls_shell.R_factor_R_free 
_refine_ls_shell.R_factor_R_free_error 
_refine_ls_shell.R_factor_R_work 
_refine_ls_shell.redundancy_reflns_all 
_refine_ls_shell.redundancy_reflns_obs 
_refine_ls_shell.wR_factor_all 
_refine_ls_shell.wR_factor_obs 
_refine_ls_shell.wR_factor_R_free 
_refine_ls_shell.wR_factor_R_work 
_refine_ls_shell.pdbx_R_complete 
_refine_ls_shell.pdbx_total_number_of_bins_used 
_refine_ls_shell.pdbx_phase_error 
_refine_ls_shell.pdbx_fsc_work 
_refine_ls_shell.pdbx_fsc_free 
'X-RAY DIFFRACTION' 1.9800 2.0500  485 . 27 458 96.0000 . . . 0.3189 0.0000 0.3073 . . . . . . . 10 . . . 
'X-RAY DIFFRACTION' 2.0500 2.1300  467 . 25 442 97.0000 . . . 0.3060 0.0000 0.2566 . . . . . . . 10 . . . 
'X-RAY DIFFRACTION' 2.1300 2.2300  479 . 18 461 96.0000 . . . 0.2740 0.0000 0.2702 . . . . . . . 10 . . . 
'X-RAY DIFFRACTION' 2.2300 2.3500  463 . 17 446 98.0000 . . . 0.2192 0.0000 0.2501 . . . . . . . 10 . . . 
'X-RAY DIFFRACTION' 2.3500 2.4900  484 . 20 464 97.0000 . . . 0.3650 0.0000 0.2422 . . . . . . . 10 . . . 
'X-RAY DIFFRACTION' 2.4900 2.6900  477 . 25 452 97.0000 . . . 0.3161 0.0000 0.2201 . . . . . . . 10 . . . 
'X-RAY DIFFRACTION' 2.6900 2.9600  474 . 29 445 96.0000 . . . 0.2787 0.0000 0.2273 . . . . . . . 10 . . . 
'X-RAY DIFFRACTION' 2.9600 3.3800  482 . 42 440 97.0000 . . . 0.2365 0.0000 0.2056 . . . . . . . 10 . . . 
'X-RAY DIFFRACTION' 3.3800 4.2500  461 . 23 438 91.0000 . . . 0.1955 0.0000 0.1816 . . . . . . . 10 . . . 
'X-RAY DIFFRACTION' 4.2600 24.4100 478 . 11 467 92.0000 . . . 0.2150 0.0000 0.1642 . . . . . . . 10 . . . 
# 
_struct.entry_id                     7TV2 
_struct.title                        'X-ray crystal structure of HIV-2 CA protein CTD' 
_struct.pdbx_model_details           ? 
_struct.pdbx_formula_weight          ? 
_struct.pdbx_formula_weight_method   ? 
_struct.pdbx_model_type_details      ? 
_struct.pdbx_CASP_flag               N 
# 
_struct_keywords.entry_id        7TV2 
_struct_keywords.text            'viral protein, STRUCTURAL PROTEIN' 
_struct_keywords.pdbx_keywords   'STRUCTURAL PROTEIN' 
# 
loop_
_struct_asym.id 
_struct_asym.pdbx_blank_PDB_chainid_flag 
_struct_asym.pdbx_modified 
_struct_asym.entity_id 
_struct_asym.details 
A N N 1 ? 
B N N 2 ? 
# 
loop_
_struct_conf.conf_type_id 
_struct_conf.id 
_struct_conf.pdbx_PDB_helix_id 
_struct_conf.beg_label_comp_id 
_struct_conf.beg_label_asym_id 
_struct_conf.beg_label_seq_id 
_struct_conf.pdbx_beg_PDB_ins_code 
_struct_conf.end_label_comp_id 
_struct_conf.end_label_asym_id 
_struct_conf.end_label_seq_id 
_struct_conf.pdbx_end_PDB_ins_code 
_struct_conf.beg_auth_comp_id 
_struct_conf.beg_auth_asym_id 
_struct_conf.beg_auth_seq_id 
_struct_conf.end_auth_comp_id 
_struct_conf.end_auth_asym_id 
_struct_conf.end_auth_seq_id 
_struct_conf.pdbx_PDB_helix_class 
_struct_conf.details 
_struct_conf.pdbx_PDB_helix_length 
HELX_P HELX_P1 AA1 THR A 5  ? ILE A 10 ? THR A 282 ILE A 287 5 ? 6  
HELX_P HELX_P2 AA2 PRO A 17 ? GLN A 33 ? PRO A 294 GLN A 310 1 ? 17 
HELX_P HELX_P3 AA3 ASP A 35 ? THR A 45 ? ASP A 312 THR A 322 1 ? 11 
HELX_P HELX_P4 AA4 THR A 45 ? ASN A 50 ? THR A 322 ASN A 327 1 ? 6  
HELX_P HELX_P5 AA5 ASN A 52 ? GLY A 61 ? ASN A 329 GLY A 338 1 ? 10 
HELX_P HELX_P6 AA6 THR A 67 ? GLN A 76 ? THR A 344 GLN A 353 1 ? 10 
HELX_P HELX_P7 AA7 GLY A 80 ? MET A 88 ? GLY A 357 MET A 365 5 ? 9  
# 
_struct_conf_type.id          HELX_P 
_struct_conf_type.criteria    ? 
_struct_conf_type.reference   ? 
# 
_atom_sites.entry_id                    7TV2 
_atom_sites.Cartn_transf_matrix[1][1]   ? 
_atom_sites.Cartn_transf_matrix[1][2]   ? 
_atom_sites.Cartn_transf_matrix[1][3]   ? 
_atom_sites.Cartn_transf_matrix[2][1]   ? 
_atom_sites.Cartn_transf_matrix[2][2]   ? 
_atom_sites.Cartn_transf_matrix[2][3]   ? 
_atom_sites.Cartn_transf_matrix[3][1]   ? 
_atom_sites.Cartn_transf_matrix[3][2]   ? 
_atom_sites.Cartn_transf_matrix[3][3]   ? 
_atom_sites.Cartn_transf_vector[1]      ? 
_atom_sites.Cartn_transf_vector[2]      ? 
_atom_sites.Cartn_transf_vector[3]      ? 
_atom_sites.fract_transf_matrix[1][1]   0.01382676 
_atom_sites.fract_transf_matrix[1][2]   0.00113788 
_atom_sites.fract_transf_matrix[1][3]   0.01507455 
_atom_sites.fract_transf_matrix[2][1]   -0.01848957 
_atom_sites.fract_transf_matrix[2][2]   -0.01911963 
_atom_sites.fract_transf_matrix[2][3]   0.01840231 
_atom_sites.fract_transf_matrix[3][1]   0.01017687 
_atom_sites.fract_transf_matrix[3][2]   -0.01729463 
_atom_sites.fract_transf_matrix[3][3]   -0.00774365 
_atom_sites.fract_transf_vector[1]      0.129997 
_atom_sites.fract_transf_vector[2]      -0.387024 
_atom_sites.fract_transf_vector[3]      0.738427 
_atom_sites.solution_primary            ? 
_atom_sites.solution_secondary          ? 
_atom_sites.solution_hydrogens          ? 
_atom_sites.special_details             ? 
# 
loop_
_atom_type.symbol 
C 
N 
O 
S 
# 
loop_
_atom_site.group_PDB 
_atom_site.id 
_atom_site.type_symbol 
_atom_site.label_atom_id 
_atom_site.label_alt_id 
_atom_site.label_comp_id 
_atom_site.label_asym_id 
_atom_site.label_entity_id 
_atom_site.label_seq_id 
_atom_site.pdbx_PDB_ins_code 
_atom_site.Cartn_x 
_atom_site.Cartn_y 
_atom_site.Cartn_z 
_atom_site.occupancy 
_atom_site.B_iso_or_equiv 
_atom_site.pdbx_formal_charge 
_atom_site.auth_seq_id 
_atom_site.auth_comp_id 
_atom_site.auth_asym_id 
_atom_site.auth_atom_id 
_atom_site.pdbx_PDB_model_num 
ATOM   1   N N   . THR A 1 5  ? 10.790  -12.587 -6.538  1.00 78.20  ? 282 THR A N   1 
ATOM   2   C CA  . THR A 1 5  ? 9.407   -12.844 -6.924  1.00 75.15  ? 282 THR A CA  1 
ATOM   3   C C   . THR A 1 5  ? 8.510   -12.922 -5.689  1.00 66.05  ? 282 THR A C   1 
ATOM   4   O O   . THR A 1 5  ? 7.289   -13.036 -5.811  1.00 62.50  ? 282 THR A O   1 
ATOM   5   C CB  . THR A 1 5  ? 9.281   -14.153 -7.721  1.00 81.80  ? 282 THR A CB  1 
ATOM   6   O OG1 . THR A 1 5  ? 9.604   -15.254 -6.867  1.00 87.41  ? 282 THR A OG1 1 
ATOM   7   C CG2 . THR A 1 5  ? 10.229  -14.157 -8.910  1.00 83.30  ? 282 THR A CG2 1 
ATOM   8   N N   . ASN A 1 6  ? 9.125   -12.862 -4.501  1.00 62.26  ? 283 ASN A N   1 
ATOM   9   C CA  . ASN A 1 6  ? 8.357   -12.883 -3.259  1.00 58.98  ? 283 ASN A CA  1 
ATOM   10  C C   . ASN A 1 6  ? 7.436   -11.679 -3.144  1.00 51.15  ? 283 ASN A C   1 
ATOM   11  O O   . ASN A 1 6  ? 6.445   -11.739 -2.407  1.00 50.80  ? 283 ASN A O   1 
ATOM   12  C CB  . ASN A 1 6  ? 9.286   -12.950 -2.041  1.00 67.17  ? 283 ASN A CB  1 
ATOM   13  C CG  . ASN A 1 6  ? 10.425  -11.951 -2.118  1.00 72.24  ? 283 ASN A CG  1 
ATOM   14  O OD1 . ASN A 1 6  ? 10.208  -10.740 -2.097  1.00 74.56  ? 283 ASN A OD1 1 
ATOM   15  N ND2 . ASN A 1 6  ? 11.649  -12.457 -2.203  1.00 80.84  ? 283 ASN A ND2 1 
ATOM   16  N N   . ILE A 1 7  ? 7.739   -10.597 -3.866  1.00 48.49  ? 284 ILE A N   1 
ATOM   17  C CA  . ILE A 1 7  ? 6.923   -9.390  -3.787  1.00 41.66  ? 284 ILE A CA  1 
ATOM   18  C C   . ILE A 1 7  ? 5.475   -9.684  -4.153  1.00 38.24  ? 284 ILE A C   1 
ATOM   19  O O   . ILE A 1 7  ? 4.551   -9.061  -3.615  1.00 42.33  ? 284 ILE A O   1 
ATOM   20  C CB  . ILE A 1 7  ? 7.539   -8.266  -4.648  1.00 41.33  ? 284 ILE A CB  1 
ATOM   21  C CG1 . ILE A 1 7  ? 6.793   -6.949  -4.431  1.00 43.57  ? 284 ILE A CG1 1 
ATOM   22  C CG2 . ILE A 1 7  ? 7.538   -8.648  -6.123  1.00 35.16  ? 284 ILE A CG2 1 
ATOM   23  C CD1 . ILE A 1 7  ? 6.905   -6.418  -3.026  1.00 45.26  ? 284 ILE A CD1 1 
ATOM   24  N N   . LEU A 1 8  ? 5.247   -10.652 -5.046  1.00 39.01  ? 285 LEU A N   1 
ATOM   25  C CA  . LEU A 1 8  ? 3.889   -11.015 -5.434  1.00 40.44  ? 285 LEU A CA  1 
ATOM   26  C C   . LEU A 1 8  ? 3.099   -11.637 -4.291  1.00 41.56  ? 285 LEU A C   1 
ATOM   27  O O   . LEU A 1 8  ? 1.864   -11.643 -4.343  1.00 39.34  ? 285 LEU A O   1 
ATOM   28  C CB  . LEU A 1 8  ? 3.920   -11.977 -6.623  1.00 45.94  ? 285 LEU A CB  1 
ATOM   29  C CG  . LEU A 1 8  ? 4.373   -11.411 -7.968  1.00 45.46  ? 285 LEU A CG  1 
ATOM   30  C CD1 . LEU A 1 8  ? 4.553   -12.535 -8.973  1.00 45.64  ? 285 LEU A CD1 1 
ATOM   31  C CD2 . LEU A 1 8  ? 3.370   -10.389 -8.481  1.00 45.30  ? 285 LEU A CD2 1 
ATOM   32  N N   . ASP A 1 9  ? 3.773   -12.160 -3.267  1.00 38.36  ? 286 ASP A N   1 
ATOM   33  C CA  . ASP A 1 9  ? 3.107   -12.779 -2.130  1.00 47.85  ? 286 ASP A CA  1 
ATOM   34  C C   . ASP A 1 9  ? 2.952   -11.844 -0.938  1.00 42.95  ? 286 ASP A C   1 
ATOM   35  O O   . ASP A 1 9  ? 2.258   -12.201 0.020   1.00 39.17  ? 286 ASP A O   1 
ATOM   36  C CB  . ASP A 1 9  ? 3.856   -14.044 -1.692  1.00 55.90  ? 286 ASP A CB  1 
ATOM   37  C CG  . ASP A 1 9  ? 3.867   -15.115 -2.762  1.00 64.54  ? 286 ASP A CG  1 
ATOM   38  O OD1 . ASP A 1 9  ? 2.884   -15.202 -3.529  1.00 67.08  ? 286 ASP A OD1 1 
ATOM   39  O OD2 . ASP A 1 9  ? 4.858   -15.872 -2.837  1.00 71.30  ? 286 ASP A OD2 1 
ATOM   40  N N   . ILE A 1 10 ? 3.580   -10.671 -0.966  1.00 34.06  ? 287 ILE A N   1 
ATOM   41  C CA  . ILE A 1 10 ? 3.452   -9.705  0.122   1.00 40.25  ? 287 ILE A CA  1 
ATOM   42  C C   . ILE A 1 10 ? 2.028   -9.161  0.102   1.00 42.11  ? 287 ILE A C   1 
ATOM   43  O O   . ILE A 1 10 ? 1.656   -8.413  -0.805  1.00 47.16  ? 287 ILE A O   1 
ATOM   44  C CB  . ILE A 1 10 ? 4.476   -8.573  -0.009  1.00 40.17  ? 287 ILE A CB  1 
ATOM   45  C CG1 . ILE A 1 10 ? 5.896   -9.132  -0.057  1.00 41.73  ? 287 ILE A CG1 1 
ATOM   46  C CG2 . ILE A 1 10 ? 4.324   -7.587  1.142   1.00 37.43  ? 287 ILE A CG2 1 
ATOM   47  C CD1 . ILE A 1 10 ? 6.314   -9.817  1.210   1.00 40.91  ? 287 ILE A CD1 1 
ATOM   48  N N   . LYS A 1 11 ? 1.230   -9.525  1.102   1.00 44.05  ? 288 LYS A N   1 
ATOM   49  C CA  . LYS A 1 11 ? -0.154  -9.083  1.184   1.00 39.68  ? 288 LYS A CA  1 
ATOM   50  C C   . LYS A 1 11 ? -0.426  -8.485  2.556   1.00 39.62  ? 288 LYS A C   1 
ATOM   51  O O   . LYS A 1 11 ? 0.060   -8.990  3.574   1.00 32.35  ? 288 LYS A O   1 
ATOM   52  C CB  . LYS A 1 11 ? -1.126  -10.235 0.893   1.00 50.28  ? 288 LYS A CB  1 
ATOM   53  C CG  . LYS A 1 11 ? -1.058  -10.726 -0.547  1.00 49.09  ? 288 LYS A CG  1 
ATOM   54  C CD  . LYS A 1 11 ? -1.980  -11.907 -0.797  1.00 53.55  ? 288 LYS A CD  1 
ATOM   55  C CE  . LYS A 1 11 ? -1.859  -12.392 -2.234  1.00 57.74  ? 288 LYS A CE  1 
ATOM   56  N NZ  . LYS A 1 11 ? -2.710  -13.584 -2.502  1.00 65.76  ? 288 LYS A NZ  1 
ATOM   57  N N   . GLN A 1 12 ? -1.200  -7.404  2.573   1.00 37.56  ? 289 GLN A N   1 
ATOM   58  C CA  . GLN A 1 12 ? -1.520  -6.727  3.821   1.00 38.86  ? 289 GLN A CA  1 
ATOM   59  C C   . GLN A 1 12 ? -2.467  -7.578  4.656   1.00 33.09  ? 289 GLN A C   1 
ATOM   60  O O   . GLN A 1 12 ? -3.417  -8.171  4.139   1.00 40.25  ? 289 GLN A O   1 
ATOM   61  C CB  . GLN A 1 12 ? -2.173  -5.376  3.526   1.00 37.02  ? 289 GLN A CB  1 
ATOM   62  C CG  . GLN A 1 12 ? -2.461  -4.533  4.759   1.00 39.59  ? 289 GLN A CG  1 
ATOM   63  C CD  . GLN A 1 12 ? -3.079  -3.190  4.415   1.00 40.46  ? 289 GLN A CD  1 
ATOM   64  O OE1 . GLN A 1 12 ? -3.456  -2.945  3.270   1.00 45.90  ? 289 GLN A OE1 1 
ATOM   65  N NE2 . GLN A 1 12 ? -3.182  -2.314  5.407   1.00 39.78  ? 289 GLN A NE2 1 
ATOM   66  N N   . GLY A 1 13 ? -2.196  -7.643  5.957   1.00 31.22  ? 290 GLY A N   1 
ATOM   67  C CA  . GLY A 1 13 ? -3.066  -8.336  6.875   1.00 41.81  ? 290 GLY A CA  1 
ATOM   68  C C   . GLY A 1 13 ? -4.379  -7.603  7.047   1.00 43.73  ? 290 GLY A C   1 
ATOM   69  O O   . GLY A 1 13 ? -4.485  -6.403  6.770   1.00 45.49  ? 290 GLY A O   1 
ATOM   70  N N   . PRO A 1 14 ? -5.412  -8.311  7.509   1.00 51.15  ? 291 PRO A N   1 
ATOM   71  C CA  . PRO A 1 14 ? -6.721  -7.659  7.679   1.00 54.39  ? 291 PRO A CA  1 
ATOM   72  C C   . PRO A 1 14 ? -6.708  -6.532  8.696   1.00 53.27  ? 291 PRO A C   1 
ATOM   73  O O   . PRO A 1 14 ? -7.485  -5.579  8.561   1.00 49.25  ? 291 PRO A O   1 
ATOM   74  C CB  . PRO A 1 14 ? -7.636  -8.814  8.111   1.00 60.86  ? 291 PRO A CB  1 
ATOM   75  C CG  . PRO A 1 14 ? -6.709  -9.823  8.711   1.00 61.59  ? 291 PRO A CG  1 
ATOM   76  C CD  . PRO A 1 14 ? -5.436  -9.724  7.922   1.00 57.68  ? 291 PRO A CD  1 
ATOM   77  N N   . LYS A 1 15 ? -5.845  -6.609  9.707   1.00 53.54  ? 292 LYS A N   1 
ATOM   78  C CA  . LYS A 1 15 ? -5.735  -5.574  10.726  1.00 54.09  ? 292 LYS A CA  1 
ATOM   79  C C   . LYS A 1 15 ? -4.396  -4.849  10.680  1.00 47.76  ? 292 LYS A C   1 
ATOM   80  O O   . LYS A 1 15 ? -4.121  -4.022  11.556  1.00 46.75  ? 292 LYS A O   1 
ATOM   81  C CB  . LYS A 1 15 ? -5.973  -6.171  12.115  1.00 62.04  ? 292 LYS A CB  1 
ATOM   82  C CG  . LYS A 1 15 ? -7.255  -6.978  12.230  1.00 70.98  ? 292 LYS A CG  1 
ATOM   83  C CD  . LYS A 1 15 ? -7.334  -7.701  13.564  1.00 77.04  ? 292 LYS A CD  1 
ATOM   84  C CE  . LYS A 1 15 ? -8.580  -8.568  13.650  1.00 82.73  ? 292 LYS A CE  1 
ATOM   85  N NZ  . LYS A 1 15 ? -8.664  -9.297  14.946  1.00 86.12  ? 292 LYS A NZ  1 
ATOM   86  N N   . GLU A 1 16 ? -3.561  -5.134  9.687   1.00 44.36  ? 293 GLU A N   1 
ATOM   87  C CA  . GLU A 1 16 ? -2.247  -4.506  9.608   1.00 42.02  ? 293 GLU A CA  1 
ATOM   88  C C   . GLU A 1 16 ? -2.386  -3.072  9.110   1.00 40.50  ? 293 GLU A C   1 
ATOM   89  O O   . GLU A 1 16 ? -3.055  -2.836  8.099   1.00 43.65  ? 293 GLU A O   1 
ATOM   90  C CB  . GLU A 1 16 ? -1.344  -5.286  8.657   1.00 34.11  ? 293 GLU A CB  1 
ATOM   91  C CG  . GLU A 1 16 ? 0.057   -4.705  8.515   1.00 28.98  ? 293 GLU A CG  1 
ATOM   92  C CD  . GLU A 1 16 ? 0.911   -5.471  7.521   1.00 35.21  ? 293 GLU A CD  1 
ATOM   93  O OE1 . GLU A 1 16 ? 0.341   -6.213  6.693   1.00 38.56  ? 293 GLU A OE1 1 
ATOM   94  O OE2 . GLU A 1 16 ? 2.153   -5.335  7.568   1.00 36.48  ? 293 GLU A OE2 1 
ATOM   95  N N   . PRO A 1 17 ? -1.783  -2.097  9.790   1.00 37.92  ? 294 PRO A N   1 
ATOM   96  C CA  . PRO A 1 17 ? -1.808  -0.723  9.280   1.00 30.45  ? 294 PRO A CA  1 
ATOM   97  C C   . PRO A 1 17 ? -1.089  -0.633  7.943   1.00 33.46  ? 294 PRO A C   1 
ATOM   98  O O   . PRO A 1 17 ? -0.112  -1.340  7.688   1.00 33.14  ? 294 PRO A O   1 
ATOM   99  C CB  . PRO A 1 17 ? -1.064  0.072   10.360  1.00 39.49  ? 294 PRO A CB  1 
ATOM   100 C CG  . PRO A 1 17 ? -1.132  -0.780  11.585  1.00 43.26  ? 294 PRO A CG  1 
ATOM   101 C CD  . PRO A 1 17 ? -1.108  -2.194  11.094  1.00 42.71  ? 294 PRO A CD  1 
ATOM   102 N N   . PHE A 1 18 ? -1.593  0.254   7.082   1.00 35.23  ? 295 PHE A N   1 
ATOM   103 C CA  . PHE A 1 18 ? -1.032  0.398   5.743   1.00 34.36  ? 295 PHE A CA  1 
ATOM   104 C C   . PHE A 1 18 ? 0.452   0.742   5.795   1.00 35.40  ? 295 PHE A C   1 
ATOM   105 O O   . PHE A 1 18 ? 1.233   0.285   4.952   1.00 33.82  ? 295 PHE A O   1 
ATOM   106 C CB  . PHE A 1 18 ? -1.809  1.465   4.978   1.00 32.51  ? 295 PHE A CB  1 
ATOM   107 C CG  . PHE A 1 18 ? -1.406  1.601   3.540   1.00 27.86  ? 295 PHE A CG  1 
ATOM   108 C CD1 . PHE A 1 18 ? -1.627  0.569   2.646   1.00 26.92  ? 295 PHE A CD1 1 
ATOM   109 C CD2 . PHE A 1 18 ? -0.825  2.770   3.079   1.00 28.76  ? 295 PHE A CD2 1 
ATOM   110 C CE1 . PHE A 1 18 ? -1.264  0.694   1.320   1.00 27.51  ? 295 PHE A CE1 1 
ATOM   111 C CE2 . PHE A 1 18 ? -0.464  2.903   1.752   1.00 26.48  ? 295 PHE A CE2 1 
ATOM   112 C CZ  . PHE A 1 18 ? -0.683  1.863   0.872   1.00 25.20  ? 295 PHE A CZ  1 
ATOM   113 N N   . GLN A 1 19 ? 0.858   1.541   6.785   1.00 31.14  ? 296 GLN A N   1 
ATOM   114 C CA  . GLN A 1 19 ? 2.262   1.917   6.916   1.00 35.39  ? 296 GLN A CA  1 
ATOM   115 C C   . GLN A 1 19 ? 3.145   0.695   7.142   1.00 31.41  ? 296 GLN A C   1 
ATOM   116 O O   . GLN A 1 19 ? 4.238   0.594   6.570   1.00 27.96  ? 296 GLN A O   1 
ATOM   117 C CB  . GLN A 1 19 ? 2.420   2.918   8.059   1.00 40.71  ? 296 GLN A CB  1 
ATOM   118 C CG  . GLN A 1 19 ? 3.839   3.389   8.300   1.00 50.13  ? 296 GLN A CG  1 
ATOM   119 C CD  . GLN A 1 19 ? 3.929   4.372   9.451   1.00 61.33  ? 296 GLN A CD  1 
ATOM   120 O OE1 . GLN A 1 19 ? 5.019   4.785   9.848   1.00 67.93  ? 296 GLN A OE1 1 
ATOM   121 N NE2 . GLN A 1 19 ? 2.778   4.752   9.995   1.00 60.46  ? 296 GLN A NE2 1 
ATOM   122 N N   . SER A 1 20 ? 2.690   -0.244  7.975   1.00 31.64  ? 297 SER A N   1 
ATOM   123 C CA  . SER A 1 20 ? 3.445   -1.474  8.193   1.00 32.75  ? 297 SER A CA  1 
ATOM   124 C C   . SER A 1 20 ? 3.532   -2.301  6.917   1.00 34.02  ? 297 SER A C   1 
ATOM   125 O O   . SER A 1 20 ? 4.595   -2.839  6.585   1.00 27.36  ? 297 SER A O   1 
ATOM   126 C CB  . SER A 1 20 ? 2.800   -2.289  9.313   1.00 31.86  ? 297 SER A CB  1 
ATOM   127 O OG  . SER A 1 20 ? 3.339   -3.599  9.367   1.00 38.86  ? 297 SER A OG  1 
ATOM   128 N N   . TYR A 1 21 ? 2.419   -2.415  6.191   1.00 25.33  ? 298 TYR A N   1 
ATOM   129 C CA  . TYR A 1 21 ? 2.409   -3.163  4.938   1.00 25.51  ? 298 TYR A CA  1 
ATOM   130 C C   . TYR A 1 21 ? 3.349   -2.534  3.916   1.00 24.22  ? 298 TYR A C   1 
ATOM   131 O O   . TYR A 1 21 ? 4.152   -3.230  3.282   1.00 26.24  ? 298 TYR A O   1 
ATOM   132 C CB  . TYR A 1 21 ? 0.973   -3.239  4.418   1.00 28.27  ? 298 TYR A CB  1 
ATOM   133 C CG  . TYR A 1 21 ? 0.814   -3.598  2.959   1.00 31.82  ? 298 TYR A CG  1 
ATOM   134 C CD1 . TYR A 1 21 ? 1.202   -4.841  2.476   1.00 32.07  ? 298 TYR A CD1 1 
ATOM   135 C CD2 . TYR A 1 21 ? 0.236   -2.701  2.071   1.00 30.91  ? 298 TYR A CD2 1 
ATOM   136 C CE1 . TYR A 1 21 ? 1.039   -5.169  1.141   1.00 34.82  ? 298 TYR A CE1 1 
ATOM   137 C CE2 . TYR A 1 21 ? 0.068   -3.019  0.743   1.00 30.11  ? 298 TYR A CE2 1 
ATOM   138 C CZ  . TYR A 1 21 ? 0.470   -4.252  0.280   1.00 34.46  ? 298 TYR A CZ  1 
ATOM   139 O OH  . TYR A 1 21 ? 0.299   -4.558  -1.049  1.00 33.33  ? 298 TYR A OH  1 
ATOM   140 N N   . VAL A 1 22 ? 3.272   -1.210  3.757   1.00 25.35  ? 299 VAL A N   1 
ATOM   141 C CA  . VAL A 1 22 ? 4.153   -0.503  2.829   1.00 25.75  ? 299 VAL A CA  1 
ATOM   142 C C   . VAL A 1 22 ? 5.616   -0.740  3.181   1.00 26.77  ? 299 VAL A C   1 
ATOM   143 O O   . VAL A 1 22 ? 6.458   -0.950  2.298   1.00 26.75  ? 299 VAL A O   1 
ATOM   144 C CB  . VAL A 1 22 ? 3.803   0.997   2.803   1.00 27.37  ? 299 VAL A CB  1 
ATOM   145 C CG1 . VAL A 1 22 ? 4.980   1.819   2.303   1.00 32.94  ? 299 VAL A CG1 1 
ATOM   146 C CG2 . VAL A 1 22 ? 2.590   1.233   1.931   1.00 30.05  ? 299 VAL A CG2 1 
ATOM   147 N N   . ASP A 1 23 ? 5.943   -0.710  4.474   1.00 25.94  ? 300 ASP A N   1 
ATOM   148 C CA  . ASP A 1 23 ? 7.323   -0.927  4.894   1.00 29.70  ? 300 ASP A CA  1 
ATOM   149 C C   . ASP A 1 23 ? 7.825   -2.295  4.443   1.00 29.43  ? 300 ASP A C   1 
ATOM   150 O O   . ASP A 1 23 ? 8.918   -2.411  3.878   1.00 29.29  ? 300 ASP A O   1 
ATOM   151 C CB  . ASP A 1 23 ? 7.438   -0.773  6.410   1.00 28.63  ? 300 ASP A CB  1 
ATOM   152 C CG  . ASP A 1 23 ? 8.869   -0.850  6.893   1.00 58.75  ? 300 ASP A CG  1 
ATOM   153 O OD1 . ASP A 1 23 ? 9.634   0.105   6.639   1.00 57.48  ? 300 ASP A OD1 1 
ATOM   154 O OD2 . ASP A 1 23 ? 9.230   -1.865  7.522   1.00 65.91  ? 300 ASP A OD2 1 
ATOM   155 N N   . ARG A 1 24 ? 7.028   -3.342  4.672   1.00 27.72  ? 301 ARG A N   1 
ATOM   156 C CA  . ARG A 1 24 ? 7.426   -4.684  4.251   1.00 32.89  ? 301 ARG A CA  1 
ATOM   157 C C   . ARG A 1 24 ? 7.466   -4.800  2.733   1.00 34.02  ? 301 ARG A C   1 
ATOM   158 O O   . ARG A 1 24 ? 8.332   -5.489  2.180   1.00 29.42  ? 301 ARG A O   1 
ATOM   159 C CB  . ARG A 1 24 ? 6.468   -5.725  4.834   1.00 34.24  ? 301 ARG A CB  1 
ATOM   160 C CG  . ARG A 1 24 ? 6.362   -5.704  6.349   1.00 45.31  ? 301 ARG A CG  1 
ATOM   161 C CD  . ARG A 1 24 ? 5.505   -6.850  6.877   1.00 43.20  ? 301 ARG A CD  1 
ATOM   162 N NE  . ARG A 1 24 ? 4.132   -6.812  6.384   1.00 41.20  ? 301 ARG A NE  1 
ATOM   163 C CZ  . ARG A 1 24 ? 3.635   -7.647  5.483   1.00 39.60  ? 301 ARG A CZ  1 
ATOM   164 N NH1 . ARG A 1 24 ? 4.379   -8.595  4.934   1.00 39.63  ? 301 ARG A NH1 1 
ATOM   165 N NH2 . ARG A 1 24 ? 2.358   -7.534  5.127   1.00 39.78  ? 301 ARG A NH2 1 
ATOM   166 N N   . PHE A 1 25 ? 6.531   -4.139  2.046   1.00 28.18  ? 302 PHE A N   1 
ATOM   167 C CA  . PHE A 1 25 ? 6.476   -4.208  0.589   1.00 31.58  ? 302 PHE A CA  1 
ATOM   168 C C   . PHE A 1 25 ? 7.736   -3.617  -0.032  1.00 28.38  ? 302 PHE A C   1 
ATOM   169 O O   . PHE A 1 25 ? 8.336   -4.210  -0.935  1.00 28.13  ? 302 PHE A O   1 
ATOM   170 C CB  . PHE A 1 25 ? 5.230   -3.468  0.097   1.00 25.27  ? 302 PHE A CB  1 
ATOM   171 C CG  . PHE A 1 25 ? 4.977   -3.595  -1.383  1.00 26.10  ? 302 PHE A CG  1 
ATOM   172 C CD1 . PHE A 1 25 ? 5.586   -2.734  -2.284  1.00 27.78  ? 302 PHE A CD1 1 
ATOM   173 C CD2 . PHE A 1 25 ? 4.100   -4.551  -1.869  1.00 29.81  ? 302 PHE A CD2 1 
ATOM   174 C CE1 . PHE A 1 25 ? 5.345   -2.843  -3.643  1.00 26.99  ? 302 PHE A CE1 1 
ATOM   175 C CE2 . PHE A 1 25 ? 3.852   -4.661  -3.226  1.00 33.86  ? 302 PHE A CE2 1 
ATOM   176 C CZ  . PHE A 1 25 ? 4.476   -3.806  -4.113  1.00 27.72  ? 302 PHE A CZ  1 
ATOM   177 N N   . TYR A 1 26 ? 8.154   -2.443  0.447   1.00 26.64  ? 303 TYR A N   1 
ATOM   178 C CA  . TYR A 1 26 ? 9.303   -1.768  -0.145  1.00 33.00  ? 303 TYR A CA  1 
ATOM   179 C C   . TYR A 1 26 ? 10.620  -2.442  0.217   1.00 31.73  ? 303 TYR A C   1 
ATOM   180 O O   . TYR A 1 26 ? 11.581  -2.368  -0.556  1.00 32.92  ? 303 TYR A O   1 
ATOM   181 C CB  . TYR A 1 26 ? 9.320   -0.298  0.264   1.00 33.66  ? 303 TYR A CB  1 
ATOM   182 C CG  . TYR A 1 26 ? 8.536   0.592   -0.669  1.00 31.33  ? 303 TYR A CG  1 
ATOM   183 C CD1 . TYR A 1 26 ? 7.148   0.609   -0.643  1.00 34.24  ? 303 TYR A CD1 1 
ATOM   184 C CD2 . TYR A 1 26 ? 9.186   1.413   -1.580  1.00 37.10  ? 303 TYR A CD2 1 
ATOM   185 C CE1 . TYR A 1 26 ? 6.428   1.422   -1.498  1.00 38.26  ? 303 TYR A CE1 1 
ATOM   186 C CE2 . TYR A 1 26 ? 8.476   2.229   -2.438  1.00 39.79  ? 303 TYR A CE2 1 
ATOM   187 C CZ  . TYR A 1 26 ? 7.099   2.229   -2.393  1.00 38.26  ? 303 TYR A CZ  1 
ATOM   188 O OH  . TYR A 1 26 ? 6.391   3.043   -3.248  1.00 46.89  ? 303 TYR A OH  1 
ATOM   189 N N   . LYS A 1 27 ? 10.694  -3.087  1.382   1.00 30.55  ? 304 LYS A N   1 
ATOM   190 C CA  . LYS A 1 27 ? 11.916  -3.798  1.743   1.00 34.60  ? 304 LYS A CA  1 
ATOM   191 C C   . LYS A 1 27 ? 12.183  -4.946  0.777   1.00 37.45  ? 304 LYS A C   1 
ATOM   192 O O   . LYS A 1 27 ? 13.303  -5.108  0.283   1.00 40.18  ? 304 LYS A O   1 
ATOM   193 C CB  . LYS A 1 27 ? 11.843  -4.283  3.191   1.00 36.68  ? 304 LYS A CB  1 
ATOM   194 C CG  . LYS A 1 27 ? 12.231  -3.211  4.197   1.00 48.02  ? 304 LYS A CG  1 
ATOM   195 C CD  . LYS A 1 27 ? 11.845  -3.592  5.615   1.00 57.42  ? 304 LYS A CD  1 
ATOM   196 C CE  . LYS A 1 27 ? 12.239  -2.498  6.596   1.00 64.05  ? 304 LYS A CE  1 
ATOM   197 N NZ  . LYS A 1 27 ? 11.617  -2.698  7.935   1.00 67.81  ? 304 LYS A NZ  1 
ATOM   198 N N   A SER A 1 28 ? 11.157  -5.750  0.490   0.56 38.10  ? 305 SER A N   1 
ATOM   199 N N   B SER A 1 28 ? 11.156  -5.748  0.488   0.44 38.45  ? 305 SER A N   1 
ATOM   200 C CA  A SER A 1 28 ? 11.322  -6.828  -0.477  0.56 41.86  ? 305 SER A CA  1 
ATOM   201 C CA  B SER A 1 28 ? 11.322  -6.829  -0.477  0.44 41.99  ? 305 SER A CA  1 
ATOM   202 C C   A SER A 1 28 ? 11.462  -6.292  -1.896  0.56 43.09  ? 305 SER A C   1 
ATOM   203 C C   B SER A 1 28 ? 11.454  -6.298  -1.899  0.44 42.89  ? 305 SER A C   1 
ATOM   204 O O   A SER A 1 28 ? 12.153  -6.900  -2.722  0.56 44.18  ? 305 SER A O   1 
ATOM   205 O O   B SER A 1 28 ? 12.130  -6.915  -2.729  0.44 44.35  ? 305 SER A O   1 
ATOM   206 C CB  A SER A 1 28 ? 10.152  -7.807  -0.382  0.56 43.91  ? 305 SER A CB  1 
ATOM   207 C CB  B SER A 1 28 ? 10.158  -7.815  -0.374  0.44 44.19  ? 305 SER A CB  1 
ATOM   208 O OG  A SER A 1 28 ? 8.913   -7.133  -0.528  0.56 47.15  ? 305 SER A OG  1 
ATOM   209 O OG  B SER A 1 28 ? 10.119  -8.425  0.904   0.44 46.86  ? 305 SER A OG  1 
ATOM   210 N N   . LEU A 1 29 ? 10.826  -5.158  -2.195  1.00 40.46  ? 306 LEU A N   1 
ATOM   211 C CA  . LEU A 1 29 ? 10.901  -4.594  -3.540  1.00 36.84  ? 306 LEU A CA  1 
ATOM   212 C C   . LEU A 1 29 ? 12.299  -4.072  -3.847  1.00 40.10  ? 306 LEU A C   1 
ATOM   213 O O   . LEU A 1 29 ? 12.857  -4.356  -4.914  1.00 38.15  ? 306 LEU A O   1 
ATOM   214 C CB  . LEU A 1 29 ? 9.873   -3.475  -3.690  1.00 32.25  ? 306 LEU A CB  1 
ATOM   215 C CG  . LEU A 1 29 ? 10.048  -2.594  -4.926  1.00 39.02  ? 306 LEU A CG  1 
ATOM   216 C CD1 . LEU A 1 29 ? 9.755   -3.379  -6.193  1.00 48.15  ? 306 LEU A CD1 1 
ATOM   217 C CD2 . LEU A 1 29 ? 9.161   -1.369  -4.829  1.00 42.07  ? 306 LEU A CD2 1 
ATOM   218 N N   . ARG A 1 30 ? 12.877  -3.296  -2.928  1.00 42.15  ? 307 ARG A N   1 
ATOM   219 C CA  . ARG A 1 30 ? 14.192  -2.709  -3.160  1.00 46.23  ? 307 ARG A CA  1 
ATOM   220 C C   . ARG A 1 30 ? 15.284  -3.760  -3.308  1.00 44.00  ? 307 ARG A C   1 
ATOM   221 O O   . ARG A 1 30 ? 16.319  -3.481  -3.924  1.00 42.34  ? 307 ARG A O   1 
ATOM   222 C CB  . ARG A 1 30 ? 14.548  -1.747  -2.025  1.00 51.40  ? 307 ARG A CB  1 
ATOM   223 C CG  . ARG A 1 30 ? 13.806  -0.420  -2.068  1.00 60.96  ? 307 ARG A CG  1 
ATOM   224 C CD  . ARG A 1 30 ? 14.022  0.365   -0.783  1.00 74.30  ? 307 ARG A CD  1 
ATOM   225 N NE  . ARG A 1 30 ? 13.735  1.785   -0.946  1.00 82.40  ? 307 ARG A NE  1 
ATOM   226 C CZ  . ARG A 1 30 ? 14.654  2.708   -1.197  1.00 88.38  ? 307 ARG A CZ  1 
ATOM   227 N NH1 . ARG A 1 30 ? 15.934  2.395   -1.316  1.00 88.81  ? 307 ARG A NH1 1 
ATOM   228 N NH2 . ARG A 1 30 ? 14.279  3.978   -1.327  1.00 90.97  ? 307 ARG A NH2 1 
ATOM   229 N N   . ALA A 1 31 ? 15.079  -4.961  -2.765  1.00 35.74  ? 308 ALA A N   1 
ATOM   230 C CA  . ALA A 1 31 ? 16.105  -5.992  -2.846  1.00 40.00  ? 308 ALA A CA  1 
ATOM   231 C C   . ALA A 1 31 ? 16.082  -6.716  -4.188  1.00 48.59  ? 308 ALA A C   1 
ATOM   232 O O   . ALA A 1 31 ? 17.138  -6.945  -4.789  1.00 52.95  ? 308 ALA A O   1 
ATOM   233 C CB  . ALA A 1 31 ? 15.943  -6.990  -1.699  1.00 41.60  ? 308 ALA A CB  1 
ATOM   234 N N   . GLU A 1 32 ? 14.897  -7.074  -4.678  1.00 48.37  ? 309 GLU A N   1 
ATOM   235 C CA  . GLU A 1 32 ? 14.770  -7.951  -5.836  1.00 54.23  ? 309 GLU A CA  1 
ATOM   236 C C   . GLU A 1 32 ? 14.254  -7.241  -7.082  1.00 47.25  ? 309 GLU A C   1 
ATOM   237 O O   . GLU A 1 32 ? 13.858  -7.913  -8.041  1.00 50.44  ? 309 GLU A O   1 
ATOM   238 C CB  . GLU A 1 32 ? 13.876  -9.146  -5.501  1.00 59.80  ? 309 GLU A CB  1 
ATOM   239 C CG  . GLU A 1 32 ? 12.412  -8.789  -5.311  1.00 68.06  ? 309 GLU A CG  1 
ATOM   240 C CD  . GLU A 1 32 ? 11.572  -9.980  -4.908  1.00 78.40  ? 309 GLU A CD  1 
ATOM   241 O OE1 . GLU A 1 32 ? 12.128  -10.921 -4.303  1.00 83.41  ? 309 GLU A OE1 1 
ATOM   242 O OE2 . GLU A 1 32 ? 10.358  -9.981  -5.200  1.00 78.43  ? 309 GLU A OE2 1 
ATOM   243 N N   . GLN A 1 33 ? 14.252  -5.909  -7.103  1.00 56.52  ? 310 GLN A N   1 
ATOM   244 C CA  . GLN A 1 33 ? 13.733  -5.188  -8.259  1.00 59.66  ? 310 GLN A CA  1 
ATOM   245 C C   . GLN A 1 33 ? 14.598  -5.456  -9.486  1.00 61.63  ? 310 GLN A C   1 
ATOM   246 O O   . GLN A 1 33 ? 15.831  -5.423  -9.414  1.00 62.92  ? 310 GLN A O   1 
ATOM   247 C CB  . GLN A 1 33 ? 13.660  -3.689  -7.972  1.00 66.83  ? 310 GLN A CB  1 
ATOM   248 C CG  . GLN A 1 33 ? 14.953  -3.078  -7.469  1.00 80.40  ? 310 GLN A CG  1 
ATOM   249 C CD  . GLN A 1 33 ? 14.885  -1.568  -7.368  1.00 90.18  ? 310 GLN A CD  1 
ATOM   250 O OE1 . GLN A 1 33 ? 13.956  -0.941  -7.878  1.00 91.23  ? 310 GLN A OE1 1 
ATOM   251 N NE2 . GLN A 1 33 ? 15.873  -0.974  -6.708  1.00 96.46  ? 310 GLN A NE2 1 
ATOM   252 N N   . THR A 1 34 ? 13.944  -5.731  -10.614 1.00 56.34  ? 311 THR A N   1 
ATOM   253 C CA  . THR A 1 34 ? 14.638  -6.066  -11.854 1.00 58.82  ? 311 THR A CA  1 
ATOM   254 C C   . THR A 1 34 ? 14.908  -4.824  -12.700 1.00 70.24  ? 311 THR A C   1 
ATOM   255 O O   . THR A 1 34 ? 16.060  -4.537  -13.042 1.00 80.85  ? 311 THR A O   1 
ATOM   256 C CB  . THR A 1 34 ? 13.825  -7.098  -12.646 1.00 63.18  ? 311 THR A CB  1 
ATOM   257 O OG1 . THR A 1 34 ? 12.566  -6.528  -13.023 1.00 59.81  ? 311 THR A OG1 1 
ATOM   258 C CG2 . THR A 1 34 ? 13.580  -8.339  -11.803 1.00 62.23  ? 311 THR A CG2 1 
ATOM   259 N N   . ASP A 1 35 ? 13.857  -4.090  -13.055 1.00 75.85  ? 312 ASP A N   1 
ATOM   260 C CA  . ASP A 1 35 ? 13.995  -2.875  -13.837 1.00 90.28  ? 312 ASP A CA  1 
ATOM   261 C C   . ASP A 1 35 ? 13.419  -1.692  -13.070 1.00 92.34  ? 312 ASP A C   1 
ATOM   262 O O   . ASP A 1 35 ? 12.503  -1.860  -12.258 1.00 92.44  ? 312 ASP A O   1 
ATOM   263 C CB  . ASP A 1 35 ? 13.258  -2.991  -15.178 1.00 98.68  ? 312 ASP A CB  1 
ATOM   264 C CG  . ASP A 1 35 ? 13.865  -4.036  -16.095 1.00 106.26 ? 312 ASP A CG  1 
ATOM   265 O OD1 . ASP A 1 35 ? 14.766  -4.775  -15.652 1.00 110.07 ? 312 ASP A OD1 1 
ATOM   266 O OD2 . ASP A 1 35 ? 13.439  -4.116  -17.267 1.00 107.64 ? 312 ASP A OD2 1 
ATOM   267 N N   . PRO A 1 36 ? 13.943  -0.485  -13.293 1.00 94.56  ? 313 PRO A N   1 
ATOM   268 C CA  . PRO A 1 36 ? 13.289  0.704   -12.726 1.00 92.73  ? 313 PRO A CA  1 
ATOM   269 C C   . PRO A 1 36 ? 11.876  0.906   -13.242 1.00 85.08  ? 313 PRO A C   1 
ATOM   270 O O   . PRO A 1 36 ? 11.033  1.457   -12.522 1.00 85.64  ? 313 PRO A O   1 
ATOM   271 C CB  . PRO A 1 36 ? 14.221  1.852   -13.140 1.00 98.52  ? 313 PRO A CB  1 
ATOM   272 C CG  . PRO A 1 36 ? 15.546  1.198   -13.376 1.00 100.70 ? 313 PRO A CG  1 
ATOM   273 C CD  . PRO A 1 36 ? 15.228  -0.158  -13.935 1.00 98.49  ? 313 PRO A CD  1 
ATOM   274 N N   . ALA A 1 37 ? 11.589  0.470   -14.472 1.00 82.75  ? 314 ALA A N   1 
ATOM   275 C CA  . ALA A 1 37 ? 10.231  0.564   -14.993 1.00 75.70  ? 314 ALA A CA  1 
ATOM   276 C C   . ALA A 1 37 ? 9.313   -0.470  -14.357 1.00 69.14  ? 314 ALA A C   1 
ATOM   277 O O   . ALA A 1 37 ? 8.122   -0.202  -14.159 1.00 70.16  ? 314 ALA A O   1 
ATOM   278 C CB  . ALA A 1 37 ? 10.239  0.409   -16.514 1.00 78.84  ? 314 ALA A CB  1 
ATOM   279 N N   . VAL A 1 38 ? 9.841   -1.653  -14.037 1.00 66.16  ? 315 VAL A N   1 
ATOM   280 C CA  . VAL A 1 38 ? 9.042   -2.662  -13.350 1.00 55.38  ? 315 VAL A CA  1 
ATOM   281 C C   . VAL A 1 38 ? 8.767   -2.236  -11.913 1.00 53.53  ? 315 VAL A C   1 
ATOM   282 O O   . VAL A 1 38 ? 7.676   -2.473  -11.377 1.00 41.08  ? 315 VAL A O   1 
ATOM   283 C CB  . VAL A 1 38 ? 9.733   -4.036  -13.431 1.00 50.42  ? 315 VAL A CB  1 
ATOM   284 C CG1 . VAL A 1 38 ? 8.971   -5.072  -12.620 1.00 43.67  ? 315 VAL A CG1 1 
ATOM   285 C CG2 . VAL A 1 38 ? 9.858   -4.479  -14.881 1.00 49.07  ? 315 VAL A CG2 1 
ATOM   286 N N   . LYS A 1 39 ? 9.746   -1.592  -11.272 1.00 52.15  ? 316 LYS A N   1 
ATOM   287 C CA  . LYS A 1 39 ? 9.562   -1.130  -9.901  1.00 54.87  ? 316 LYS A CA  1 
ATOM   288 C C   . LYS A 1 39 ? 8.459   -0.083  -9.813  1.00 55.80  ? 316 LYS A C   1 
ATOM   289 O O   . LYS A 1 39 ? 7.676   -0.073  -8.856  1.00 49.79  ? 316 LYS A O   1 
ATOM   290 C CB  . LYS A 1 39 ? 10.882  -0.581  -9.357  1.00 58.54  ? 316 LYS A CB  1 
ATOM   291 C CG  . LYS A 1 39 ? 10.792  0.020   -7.965  1.00 60.64  ? 316 LYS A CG  1 
ATOM   292 C CD  . LYS A 1 39 ? 10.874  1.537   -8.007  1.00 62.24  ? 316 LYS A CD  1 
ATOM   293 C CE  . LYS A 1 39 ? 10.847  2.125   -6.608  1.00 62.99  ? 316 LYS A CE  1 
ATOM   294 N NZ  . LYS A 1 39 ? 11.980  1.625   -5.782  1.00 69.78  ? 316 LYS A NZ  1 
ATOM   295 N N   . ASN A 1 40 ? 8.380   0.809   -10.805 1.00 63.20  ? 317 ASN A N   1 
ATOM   296 C CA  . ASN A 1 40 ? 7.325   1.817   -10.808 1.00 69.86  ? 317 ASN A CA  1 
ATOM   297 C C   . ASN A 1 40 ? 5.949   1.175   -10.916 1.00 62.61  ? 317 ASN A C   1 
ATOM   298 O O   . ASN A 1 40 ? 4.996   1.615   -10.260 1.00 62.27  ? 317 ASN A O   1 
ATOM   299 C CB  . ASN A 1 40 ? 7.548   2.808   -11.949 1.00 82.18  ? 317 ASN A CB  1 
ATOM   300 C CG  . ASN A 1 40 ? 6.499   3.905   -11.982 1.00 89.64  ? 317 ASN A CG  1 
ATOM   301 O OD1 . ASN A 1 40 ? 5.446   3.754   -12.602 1.00 90.39  ? 317 ASN A OD1 1 
ATOM   302 N ND2 . ASN A 1 40 ? 6.784   5.015   -11.312 1.00 93.78  ? 317 ASN A ND2 1 
ATOM   303 N N   . TRP A 1 41 ? 5.823   0.129   -11.737 1.00 53.66  ? 318 TRP A N   1 
ATOM   304 C CA  . TRP A 1 41 ? 4.542   -0.555  -11.868 1.00 49.29  ? 318 TRP A CA  1 
ATOM   305 C C   . TRP A 1 41 ? 4.147   -1.259  -10.576 1.00 46.14  ? 318 TRP A C   1 
ATOM   306 O O   . TRP A 1 41 ? 2.958   -1.323  -10.245 1.00 43.25  ? 318 TRP A O   1 
ATOM   307 C CB  . TRP A 1 41 ? 4.586   -1.551  -13.028 1.00 50.03  ? 318 TRP A CB  1 
ATOM   308 C CG  . TRP A 1 41 ? 3.353   -2.395  -13.129 1.00 44.38  ? 318 TRP A CG  1 
ATOM   309 C CD1 . TRP A 1 41 ? 2.219   -2.109  -13.831 1.00 44.15  ? 318 TRP A CD1 1 
ATOM   310 C CD2 . TRP A 1 41 ? 3.126   -3.664  -12.501 1.00 48.83  ? 318 TRP A CD2 1 
ATOM   311 N NE1 . TRP A 1 41 ? 1.300   -3.120  -13.679 1.00 46.96  ? 318 TRP A NE1 1 
ATOM   312 C CE2 . TRP A 1 41 ? 1.834   -4.086  -12.867 1.00 44.66  ? 318 TRP A CE2 1 
ATOM   313 C CE3 . TRP A 1 41 ? 3.891   -4.482  -11.664 1.00 50.67  ? 318 TRP A CE3 1 
ATOM   314 C CZ2 . TRP A 1 41 ? 1.289   -5.290  -12.424 1.00 47.86  ? 318 TRP A CZ2 1 
ATOM   315 C CZ3 . TRP A 1 41 ? 3.350   -5.677  -11.227 1.00 50.45  ? 318 TRP A CZ3 1 
ATOM   316 C CH2 . TRP A 1 41 ? 2.062   -6.070  -11.610 1.00 53.76  ? 318 TRP A CH2 1 
ATOM   317 N N   . MET A 1 42 ? 5.122   -1.792  -9.837  1.00 41.32  ? 319 MET A N   1 
ATOM   318 C CA  . MET A 1 42 ? 4.802   -2.477  -8.591  1.00 38.90  ? 319 MET A CA  1 
ATOM   319 C C   . MET A 1 42 ? 4.334   -1.509  -7.513  1.00 36.24  ? 319 MET A C   1 
ATOM   320 O O   . MET A 1 42 ? 3.473   -1.860  -6.700  1.00 37.14  ? 319 MET A O   1 
ATOM   321 C CB  . MET A 1 42 ? 6.007   -3.282  -8.105  1.00 43.63  ? 319 MET A CB  1 
ATOM   322 C CG  . MET A 1 42 ? 6.380   -4.446  -9.007  1.00 43.00  ? 319 MET A CG  1 
ATOM   323 S SD  . MET A 1 42 ? 7.749   -5.412  -8.346  1.00 46.88  ? 319 MET A SD  1 
ATOM   324 C CE  . MET A 1 42 ? 7.866   -6.714  -9.565  1.00 51.37  ? 319 MET A CE  1 
ATOM   325 N N   . THR A 1 43 ? 4.878   -0.291  -7.491  1.00 39.38  ? 320 THR A N   1 
ATOM   326 C CA  . THR A 1 43 ? 4.518   0.665   -6.452  1.00 48.73  ? 320 THR A CA  1 
ATOM   327 C C   . THR A 1 43 ? 3.138   1.272   -6.654  1.00 54.43  ? 320 THR A C   1 
ATOM   328 O O   . THR A 1 43 ? 2.534   1.737   -5.681  1.00 55.95  ? 320 THR A O   1 
ATOM   329 C CB  . THR A 1 43 ? 5.568   1.775   -6.361  1.00 50.40  ? 320 THR A CB  1 
ATOM   330 O OG1 . THR A 1 43 ? 5.698   2.420   -7.634  1.00 55.94  ? 320 THR A OG1 1 
ATOM   331 C CG2 . THR A 1 43 ? 6.912   1.202   -5.950  1.00 47.30  ? 320 THR A CG2 1 
ATOM   332 N N   . GLN A 1 44 ? 2.621   1.278   -7.883  1.00 61.65  ? 321 GLN A N   1 
ATOM   333 C CA  . GLN A 1 44 ? 1.339   1.904   -8.174  1.00 70.95  ? 321 GLN A CA  1 
ATOM   334 C C   . GLN A 1 44 ? 0.240   0.921   -8.550  1.00 67.30  ? 321 GLN A C   1 
ATOM   335 O O   . GLN A 1 44 ? -0.933  1.311   -8.565  1.00 73.71  ? 321 GLN A O   1 
ATOM   336 C CB  . GLN A 1 44 ? 1.492   2.960   -9.280  1.00 82.93  ? 321 GLN A CB  1 
ATOM   337 C CG  . GLN A 1 44 ? 2.243   4.206   -8.837  1.00 92.45  ? 321 GLN A CG  1 
ATOM   338 C CD  . GLN A 1 44 ? 2.389   5.225   -9.949  1.00 99.63  ? 321 GLN A CD  1 
ATOM   339 O OE1 . GLN A 1 44 ? 2.237   4.901   -11.126 1.00 99.87  ? 321 GLN A OE1 1 
ATOM   340 N NE2 . GLN A 1 44 ? 2.681   6.466   -9.579  1.00 105.36 ? 321 GLN A NE2 1 
ATOM   341 N N   . THR A 1 45 ? 0.577   -0.333  -8.850  1.00 51.19  ? 322 THR A N   1 
ATOM   342 C CA  . THR A 1 45 ? -0.421  -1.344  -9.179  1.00 45.93  ? 322 THR A CA  1 
ATOM   343 C C   . THR A 1 45 ? -0.389  -2.511  -8.204  1.00 42.10  ? 322 THR A C   1 
ATOM   344 O O   . THR A 1 45 ? -1.408  -2.811  -7.572  1.00 38.73  ? 322 THR A O   1 
ATOM   345 C CB  . THR A 1 45 ? -0.230  -1.831  -10.622 1.00 52.55  ? 322 THR A CB  1 
ATOM   346 O OG1 . THR A 1 45 ? -0.298  -0.717  -11.520 1.00 61.92  ? 322 THR A OG1 1 
ATOM   347 C CG2 . THR A 1 45 ? -1.304  -2.835  -10.987 1.00 50.61  ? 322 THR A CG2 1 
ATOM   348 N N   . LEU A 1 46 ? 0.760   -3.177  -8.055  1.00 36.16  ? 323 LEU A N   1 
ATOM   349 C CA  . LEU A 1 46 ? 0.840   -4.351  -7.189  1.00 39.38  ? 323 LEU A CA  1 
ATOM   350 C C   . LEU A 1 46 ? 0.607   -3.986  -5.729  1.00 34.28  ? 323 LEU A C   1 
ATOM   351 O O   . LEU A 1 46 ? -0.015  -4.755  -4.984  1.00 36.16  ? 323 LEU A O   1 
ATOM   352 C CB  . LEU A 1 46 ? 2.194   -5.037  -7.370  1.00 33.66  ? 323 LEU A CB  1 
ATOM   353 C CG  . LEU A 1 46 ? 2.426   -6.325  -6.581  1.00 38.49  ? 323 LEU A CG  1 
ATOM   354 C CD1 . LEU A 1 46 ? 1.351   -7.349  -6.907  1.00 38.59  ? 323 LEU A CD1 1 
ATOM   355 C CD2 . LEU A 1 46 ? 3.809   -6.888  -6.870  1.00 33.69  ? 323 LEU A CD2 1 
ATOM   356 N N   . LEU A 1 47 ? 1.100   -2.822  -5.298  1.00 37.21  ? 324 LEU A N   1 
ATOM   357 C CA  . LEU A 1 47 ? 0.890   -2.395  -3.917  1.00 38.45  ? 324 LEU A CA  1 
ATOM   358 C C   . LEU A 1 47 ? -0.596  -2.269  -3.601  1.00 36.00  ? 324 LEU A C   1 
ATOM   359 O O   . LEU A 1 47 ? -1.044  -2.666  -2.518  1.00 41.81  ? 324 LEU A O   1 
ATOM   360 C CB  . LEU A 1 47 ? 1.612   -1.070  -3.666  1.00 38.54  ? 324 LEU A CB  1 
ATOM   361 C CG  . LEU A 1 47 ? 1.589   -0.486  -2.251  1.00 34.24  ? 324 LEU A CG  1 
ATOM   362 C CD1 . LEU A 1 47 ? 2.346   -1.374  -1.279  1.00 30.63  ? 324 LEU A CD1 1 
ATOM   363 C CD2 . LEU A 1 47 ? 2.166   0.920   -2.247  1.00 34.41  ? 324 LEU A CD2 1 
ATOM   364 N N   . VAL A 1 48 ? -1.377  -1.734  -4.540  1.00 38.37  ? 325 VAL A N   1 
ATOM   365 C CA  . VAL A 1 48 ? -2.812  -1.585  -4.317  1.00 40.44  ? 325 VAL A CA  1 
ATOM   366 C C   . VAL A 1 48 ? -3.507  -2.941  -4.346  1.00 38.19  ? 325 VAL A C   1 
ATOM   367 O O   . VAL A 1 48 ? -4.376  -3.226  -3.513  1.00 39.09  ? 325 VAL A O   1 
ATOM   368 C CB  . VAL A 1 48 ? -3.411  -0.600  -5.339  1.00 47.56  ? 325 VAL A CB  1 
ATOM   369 C CG1 . VAL A 1 48 ? -4.920  -0.518  -5.181  1.00 52.24  ? 325 VAL A CG1 1 
ATOM   370 C CG2 . VAL A 1 48 ? -2.777  0.774   -5.181  1.00 52.37  ? 325 VAL A CG2 1 
ATOM   371 N N   . GLN A 1 49 ? -3.129  -3.802  -5.295  1.00 36.81  ? 326 GLN A N   1 
ATOM   372 C CA  . GLN A 1 49 ? -3.805  -5.086  -5.461  1.00 38.13  ? 326 GLN A CA  1 
ATOM   373 C C   . GLN A 1 49 ? -3.633  -5.990  -4.247  1.00 41.46  ? 326 GLN A C   1 
ATOM   374 O O   . GLN A 1 49 ? -4.534  -6.775  -3.929  1.00 40.92  ? 326 GLN A O   1 
ATOM   375 C CB  . GLN A 1 49 ? -3.289  -5.789  -6.716  1.00 40.17  ? 326 GLN A CB  1 
ATOM   376 C CG  . GLN A 1 49 ? -3.975  -5.348  -7.991  1.00 54.82  ? 326 GLN A CG  1 
ATOM   377 C CD  . GLN A 1 49 ? -5.431  -5.759  -8.025  1.00 60.85  ? 326 GLN A CD  1 
ATOM   378 O OE1 . GLN A 1 49 ? -6.309  -4.954  -8.336  1.00 68.53  ? 326 GLN A OE1 1 
ATOM   379 N NE2 . GLN A 1 49 ? -5.696  -7.019  -7.703  1.00 65.59  ? 326 GLN A NE2 1 
ATOM   380 N N   . ASN A 1 50 ? -2.497  -5.904  -3.565  1.00 40.95  ? 327 ASN A N   1 
ATOM   381 C CA  . ASN A 1 50 ? -2.225  -6.775  -2.431  1.00 41.84  ? 327 ASN A CA  1 
ATOM   382 C C   . ASN A 1 50 ? -2.616  -6.165  -1.091  1.00 42.14  ? 327 ASN A C   1 
ATOM   383 O O   . ASN A 1 50 ? -2.366  -6.782  -0.051  1.00 41.76  ? 327 ASN A O   1 
ATOM   384 C CB  . ASN A 1 50 ? -0.756  -7.207  -2.426  1.00 43.39  ? 327 ASN A CB  1 
ATOM   385 C CG  . ASN A 1 50 ? -0.459  -8.267  -3.472  1.00 49.27  ? 327 ASN A CG  1 
ATOM   386 O OD1 . ASN A 1 50 ? -1.300  -8.574  -4.316  1.00 44.88  ? 327 ASN A OD1 1 
ATOM   387 N ND2 . ASN A 1 50 ? 0.742   -8.831  -3.419  1.00 52.44  ? 327 ASN A ND2 1 
ATOM   388 N N   . ALA A 1 51 ? -3.223  -4.981  -1.086  1.00 39.85  ? 328 ALA A N   1 
ATOM   389 C CA  . ALA A 1 51 ? -3.723  -4.408  0.153   1.00 44.57  ? 328 ALA A CA  1 
ATOM   390 C C   . ALA A 1 51 ? -4.987  -5.139  0.600   1.00 40.67  ? 328 ALA A C   1 
ATOM   391 O O   . ALA A 1 51 ? -5.617  -5.874  -0.166  1.00 40.22  ? 328 ALA A O   1 
ATOM   392 C CB  . ALA A 1 51 ? -4.021  -2.920  -0.031  1.00 37.47  ? 328 ALA A CB  1 
ATOM   393 N N   . ASN A 1 52 ? -5.351  -4.938  1.865   1.00 41.04  ? 329 ASN A N   1 
ATOM   394 C CA  . ASN A 1 52 ? -6.566  -5.540  2.388   1.00 46.84  ? 329 ASN A CA  1 
ATOM   395 C C   . ASN A 1 52 ? -7.790  -4.813  1.832   1.00 51.58  ? 329 ASN A C   1 
ATOM   396 O O   . ASN A 1 52 ? -7.672  -3.709  1.296   1.00 48.26  ? 329 ASN A O   1 
ATOM   397 C CB  . ASN A 1 52 ? -6.549  -5.539  3.921   1.00 46.80  ? 329 ASN A CB  1 
ATOM   398 C CG  . ASN A 1 52 ? -6.419  -4.147  4.520   1.00 49.74  ? 329 ASN A CG  1 
ATOM   399 O OD1 . ASN A 1 52 ? -6.835  -3.152  3.931   1.00 53.12  ? 329 ASN A OD1 1 
ATOM   400 N ND2 . ASN A 1 52 ? -5.844  -4.080  5.715   1.00 49.41  ? 329 ASN A ND2 1 
ATOM   401 N N   . PRO A 1 53 ? -8.980  -5.424  1.926   1.00 56.29  ? 330 PRO A N   1 
ATOM   402 C CA  . PRO A 1 53 ? -10.171 -4.773  1.347   1.00 58.90  ? 330 PRO A CA  1 
ATOM   403 C C   . PRO A 1 53 ? -10.433 -3.369  1.868   1.00 57.35  ? 330 PRO A C   1 
ATOM   404 O O   . PRO A 1 53 ? -10.892 -2.510  1.103   1.00 61.49  ? 330 PRO A O   1 
ATOM   405 C CB  . PRO A 1 53 ? -11.305 -5.746  1.698   1.00 61.40  ? 330 PRO A CB  1 
ATOM   406 C CG  . PRO A 1 53 ? -10.634 -7.069  1.796   1.00 60.01  ? 330 PRO A CG  1 
ATOM   407 C CD  . PRO A 1 53 ? -9.278  -6.794  2.384   1.00 59.21  ? 330 PRO A CD  1 
ATOM   408 N N   . ASP A 1 54 ? -10.149 -3.105  3.145   1.00 56.13  ? 331 ASP A N   1 
ATOM   409 C CA  . ASP A 1 54 ? -10.412 -1.781  3.702   1.00 61.56  ? 331 ASP A CA  1 
ATOM   410 C C   . ASP A 1 54 ? -9.525  -0.721  3.058   1.00 56.01  ? 331 ASP A C   1 
ATOM   411 O O   . ASP A 1 54 ? -10.008 0.339   2.644   1.00 47.97  ? 331 ASP A O   1 
ATOM   412 C CB  . ASP A 1 54 ? -10.236 -1.799  5.221   1.00 68.35  ? 331 ASP A CB  1 
ATOM   413 C CG  . ASP A 1 54 ? -11.347 -2.553  5.927   1.00 76.00  ? 331 ASP A CG  1 
ATOM   414 O OD1 . ASP A 1 54 ? -12.466 -2.621  5.376   1.00 81.16  ? 331 ASP A OD1 1 
ATOM   415 O OD2 . ASP A 1 54 ? -11.103 -3.075  7.036   1.00 80.07  ? 331 ASP A OD2 1 
ATOM   416 N N   . CYS A 1 55 ? -8.221  -0.990  2.960   1.00 45.71  ? 332 CYS A N   1 
ATOM   417 C CA  . CYS A 1 55 ? -7.315  -0.034  2.332   1.00 45.50  ? 332 CYS A CA  1 
ATOM   418 C C   . CYS A 1 55 ? -7.399  -0.067  0.811   1.00 44.19  ? 332 CYS A C   1 
ATOM   419 O O   . CYS A 1 55 ? -7.195  0.967   0.167   1.00 41.83  ? 332 CYS A O   1 
ATOM   420 C CB  . CYS A 1 55 ? -5.877  -0.271  2.796   1.00 39.71  ? 332 CYS A CB  1 
ATOM   421 S SG  . CYS A 1 55 ? -5.560  0.216   4.507   1.00 45.63  ? 332 CYS A SG  1 
ATOM   422 N N   . LYS A 1 56 ? -7.693  -1.230  0.222   1.00 42.40  ? 333 LYS A N   1 
ATOM   423 C CA  . LYS A 1 56 ? -7.827  -1.303  -1.230  1.00 46.57  ? 333 LYS A CA  1 
ATOM   424 C C   . LYS A 1 56 ? -8.972  -0.424  -1.721  1.00 49.01  ? 333 LYS A C   1 
ATOM   425 O O   . LYS A 1 56 ? -8.887  0.171   -2.802  1.00 51.82  ? 333 LYS A O   1 
ATOM   426 C CB  . LYS A 1 56 ? -8.026  -2.754  -1.670  1.00 51.74  ? 333 LYS A CB  1 
ATOM   427 C CG  . LYS A 1 56 ? -7.833  -2.996  -3.158  1.00 50.13  ? 333 LYS A CG  1 
ATOM   428 C CD  . LYS A 1 56 ? -7.920  -4.481  -3.481  1.00 53.64  ? 333 LYS A CD  1 
ATOM   429 C CE  . LYS A 1 56 ? -7.601  -4.755  -4.941  1.00 55.01  ? 333 LYS A CE  1 
ATOM   430 N NZ  . LYS A 1 56 ? -7.732  -6.200  -5.280  1.00 60.12  ? 333 LYS A NZ  1 
ATOM   431 N N   . LEU A 1 57 ? -10.051 -0.330  -0.939  1.00 49.39  ? 334 LEU A N   1 
ATOM   432 C CA  . LEU A 1 57 ? -11.150 0.569   -1.283  1.00 50.15  ? 334 LEU A CA  1 
ATOM   433 C C   . LEU A 1 57 ? -10.666 2.011   -1.372  1.00 54.39  ? 334 LEU A C   1 
ATOM   434 O O   . LEU A 1 57 ? -10.925 2.708   -2.360  1.00 50.61  ? 334 LEU A O   1 
ATOM   435 C CB  . LEU A 1 57 ? -12.261 0.455   -0.239  1.00 58.99  ? 334 LEU A CB  1 
ATOM   436 C CG  . LEU A 1 57 ? -13.329 -0.627  -0.395  1.00 61.68  ? 334 LEU A CG  1 
ATOM   437 C CD1 . LEU A 1 57 ? -14.287 -0.586  0.784   1.00 61.78  ? 334 LEU A CD1 1 
ATOM   438 C CD2 . LEU A 1 57 ? -14.082 -0.440  -1.700  1.00 63.85  ? 334 LEU A CD2 1 
ATOM   439 N N   . VAL A 1 58 ? -9.957  2.472   -0.339  1.00 47.95  ? 335 VAL A N   1 
ATOM   440 C CA  . VAL A 1 58 ? -9.506  3.858   -0.280  1.00 52.36  ? 335 VAL A CA  1 
ATOM   441 C C   . VAL A 1 58 ? -8.507  4.153   -1.393  1.00 55.68  ? 335 VAL A C   1 
ATOM   442 O O   . VAL A 1 58 ? -8.547  5.223   -2.015  1.00 47.08  ? 335 VAL A O   1 
ATOM   443 C CB  . VAL A 1 58 ? -8.926  4.161   1.113   1.00 50.66  ? 335 VAL A CB  1 
ATOM   444 C CG1 . VAL A 1 58 ? -8.271  5.528   1.136   1.00 50.73  ? 335 VAL A CG1 1 
ATOM   445 C CG2 . VAL A 1 58 ? -10.012 4.067   2.175   1.00 55.79  ? 335 VAL A CG2 1 
ATOM   446 N N   . LEU A 1 59 ? -7.597  3.213   -1.662  1.00 44.86  ? 336 LEU A N   1 
ATOM   447 C CA  . LEU A 1 59 ? -6.554  3.441   -2.658  1.00 45.00  ? 336 LEU A CA  1 
ATOM   448 C C   . LEU A 1 59 ? -7.137  3.581   -4.058  1.00 44.44  ? 336 LEU A C   1 
ATOM   449 O O   . LEU A 1 59 ? -6.699  4.437   -4.836  1.00 49.85  ? 336 LEU A O   1 
ATOM   450 C CB  . LEU A 1 59 ? -5.536  2.304   -2.614  1.00 39.94  ? 336 LEU A CB  1 
ATOM   451 C CG  . LEU A 1 59 ? -4.685  2.257   -1.348  1.00 41.63  ? 336 LEU A CG  1 
ATOM   452 C CD1 . LEU A 1 59 ? -3.779  1.034   -1.340  1.00 39.80  ? 336 LEU A CD1 1 
ATOM   453 C CD2 . LEU A 1 59 ? -3.874  3.532   -1.230  1.00 37.81  ? 336 LEU A CD2 1 
ATOM   454 N N   . LYS A 1 60 ? -8.116  2.743   -4.402  1.00 45.91  ? 337 LYS A N   1 
ATOM   455 C CA  . LYS A 1 60 ? -8.727  2.833   -5.722  1.00 52.44  ? 337 LYS A CA  1 
ATOM   456 C C   . LYS A 1 60 ? -9.525  4.116   -5.906  1.00 51.03  ? 337 LYS A C   1 
ATOM   457 O O   . LYS A 1 60 ? -9.749  4.534   -7.047  1.00 53.51  ? 337 LYS A O   1 
ATOM   458 C CB  . LYS A 1 60 ? -9.583  1.598   -5.999  1.00 49.45  ? 337 LYS A CB  1 
ATOM   459 C CG  . LYS A 1 60 ? -8.757  0.354   -6.274  1.00 50.36  ? 337 LYS A CG  1 
ATOM   460 C CD  . LYS A 1 60 ? -9.631  -0.868  -6.469  1.00 63.97  ? 337 LYS A CD  1 
ATOM   461 C CE  . LYS A 1 60 ? -8.815  -2.045  -6.977  1.00 69.97  ? 337 LYS A CE  1 
ATOM   462 N NZ  . LYS A 1 60 ? -8.226  -1.774  -8.319  1.00 75.72  ? 337 LYS A NZ  1 
ATOM   463 N N   . GLY A 1 61 ? -9.950  4.752   -4.818  1.00 51.89  ? 338 GLY A N   1 
ATOM   464 C CA  . GLY A 1 61 ? -10.606 6.037   -4.915  1.00 55.36  ? 338 GLY A CA  1 
ATOM   465 C C   . GLY A 1 61 ? -9.687  7.210   -5.156  1.00 56.04  ? 338 GLY A C   1 
ATOM   466 O O   . GLY A 1 61 ? -10.164 8.335   -5.329  1.00 61.88  ? 338 GLY A O   1 
ATOM   467 N N   . LEU A 1 62 ? -8.377  6.981   -5.186  1.00 52.18  ? 339 LEU A N   1 
ATOM   468 C CA  . LEU A 1 62 ? -7.396  8.052   -5.313  1.00 55.59  ? 339 LEU A CA  1 
ATOM   469 C C   . LEU A 1 62 ? -7.101  8.437   -6.757  1.00 56.19  ? 339 LEU A C   1 
ATOM   470 O O   . LEU A 1 62 ? -6.308  9.355   -6.985  1.00 57.24  ? 339 LEU A O   1 
ATOM   471 C CB  . LEU A 1 62 ? -6.095  7.668   -4.600  1.00 48.81  ? 339 LEU A CB  1 
ATOM   472 C CG  . LEU A 1 62 ? -6.206  7.438   -3.093  1.00 47.19  ? 339 LEU A CG  1 
ATOM   473 C CD1 . LEU A 1 62 ? -4.844  7.116   -2.496  1.00 48.93  ? 339 LEU A CD1 1 
ATOM   474 C CD2 . LEU A 1 62 ? -6.818  8.651   -2.417  1.00 48.00  ? 339 LEU A CD2 1 
ATOM   475 N N   . GLY A 1 63 ? -7.705  7.762   -7.732  1.00 55.16  ? 340 GLY A N   1 
ATOM   476 C CA  . GLY A 1 63 ? -7.509  8.142   -9.118  1.00 59.29  ? 340 GLY A CA  1 
ATOM   477 C C   . GLY A 1 63 ? -6.231  7.572   -9.714  1.00 59.19  ? 340 GLY A C   1 
ATOM   478 O O   . GLY A 1 63 ? -5.772  6.486   -9.354  1.00 60.23  ? 340 GLY A O   1 
ATOM   479 N N   . MET A 1 64 ? -5.652  8.329   -10.642 1.00 61.55  ? 341 MET A N   1 
ATOM   480 C CA  . MET A 1 64 ? -4.499  7.880   -11.410 1.00 63.44  ? 341 MET A CA  1 
ATOM   481 C C   . MET A 1 64 ? -3.195  8.295   -10.745 1.00 62.00  ? 341 MET A C   1 
ATOM   482 O O   . MET A 1 64 ? -3.079  9.401   -10.209 1.00 65.83  ? 341 MET A O   1 
ATOM   483 C CB  . MET A 1 64 ? -4.534  8.471   -12.818 1.00 70.86  ? 341 MET A CB  1 
ATOM   484 C CG  . MET A 1 64 ? -5.303  7.654   -13.830 1.00 77.44  ? 341 MET A CG  1 
ATOM   485 S SD  . MET A 1 64 ? -4.990  8.265   -15.493 1.00 84.54  ? 341 MET A SD  1 
ATOM   486 C CE  . MET A 1 64 ? -3.204  8.118   -15.566 1.00 77.49  ? 341 MET A CE  1 
ATOM   487 N N   . ASN A 1 65 ? -2.213  7.400   -10.808 1.00 59.43  ? 342 ASN A N   1 
ATOM   488 C CA  . ASN A 1 65 ? -0.848  7.667   -10.367 1.00 67.53  ? 342 ASN A CA  1 
ATOM   489 C C   . ASN A 1 65 ? -0.751  8.362   -9.004  1.00 61.86  ? 342 ASN A C   1 
ATOM   490 O O   . ASN A 1 65 ? -0.238  9.481   -8.909  1.00 65.88  ? 342 ASN A O   1 
ATOM   491 C CB  . ASN A 1 65 ? -0.079  8.444   -11.426 1.00 72.85  ? 342 ASN A CB  1 
ATOM   492 C CG  . ASN A 1 65 ? -0.097  7.760   -12.779 1.00 79.69  ? 342 ASN A CG  1 
ATOM   493 O OD1 . ASN A 1 65 ? -0.122  6.532   -12.866 1.00 81.63  ? 342 ASN A OD1 1 
ATOM   494 N ND2 . ASN A 1 65 ? -0.088  8.553   -13.844 1.00 81.84  ? 342 ASN A ND2 1 
ATOM   495 N N   . PRO A 1 66 ? -1.237  7.731   -7.934  1.00 60.09  ? 343 PRO A N   1 
ATOM   496 C CA  . PRO A 1 66 ? -1.105  8.341   -6.605  1.00 55.83  ? 343 PRO A CA  1 
ATOM   497 C C   . PRO A 1 66 ? 0.307   8.136   -6.076  1.00 55.10  ? 343 PRO A C   1 
ATOM   498 O O   . PRO A 1 66 ? 0.863   7.039   -6.166  1.00 48.14  ? 343 PRO A O   1 
ATOM   499 C CB  . PRO A 1 66 ? -2.126  7.573   -5.753  1.00 53.50  ? 343 PRO A CB  1 
ATOM   500 C CG  . PRO A 1 66 ? -2.936  6.749   -6.726  1.00 62.05  ? 343 PRO A CG  1 
ATOM   501 C CD  . PRO A 1 66 ? -2.023  6.488   -7.874  1.00 58.61  ? 343 PRO A CD  1 
ATOM   502 N N   . THR A 1 67 ? 0.888   9.199   -5.528  1.00 56.99  ? 344 THR A N   1 
ATOM   503 C CA  . THR A 1 67 ? 2.201   9.079   -4.917  1.00 48.72  ? 344 THR A CA  1 
ATOM   504 C C   . THR A 1 67 ? 2.106   8.267   -3.629  1.00 45.62  ? 344 THR A C   1 
ATOM   505 O O   . THR A 1 67 ? 1.024   8.055   -3.073  1.00 40.57  ? 344 THR A O   1 
ATOM   506 C CB  . THR A 1 67 ? 2.780   10.460  -4.605  1.00 48.45  ? 344 THR A CB  1 
ATOM   507 O OG1 . THR A 1 67 ? 2.032   11.066  -3.544  1.00 51.53  ? 344 THR A OG1 1 
ATOM   508 C CG2 . THR A 1 67 ? 2.722   11.352  -5.836  1.00 50.93  ? 344 THR A CG2 1 
ATOM   509 N N   . LEU A 1 68 ? 3.266   7.804   -3.157  1.00 40.96  ? 345 LEU A N   1 
ATOM   510 C CA  . LEU A 1 68 ? 3.294   7.041   -1.914  1.00 34.58  ? 345 LEU A CA  1 
ATOM   511 C C   . LEU A 1 68 ? 2.773   7.871   -0.747  1.00 37.25  ? 345 LEU A C   1 
ATOM   512 O O   . LEU A 1 68 ? 2.040   7.359   0.108   1.00 38.90  ? 345 LEU A O   1 
ATOM   513 C CB  . LEU A 1 68 ? 4.708   6.531   -1.637  1.00 35.62  ? 345 LEU A CB  1 
ATOM   514 C CG  . LEU A 1 68 ? 4.866   5.674   -0.380  1.00 35.90  ? 345 LEU A CG  1 
ATOM   515 C CD1 . LEU A 1 68 ? 3.828   4.561   -0.357  1.00 36.87  ? 345 LEU A CD1 1 
ATOM   516 C CD2 . LEU A 1 68 ? 6.272   5.100   -0.295  1.00 34.77  ? 345 LEU A CD2 1 
ATOM   517 N N   . GLU A 1 69 ? 3.127   9.158   -0.700  1.00 38.55  ? 346 GLU A N   1 
ATOM   518 C CA  . GLU A 1 69 ? 2.651   10.012  0.384   1.00 43.51  ? 346 GLU A CA  1 
ATOM   519 C C   . GLU A 1 69 ? 1.133   10.145  0.361   1.00 44.12  ? 346 GLU A C   1 
ATOM   520 O O   . GLU A 1 69 ? 0.486   10.129  1.415   1.00 44.73  ? 346 GLU A O   1 
ATOM   521 C CB  . GLU A 1 69 ? 3.324   11.384  0.316   1.00 56.07  ? 346 GLU A CB  1 
ATOM   522 C CG  . GLU A 1 69 ? 2.734   12.405  1.279   1.00 67.54  ? 346 GLU A CG  1 
ATOM   523 C CD  . GLU A 1 69 ? 3.689   13.541  1.585   1.00 77.19  ? 346 GLU A CD  1 
ATOM   524 O OE1 . GLU A 1 69 ? 4.916   13.307  1.575   1.00 79.43  ? 346 GLU A OE1 1 
ATOM   525 O OE2 . GLU A 1 69 ? 3.213   14.667  1.838   1.00 79.79  ? 346 GLU A OE2 1 
ATOM   526 N N   . GLU A 1 70 ? 0.545   10.270  -0.831  1.00 42.17  ? 347 GLU A N   1 
ATOM   527 C CA  . GLU A 1 70 ? -0.909  10.356  -0.927  1.00 43.83  ? 347 GLU A CA  1 
ATOM   528 C C   . GLU A 1 70 ? -1.572  9.060   -0.471  1.00 40.38  ? 347 GLU A C   1 
ATOM   529 O O   . GLU A 1 70 ? -2.626  9.090   0.174   1.00 39.35  ? 347 GLU A O   1 
ATOM   530 C CB  . GLU A 1 70 ? -1.323  10.718  -2.354  1.00 52.74  ? 347 GLU A CB  1 
ATOM   531 C CG  . GLU A 1 70 ? -0.931  12.128  -2.770  1.00 55.53  ? 347 GLU A CG  1 
ATOM   532 C CD  . GLU A 1 70 ? -1.140  12.384  -4.250  1.00 65.82  ? 347 GLU A CD  1 
ATOM   533 O OE1 . GLU A 1 70 ? -1.372  11.411  -4.998  1.00 66.90  ? 347 GLU A OE1 1 
ATOM   534 O OE2 . GLU A 1 70 ? -1.072  13.560  -4.667  1.00 71.36  ? 347 GLU A OE2 1 
ATOM   535 N N   . MET A 1 71 ? -0.965  7.914   -0.791  1.00 36.05  ? 348 MET A N   1 
ATOM   536 C CA  . MET A 1 71 ? -1.502  6.638   -0.327  1.00 34.69  ? 348 MET A CA  1 
ATOM   537 C C   . MET A 1 71 ? -1.400  6.521   1.190   1.00 36.52  ? 348 MET A C   1 
ATOM   538 O O   . MET A 1 71 ? -2.356  6.108   1.856   1.00 37.30  ? 348 MET A O   1 
ATOM   539 C CB  . MET A 1 71 ? -0.763  5.480   -1.000  1.00 33.55  ? 348 MET A CB  1 
ATOM   540 C CG  . MET A 1 71 ? -0.984  5.362   -2.499  1.00 40.70  ? 348 MET A CG  1 
ATOM   541 S SD  . MET A 1 71 ? -0.064  3.979   -3.204  1.00 45.56  ? 348 MET A SD  1 
ATOM   542 C CE  . MET A 1 71 ? -0.646  4.007   -4.898  1.00 49.76  ? 348 MET A CE  1 
ATOM   543 N N   . LEU A 1 72 ? -0.240  6.876   1.750   1.00 33.83  ? 349 LEU A N   1 
ATOM   544 C CA  . LEU A 1 72 ? -0.058  6.801   3.196   1.00 33.77  ? 349 LEU A CA  1 
ATOM   545 C C   . LEU A 1 72 ? -1.015  7.738   3.922   1.00 35.24  ? 349 LEU A C   1 
ATOM   546 O O   . LEU A 1 72 ? -1.561  7.388   4.974   1.00 38.70  ? 349 LEU A O   1 
ATOM   547 C CB  . LEU A 1 72 ? 1.393   7.122   3.556   1.00 33.93  ? 349 LEU A CB  1 
ATOM   548 C CG  . LEU A 1 72 ? 2.426   6.049   3.209   1.00 41.04  ? 349 LEU A CG  1 
ATOM   549 C CD1 . LEU A 1 72 ? 3.839   6.600   3.309   1.00 35.95  ? 349 LEU A CD1 1 
ATOM   550 C CD2 . LEU A 1 72 ? 2.260   4.846   4.123   1.00 32.15  ? 349 LEU A CD2 1 
ATOM   551 N N   . THR A 1 73 ? -1.235  8.933   3.369   1.00 36.87  ? 350 THR A N   1 
ATOM   552 C CA  . THR A 1 73 ? -2.168  9.875   3.976   1.00 38.84  ? 350 THR A CA  1 
ATOM   553 C C   . THR A 1 73 ? -3.589  9.324   3.957   1.00 42.44  ? 350 THR A C   1 
ATOM   554 O O   . THR A 1 73 ? -4.295  9.356   4.973   1.00 45.78  ? 350 THR A O   1 
ATOM   555 C CB  . THR A 1 73 ? -2.104  11.211  3.234   1.00 41.21  ? 350 THR A CB  1 
ATOM   556 O OG1 . THR A 1 73 ? -0.773  11.737  3.308   1.00 52.69  ? 350 THR A OG1 1 
ATOM   557 C CG2 . THR A 1 73 ? -3.081  12.212  3.839   1.00 43.84  ? 350 THR A CG2 1 
ATOM   558 N N   . ALA A 1 74 ? -4.020  8.804   2.806   1.00 38.09  ? 351 ALA A N   1 
ATOM   559 C CA  . ALA A 1 74 ? -5.394  8.336   2.665   1.00 41.72  ? 351 ALA A CA  1 
ATOM   560 C C   . ALA A 1 74 ? -5.676  7.113   3.526   1.00 36.88  ? 351 ALA A C   1 
ATOM   561 O O   . ALA A 1 74 ? -6.809  6.931   3.988   1.00 37.48  ? 351 ALA A O   1 
ATOM   562 C CB  . ALA A 1 74 ? -5.692  8.032   1.197   1.00 40.10  ? 351 ALA A CB  1 
ATOM   563 N N   . CYS A 1 75 ? -4.673  6.271   3.758   1.00 38.41  ? 352 CYS A N   1 
ATOM   564 C CA  . CYS A 1 75 ? -4.865  5.023   4.482   1.00 42.16  ? 352 CYS A CA  1 
ATOM   565 C C   . CYS A 1 75 ? -4.536  5.121   5.965   1.00 34.48  ? 352 CYS A C   1 
ATOM   566 O O   . CYS A 1 75 ? -4.647  4.114   6.671   1.00 34.11  ? 352 CYS A O   1 
ATOM   567 C CB  . CYS A 1 75 ? -4.050  3.902   3.834   1.00 40.55  ? 352 CYS A CB  1 
ATOM   568 S SG  . CYS A 1 75 ? -4.700  3.327   2.253   1.00 39.83  ? 352 CYS A SG  1 
ATOM   569 N N   . GLN A 1 76 ? -4.144  6.297   6.455   1.00 37.62  ? 353 GLN A N   1 
ATOM   570 C CA  . GLN A 1 76 ? -3.813  6.450   7.867   1.00 39.09  ? 353 GLN A CA  1 
ATOM   571 C C   . GLN A 1 76 ? -5.025  6.137   8.733   1.00 43.32  ? 353 GLN A C   1 
ATOM   572 O O   . GLN A 1 76 ? -6.060  6.805   8.639   1.00 38.52  ? 353 GLN A O   1 
ATOM   573 C CB  . GLN A 1 76 ? -3.333  7.874   8.144   1.00 37.91  ? 353 GLN A CB  1 
ATOM   574 C CG  . GLN A 1 76 ? -2.995  8.122   9.610   1.00 49.88  ? 353 GLN A CG  1 
ATOM   575 C CD  . GLN A 1 76 ? -2.655  9.570   9.904   1.00 61.03  ? 353 GLN A CD  1 
ATOM   576 O OE1 . GLN A 1 76 ? -2.992  10.469  9.134   1.00 67.37  ? 353 GLN A OE1 1 
ATOM   577 N NE2 . GLN A 1 76 ? -1.979  9.804   11.024  1.00 66.03  ? 353 GLN A NE2 1 
ATOM   578 N N   . GLY A 1 77 ? -4.892  5.120   9.585   1.00 38.77  ? 354 GLY A N   1 
ATOM   579 C CA  . GLY A 1 77 ? -5.960  4.704   10.465  1.00 40.96  ? 354 GLY A CA  1 
ATOM   580 C C   . GLY A 1 77 ? -7.012  3.821   9.833   1.00 40.91  ? 354 GLY A C   1 
ATOM   581 O O   . GLY A 1 77 ? -7.832  3.248   10.561  1.00 46.81  ? 354 GLY A O   1 
ATOM   582 N N   . VAL A 1 78 ? -7.015  3.687   8.506   1.00 40.14  ? 355 VAL A N   1 
ATOM   583 C CA  . VAL A 1 78 ? -8.019  2.880   7.824   1.00 45.66  ? 355 VAL A CA  1 
ATOM   584 C C   . VAL A 1 78 ? -7.827  1.415   8.187   1.00 50.62  ? 355 VAL A C   1 
ATOM   585 O O   . VAL A 1 78 ? -6.704  0.893   8.166   1.00 50.73  ? 355 VAL A O   1 
ATOM   586 C CB  . VAL A 1 78 ? -7.940  3.105   6.307   1.00 44.50  ? 355 VAL A CB  1 
ATOM   587 C CG1 . VAL A 1 78 ? -8.905  2.183   5.575   1.00 50.62  ? 355 VAL A CG1 1 
ATOM   588 C CG2 . VAL A 1 78 ? -8.235  4.561   5.976   1.00 39.21  ? 355 VAL A CG2 1 
ATOM   589 N N   . GLY A 1 79 ? -8.926  0.742   8.522   1.00 49.18  ? 356 GLY A N   1 
ATOM   590 C CA  . GLY A 1 79 ? -8.880  -0.625  8.988   1.00 59.37  ? 356 GLY A CA  1 
ATOM   591 C C   . GLY A 1 79 ? -8.990  -0.779  10.488  1.00 66.47  ? 356 GLY A C   1 
ATOM   592 O O   . GLY A 1 79 ? -8.937  -1.911  10.983  1.00 71.33  ? 356 GLY A O   1 
ATOM   593 N N   . GLY A 1 80 ? -9.132  0.320   11.222  1.00 70.74  ? 357 GLY A N   1 
ATOM   594 C CA  . GLY A 1 80 ? -9.309  0.279   12.652  1.00 72.50  ? 357 GLY A CA  1 
ATOM   595 C C   . GLY A 1 80 ? -10.097 1.477   13.140  1.00 72.80  ? 357 GLY A C   1 
ATOM   596 O O   . GLY A 1 80 ? -10.680 2.229   12.351  1.00 71.34  ? 357 GLY A O   1 
ATOM   597 N N   . PRO A 1 81 ? -10.132 1.680   14.458  1.00 70.45  ? 358 PRO A N   1 
ATOM   598 C CA  . PRO A 1 81 ? -10.848 2.833   15.017  1.00 69.29  ? 358 PRO A CA  1 
ATOM   599 C C   . PRO A 1 81 ? -10.084 4.143   14.919  1.00 65.14  ? 358 PRO A C   1 
ATOM   600 O O   . PRO A 1 81 ? -10.639 5.189   15.273  1.00 66.72  ? 358 PRO A O   1 
ATOM   601 C CB  . PRO A 1 81 ? -11.035 2.427   16.485  1.00 72.51  ? 358 PRO A CB  1 
ATOM   602 C CG  . PRO A 1 81 ? -9.830  1.599   16.777  1.00 73.92  ? 358 PRO A CG  1 
ATOM   603 C CD  . PRO A 1 81 ? -9.522  0.845   15.507  1.00 70.97  ? 358 PRO A CD  1 
ATOM   604 N N   . GLY A 1 82 ? -8.837  4.117   14.443  1.00 59.15  ? 359 GLY A N   1 
ATOM   605 C CA  . GLY A 1 82 ? -8.029  5.322   14.433  1.00 57.83  ? 359 GLY A CA  1 
ATOM   606 C C   . GLY A 1 82 ? -8.455  6.339   13.394  1.00 50.07  ? 359 GLY A C   1 
ATOM   607 O O   . GLY A 1 82 ? -8.280  7.544   13.596  1.00 57.20  ? 359 GLY A O   1 
ATOM   608 N N   . GLN A 1 83 ? -9.015  5.879   12.273  1.00 43.49  ? 360 GLN A N   1 
ATOM   609 C CA  . GLN A 1 83 ? -9.417  6.803   11.217  1.00 46.63  ? 360 GLN A CA  1 
ATOM   610 C C   . GLN A 1 83 ? -10.552 7.724   11.647  1.00 46.25  ? 360 GLN A C   1 
ATOM   611 O O   . GLN A 1 83 ? -10.743 8.777   11.030  1.00 53.97  ? 360 GLN A O   1 
ATOM   612 C CB  . GLN A 1 83 ? -9.825  6.037   9.959   1.00 51.25  ? 360 GLN A CB  1 
ATOM   613 C CG  . GLN A 1 83 ? -11.069 5.188   10.133  1.00 52.77  ? 360 GLN A CG  1 
ATOM   614 C CD  . GLN A 1 83 ? -11.599 4.663   8.818   1.00 54.99  ? 360 GLN A CD  1 
ATOM   615 O OE1 . GLN A 1 83 ? -11.192 5.113   7.747   1.00 52.71  ? 360 GLN A OE1 1 
ATOM   616 N NE2 . GLN A 1 83 ? -12.513 3.704   8.890   1.00 59.66  ? 360 GLN A NE2 1 
ATOM   617 N N   . LYS A 1 84 ? -11.306 7.356   12.685  1.00 44.51  ? 361 LYS A N   1 
ATOM   618 C CA  . LYS A 1 84 ? -12.406 8.196   13.145  1.00 46.88  ? 361 LYS A CA  1 
ATOM   619 C C   . LYS A 1 84 ? -11.926 9.521   13.721  1.00 56.15  ? 361 LYS A C   1 
ATOM   620 O O   . LYS A 1 84 ? -12.734 10.444  13.873  1.00 57.78  ? 361 LYS A O   1 
ATOM   621 C CB  . LYS A 1 84 ? -13.252 7.447   14.174  1.00 47.63  ? 361 LYS A CB  1 
ATOM   622 C CG  . LYS A 1 84 ? -13.904 6.185   13.635  1.00 49.51  ? 361 LYS A CG  1 
ATOM   623 C CD  . LYS A 1 84 ? -14.829 6.498   12.470  1.00 53.90  ? 361 LYS A CD  1 
ATOM   624 C CE  . LYS A 1 84 ? -15.450 5.231   11.905  1.00 57.88  ? 361 LYS A CE  1 
ATOM   625 N NZ  . LYS A 1 84 ? -16.371 5.518   10.771  1.00 57.55  ? 361 LYS A NZ  1 
ATOM   626 N N   . ALA A 1 85 ? -10.635 9.638   14.043  1.00 53.63  ? 362 ALA A N   1 
ATOM   627 C CA  . ALA A 1 85 ? -10.100 10.904  14.529  1.00 57.07  ? 362 ALA A CA  1 
ATOM   628 C C   . ALA A 1 85 ? -10.180 12.005  13.479  1.00 59.48  ? 362 ALA A C   1 
ATOM   629 O O   . ALA A 1 85 ? -10.101 13.186  13.830  1.00 64.46  ? 362 ALA A O   1 
ATOM   630 C CB  . ALA A 1 85 ? -8.655  10.726  15.001  1.00 57.89  ? 362 ALA A CB  1 
ATOM   631 N N   . ARG A 1 86 ? -10.332 11.645  12.201  1.00 55.66  ? 363 ARG A N   1 
ATOM   632 C CA  . ARG A 1 86 ? -10.527 12.658  11.170  1.00 56.84  ? 363 ARG A CA  1 
ATOM   633 C C   . ARG A 1 86 ? -11.844 13.398  11.356  1.00 55.61  ? 363 ARG A C   1 
ATOM   634 O O   . ARG A 1 86 ? -11.930 14.594  11.058  1.00 60.55  ? 363 ARG A O   1 
ATOM   635 C CB  . ARG A 1 86 ? -10.518 12.012  9.785   1.00 54.19  ? 363 ARG A CB  1 
ATOM   636 C CG  . ARG A 1 86 ? -9.305  11.164  9.464   1.00 47.27  ? 363 ARG A CG  1 
ATOM   637 C CD  . ARG A 1 86 ? -9.530  10.457  8.138   1.00 45.50  ? 363 ARG A CD  1 
ATOM   638 N NE  . ARG A 1 86 ? -8.467  9.522   7.794   1.00 42.84  ? 363 ARG A NE  1 
ATOM   639 C CZ  . ARG A 1 86 ? -8.486  8.742   6.723   1.00 51.83  ? 363 ARG A CZ  1 
ATOM   640 N NH1 . ARG A 1 86 ? -7.483  7.923   6.445   1.00 45.49  ? 363 ARG A NH1 1 
ATOM   641 N NH2 . ARG A 1 86 ? -9.536  8.783   5.907   1.00 42.26  ? 363 ARG A NH2 1 
ATOM   642 N N   . LEU A 1 87 ? -12.875 12.709  11.843  1.00 55.14  ? 364 LEU A N   1 
ATOM   643 C CA  . LEU A 1 87 ? -14.219 13.262  11.940  1.00 62.55  ? 364 LEU A CA  1 
ATOM   644 C C   . LEU A 1 87 ? -14.412 14.173  13.146  1.00 65.41  ? 364 LEU A C   1 
ATOM   645 O O   . LEU A 1 87 ? -15.549 14.571  13.422  1.00 69.50  ? 364 LEU A O   1 
ATOM   646 C CB  . LEU A 1 87 ? -15.254 12.133  11.970  1.00 62.34  ? 364 LEU A CB  1 
ATOM   647 C CG  . LEU A 1 87 ? -15.200 11.121  10.823  1.00 59.19  ? 364 LEU A CG  1 
ATOM   648 C CD1 . LEU A 1 87 ? -16.273 10.056  10.996  1.00 61.31  ? 364 LEU A CD1 1 
ATOM   649 C CD2 . LEU A 1 87 ? -15.339 11.816  9.477   1.00 54.84  ? 364 LEU A CD2 1 
ATOM   650 N N   . MET A 1 88 ? -13.346 14.513  13.864  1.00 69.52  ? 365 MET A N   1 
ATOM   651 C CA  . MET A 1 88 ? -13.464 15.359  15.046  1.00 80.25  ? 365 MET A CA  1 
ATOM   652 C C   . MET A 1 88 ? -12.127 15.985  15.427  1.00 88.76  ? 365 MET A C   1 
ATOM   653 O O   . MET A 1 88 ? -11.061 15.498  15.050  1.00 88.89  ? 365 MET A O   1 
ATOM   654 C CB  . MET A 1 88 ? -14.032 14.555  16.219  1.00 76.65  ? 365 MET A CB  1 
ATOM   655 C CG  . MET A 1 88 ? -13.269 13.276  16.519  1.00 71.99  ? 365 MET A CG  1 
ATOM   656 S SD  . MET A 1 88 ? -14.342 11.967  17.143  1.00 73.33  ? 365 MET A SD  1 
ATOM   657 C CE  . MET A 1 88 ? -15.357 11.645  15.703  1.00 69.45  ? 365 MET A CE  1 
ATOM   658 O OXT . MET A 1 88 ? -12.081 17.002  16.119  1.00 96.09  ? 365 MET A OXT 1 
HETATM 659 O O   . HOH B 2 .  ? 12.833  2.609   -3.860  1.00 50.81  ? 401 HOH A O   1 
HETATM 660 O O   . HOH B 2 .  ? 9.445   -8.105  3.192   1.00 47.47  ? 402 HOH A O   1 
HETATM 661 O O   . HOH B 2 .  ? -9.789  -7.231  -4.382  1.00 49.12  ? 403 HOH A O   1 
HETATM 662 O O   . HOH B 2 .  ? 14.249  -10.333 -8.553  1.00 61.06  ? 404 HOH A O   1 
HETATM 663 O O   . HOH B 2 .  ? -4.020  11.234  -0.028  1.00 39.59  ? 405 HOH A O   1 
HETATM 664 O O   . HOH B 2 .  ? -10.143 7.164   -1.337  1.00 35.16  ? 406 HOH A O   1 
HETATM 665 O O   . HOH B 2 .  ? -6.559  9.393   9.597   1.00 42.85  ? 407 HOH A O   1 
HETATM 666 O O   . HOH B 2 .  ? 5.962   -3.913  9.261   1.00 44.92  ? 408 HOH A O   1 
HETATM 667 O O   . HOH B 2 .  ? -5.531  -1.790  7.940   1.00 42.98  ? 409 HOH A O   1 
HETATM 668 O O   . HOH B 2 .  ? -4.106  -8.173  1.463   1.00 34.19  ? 410 HOH A O   1 
HETATM 669 O O   . HOH B 2 .  ? -4.097  1.498   7.616   1.00 33.37  ? 411 HOH A O   1 
HETATM 670 O O   . HOH B 2 .  ? -2.846  3.396   10.153  1.00 43.07  ? 412 HOH A O   1 
HETATM 671 O O   . HOH B 2 .  ? -9.508  7.377   3.524   1.00 37.04  ? 413 HOH A O   1 
HETATM 672 O O   . HOH B 2 .  ? -2.134  -10.659 -6.046  1.00 44.88  ? 414 HOH A O   1 
HETATM 673 O O   . HOH B 2 .  ? -5.262  -8.742  -2.014  1.00 65.93  ? 415 HOH A O   1 
HETATM 674 O O   . HOH B 2 .  ? -6.800  2.406   13.244  1.00 51.26  ? 416 HOH A O   1 
HETATM 675 O O   . HOH B 2 .  ? -0.810  3.389   8.312   1.00 38.34  ? 417 HOH A O   1 
HETATM 676 O O   . HOH B 2 .  ? -7.091  11.829  -5.374  1.00 44.49  ? 418 HOH A O   1 
HETATM 677 O O   . HOH B 2 .  ? 5.617   9.974   -2.289  1.00 51.32  ? 419 HOH A O   1 
HETATM 678 O O   . HOH B 2 .  ? 5.908   7.929   -4.775  1.00 50.02  ? 420 HOH A O   1 
HETATM 679 O O   . HOH B 2 .  ? -11.384 6.591   4.441   1.00 39.78  ? 421 HOH A O   1 
HETATM 680 O O   . HOH B 2 .  ? 12.672  2.390   8.157   1.00 46.98  ? 422 HOH A O   1 
HETATM 681 O O   . HOH B 2 .  ? 2.505   -18.892 -1.051  1.00 57.90  ? 423 HOH A O   1 
HETATM 682 O O   . HOH B 2 .  ? -0.238  -5.386  13.101  1.00 49.25  ? 424 HOH A O   1 
HETATM 683 O O   . HOH B 2 .  ? 2.024   13.347  -8.734  1.00 64.07  ? 425 HOH A O   1 
# 
loop_
_atom_site_anisotrop.id 
_atom_site_anisotrop.type_symbol 
_atom_site_anisotrop.pdbx_label_atom_id 
_atom_site_anisotrop.pdbx_label_alt_id 
_atom_site_anisotrop.pdbx_label_comp_id 
_atom_site_anisotrop.pdbx_label_asym_id 
_atom_site_anisotrop.pdbx_label_seq_id 
_atom_site_anisotrop.pdbx_PDB_ins_code 
_atom_site_anisotrop.U[1][1] 
_atom_site_anisotrop.U[2][2] 
_atom_site_anisotrop.U[3][3] 
_atom_site_anisotrop.U[1][2] 
_atom_site_anisotrop.U[1][3] 
_atom_site_anisotrop.U[2][3] 
_atom_site_anisotrop.pdbx_auth_seq_id 
_atom_site_anisotrop.pdbx_auth_comp_id 
_atom_site_anisotrop.pdbx_auth_asym_id 
_atom_site_anisotrop.pdbx_auth_atom_id 
1   N N   . THR A 5  ? 1.0361 1.1335 0.8017 0.3436  -0.1361 -0.1582 282 THR A N   
2   C CA  . THR A 5  ? 1.0408 1.0323 0.7823 0.3107  -0.1481 -0.1571 282 THR A CA  
3   C C   . THR A 5  ? 0.9558 0.8795 0.6744 0.2898  -0.1308 -0.1365 282 THR A C   
4   O O   . THR A 5  ? 0.9318 0.7815 0.6614 0.2312  -0.1174 -0.1328 282 THR A O   
5   C CB  . THR A 5  ? 1.1936 1.0535 0.8611 0.3279  -0.1387 -0.1531 282 THR A CB  
6   O OG1 . THR A 5  ? 1.3343 1.0947 0.8921 0.3839  -0.1221 -0.1268 282 THR A OG1 
7   C CG2 . THR A 5  ? 1.1791 1.1121 0.8739 0.3449  -0.1567 -0.1615 282 THR A CG2 
8   N N   . ASN A 6  ? 0.9039 0.8686 0.5930 0.3362  -0.1305 -0.1246 283 ASN A N   
9   C CA  . ASN A 6  ? 0.8879 0.7959 0.5574 0.3179  -0.1136 -0.1030 283 ASN A CA  
10  C C   . ASN A 6  ? 0.7381 0.7053 0.5000 0.2395  -0.1133 -0.1074 283 ASN A C   
11  O O   . ASN A 6  ? 0.7557 0.6627 0.5117 0.2058  -0.0973 -0.0926 283 ASN A O   
12  C CB  . ASN A 6  ? 0.9875 0.9532 0.6114 0.3882  -0.1161 -0.0917 283 ASN A CB  
13  C CG  . ASN A 6  ? 0.9619 1.1012 0.6817 0.3712  -0.1089 -0.1179 283 ASN A CG  
14  O OD1 . ASN A 6  ? 0.9379 1.1528 0.7423 0.3089  -0.1066 -0.1252 283 ASN A OD1 
15  N ND2 . ASN A 6  ? 1.0642 1.2493 0.7583 0.4191  -0.1002 -0.1265 283 ASN A ND2 
16  N N   . ILE A 7  ? 0.6440 0.7196 0.4788 0.2131  -0.1269 -0.1275 284 ILE A N   
17  C CA  . ILE A 7  ? 0.5217 0.6394 0.4219 0.1538  -0.1217 -0.1295 284 ILE A CA  
18  C C   . ILE A 7  ? 0.4991 0.5418 0.4121 0.1096  -0.1118 -0.1227 284 ILE A C   
19  O O   . ILE A 7  ? 0.5379 0.5903 0.4801 0.0753  -0.1020 -0.1145 284 ILE A O   
20  C CB  . ILE A 7  ? 0.4742 0.6608 0.4353 0.1266  -0.1060 -0.1361 284 ILE A CB  
21  C CG1 . ILE A 7  ? 0.4876 0.6861 0.4817 0.0821  -0.0895 -0.1287 284 ILE A CG1 
22  C CG2 . ILE A 7  ? 0.4000 0.5649 0.3709 0.1251  -0.1114 -0.1441 284 ILE A CG2 
23  C CD1 . ILE A 7  ? 0.5021 0.7282 0.4894 0.0783  -0.0810 -0.1234 284 ILE A CD1 
24  N N   . LEU A 8  ? 0.5399 0.5156 0.4268 0.1084  -0.1122 -0.1288 285 LEU A N   
25  C CA  . LEU A 8  ? 0.5711 0.4988 0.4668 0.0569  -0.1006 -0.1314 285 LEU A CA  
26  C C   . LEU A 8  ? 0.6253 0.4756 0.4781 0.0362  -0.0780 -0.1166 285 LEU A C   
27  O O   . LEU A 8  ? 0.5898 0.4410 0.4642 -0.0176 -0.0661 -0.1220 285 LEU A O   
28  C CB  . LEU A 8  ? 0.6704 0.5400 0.5350 0.0530  -0.1013 -0.1469 285 LEU A CB  
29  C CG  . LEU A 8  ? 0.6241 0.5671 0.5362 0.0586  -0.1213 -0.1647 285 LEU A CG  
30  C CD1 . LEU A 8  ? 0.6662 0.5361 0.5316 0.0619  -0.1198 -0.1787 285 LEU A CD1 
31  C CD2 . LEU A 8  ? 0.5720 0.5953 0.5538 0.0187  -0.1247 -0.1714 285 LEU A CD2 
32  N N   . ASP A 9  ? 0.6257 0.4184 0.4135 0.0792  -0.0706 -0.0998 286 ASP A N   
33  C CA  . ASP A 9  ? 0.7954 0.4971 0.5255 0.0632  -0.0450 -0.0838 286 ASP A CA  
34  C C   . ASP A 9  ? 0.6970 0.4673 0.4673 0.0616  -0.0461 -0.0695 286 ASP A C   
35  O O   . ASP A 9  ? 0.6813 0.3905 0.4164 0.0399  -0.0249 -0.0571 286 ASP A O   
36  C CB  . ASP A 9  ? 0.9832 0.5515 0.5894 0.1210  -0.0294 -0.0701 286 ASP A CB  
37  C CG  . ASP A 9  ? 1.1510 0.6110 0.6902 0.1171  -0.0173 -0.0834 286 ASP A CG  
38  O OD1 . ASP A 9  ? 1.1749 0.6293 0.7446 0.0447  -0.0088 -0.1033 286 ASP A OD1 
39  O OD2 . ASP A 9  ? 1.2903 0.6777 0.7412 0.1893  -0.0150 -0.0758 286 ASP A OD2 
40  N N   . ILE A 10 ? 0.5247 0.4114 0.3578 0.0783  -0.0654 -0.0734 287 ILE A N   
41  C CA  . ILE A 10 ? 0.5727 0.5197 0.4370 0.0712  -0.0623 -0.0636 287 ILE A CA  
42  C C   . ILE A 10 ? 0.5749 0.5376 0.4875 0.0156  -0.0517 -0.0640 287 ILE A C   
43  O O   . ILE A 10 ? 0.6019 0.6233 0.5665 -0.0024 -0.0587 -0.0760 287 ILE A O   
44  C CB  . ILE A 10 ? 0.5228 0.5780 0.4252 0.0888  -0.0765 -0.0752 287 ILE A CB  
45  C CG1 . ILE A 10 ? 0.5493 0.6272 0.4092 0.1464  -0.0889 -0.0812 287 ILE A CG1 
46  C CG2 . ILE A 10 ? 0.4664 0.5687 0.3871 0.0741  -0.0668 -0.0680 287 ILE A CG2 
47  C CD1 . ILE A 10 ? 0.5700 0.6187 0.3656 0.1925  -0.0829 -0.0634 287 ILE A CD1 
48  N N   . LYS A 11 ? 0.6225 0.5388 0.5121 -0.0061 -0.0333 -0.0511 288 LYS A N   
49  C CA  . LYS A 11 ? 0.5411 0.4926 0.4738 -0.0548 -0.0221 -0.0538 288 LYS A CA  
50  C C   . LYS A 11 ? 0.5335 0.5017 0.4702 -0.0563 -0.0113 -0.0373 288 LYS A C   
51  O O   . LYS A 11 ? 0.4774 0.3896 0.3622 -0.0363 -0.0039 -0.0229 288 LYS A O   
52  C CB  . LYS A 11 ? 0.7080 0.5946 0.6080 -0.1022 -0.0041 -0.0640 288 LYS A CB  
53  C CG  . LYS A 11 ? 0.6935 0.5758 0.5959 -0.1120 -0.0126 -0.0850 288 LYS A CG  
54  C CD  . LYS A 11 ? 0.7892 0.6011 0.6443 -0.1728 0.0129  -0.1023 288 LYS A CD  
55  C CE  . LYS A 11 ? 0.8441 0.6523 0.6976 -0.1845 0.0053  -0.1256 288 LYS A CE  
56  N NZ  . LYS A 11 ? 0.9917 0.7229 0.7841 -0.2569 0.0374  -0.1497 288 LYS A NZ  
57  N N   . GLN A 12 ? 0.4647 0.5082 0.4542 -0.0726 -0.0089 -0.0386 289 GLN A N   
58  C CA  . GLN A 12 ? 0.4739 0.5351 0.4675 -0.0747 0.0033  -0.0244 289 GLN A CA  
59  C C   . GLN A 12 ? 0.4240 0.4406 0.3928 -0.1089 0.0225  -0.0182 289 GLN A C   
60  O O   . GLN A 12 ? 0.5117 0.5314 0.4863 -0.1481 0.0307  -0.0314 289 GLN A O   
61  C CB  . GLN A 12 ? 0.4103 0.5478 0.4485 -0.0744 0.0062  -0.0268 289 GLN A CB  
62  C CG  . GLN A 12 ? 0.4393 0.5898 0.4753 -0.0730 0.0216  -0.0130 289 GLN A CG  
63  C CD  . GLN A 12 ? 0.4272 0.6287 0.4816 -0.0596 0.0307  -0.0131 289 GLN A CD  
64  O OE1 . GLN A 12 ? 0.4787 0.7155 0.5499 -0.0491 0.0248  -0.0222 289 GLN A OE1 
65  N NE2 . GLN A 12 ? 0.4243 0.6232 0.4639 -0.0541 0.0478  -0.0024 289 GLN A NE2 
66  N N   . GLY A 13 ? 0.4236 0.4033 0.3592 -0.0993 0.0324  -0.0013 290 GLY A N   
67  C CA  . GLY A 13 ? 0.5854 0.5151 0.4881 -0.1336 0.0555  0.0057  290 GLY A CA  
68  C C   . GLY A 13 ? 0.5632 0.5782 0.5203 -0.1677 0.0653  0.0002  290 GLY A C   
69  O O   . GLY A 13 ? 0.5421 0.6384 0.5480 -0.1483 0.0564  -0.0006 290 GLY A O   
70  N N   . PRO A 14 ? 0.6703 0.6652 0.6081 -0.2178 0.0881  -0.0053 291 PRO A N   
71  C CA  . PRO A 14 ? 0.6573 0.7611 0.6484 -0.2468 0.0975  -0.0142 291 PRO A CA  
72  C C   . PRO A 14 ? 0.6243 0.7649 0.6347 -0.2163 0.0987  0.0050  291 PRO A C   
73  O O   . PRO A 14 ? 0.5248 0.7655 0.5812 -0.2075 0.0993  0.0013  291 PRO A O   
74  C CB  . PRO A 14 ? 0.7674 0.8286 0.7164 -0.3171 0.1274  -0.0279 291 PRO A CB  
75  C CG  . PRO A 14 ? 0.8631 0.7587 0.7182 -0.3076 0.1390  -0.0113 291 PRO A CG  
76  C CD  . PRO A 14 ? 0.8235 0.6915 0.6764 -0.2498 0.1118  -0.0050 291 PRO A CD  
77  N N   . LYS A 15 ? 0.6671 0.7317 0.6356 -0.1950 0.1010  0.0246  292 LYS A N   
78  C CA  . LYS A 15 ? 0.6620 0.7532 0.6399 -0.1725 0.1052  0.0400  292 LYS A CA  
79  C C   . LYS A 15 ? 0.5868 0.6704 0.5574 -0.1295 0.0905  0.0455  292 LYS A C   
80  O O   . LYS A 15 ? 0.5719 0.6673 0.5370 -0.1172 0.0974  0.0542  292 LYS A O   
81  C CB  . LYS A 15 ? 0.7964 0.8299 0.7309 -0.1927 0.1248  0.0537  292 LYS A CB  
82  C CG  . LYS A 15 ? 0.9116 0.9461 0.8394 -0.2513 0.1471  0.0422  292 LYS A CG  
83  C CD  . LYS A 15 ? 1.0382 0.9845 0.9046 -0.2632 0.1658  0.0552  292 LYS A CD  
84  C CE  . LYS A 15 ? 1.1162 1.0572 0.9701 -0.3131 0.1814  0.0333  292 LYS A CE  
85  N NZ  . LYS A 15 ? 1.2136 1.0595 0.9992 -0.3224 0.2013  0.0439  292 LYS A NZ  
86  N N   . GLU A 16 ? 0.5494 0.6197 0.5163 -0.1126 0.0734  0.0366  293 GLU A N   
87  C CA  . GLU A 16 ? 0.5195 0.6000 0.4772 -0.0817 0.0620  0.0343  293 GLU A CA  
88  C C   . GLU A 16 ? 0.4754 0.6046 0.4591 -0.0772 0.0670  0.0266  293 GLU A C   
89  O O   . GLU A 16 ? 0.4984 0.6528 0.5074 -0.0772 0.0650  0.0197  293 GLU A O   
90  C CB  . GLU A 16 ? 0.4320 0.4892 0.3747 -0.0638 0.0438  0.0253  293 GLU A CB  
91  C CG  . GLU A 16 ? 0.3577 0.4508 0.2925 -0.0376 0.0326  0.0157  293 GLU A CG  
92  C CD  . GLU A 16 ? 0.4444 0.5269 0.3666 -0.0148 0.0143  0.0056  293 GLU A CD  
93  O OE1 . GLU A 16 ? 0.4983 0.5425 0.4245 -0.0239 0.0111  0.0040  293 GLU A OE1 
94  O OE2 . GLU A 16 ? 0.4525 0.5747 0.3588 0.0102  0.0044  -0.0037 293 GLU A OE2 
95  N N   . PRO A 17 ? 0.4459 0.5838 0.4110 -0.0727 0.0779  0.0261  294 PRO A N   
96  C CA  . PRO A 17 ? 0.3507 0.4976 0.3087 -0.0689 0.0929  0.0179  294 PRO A CA  
97  C C   . PRO A 17 ? 0.3877 0.5376 0.3459 -0.0609 0.0811  0.0020  294 PRO A C   
98  O O   . PRO A 17 ? 0.3810 0.5389 0.3391 -0.0586 0.0630  -0.0070 294 PRO A O   
99  C CB  . PRO A 17 ? 0.4792 0.6190 0.4024 -0.0781 0.1088  0.0139  294 PRO A CB  
100 C CG  . PRO A 17 ? 0.5246 0.6710 0.4480 -0.0831 0.1054  0.0272  294 PRO A CG  
101 C CD  . PRO A 17 ? 0.5171 0.6515 0.4542 -0.0728 0.0823  0.0317  294 PRO A CD  
102 N N   . PHE A 18 ? 0.4999 0.4570 0.3816 0.0390  -0.1056 -0.0351 295 PHE A N   
103 C CA  . PHE A 18 ? 0.5063 0.4099 0.3895 0.0237  -0.0971 -0.0448 295 PHE A CA  
104 C C   . PHE A 18 ? 0.5105 0.4220 0.4124 0.0232  -0.0961 -0.0601 295 PHE A C   
105 O O   . PHE A 18 ? 0.4962 0.3830 0.4058 0.0157  -0.0872 -0.0583 295 PHE A O   
106 C CB  . PHE A 18 ? 0.4978 0.3725 0.3649 0.0160  -0.0980 -0.0567 295 PHE A CB  
107 C CG  . PHE A 18 ? 0.4522 0.2883 0.3182 0.0041  -0.0873 -0.0580 295 PHE A CG  
108 C CD1 . PHE A 18 ? 0.4462 0.2689 0.3077 -0.0017 -0.0795 -0.0502 295 PHE A CD1 
109 C CD2 . PHE A 18 ? 0.4653 0.2862 0.3414 -0.0007 -0.0840 -0.0679 295 PHE A CD2 
110 C CE1 . PHE A 18 ? 0.4596 0.2673 0.3182 -0.0086 -0.0704 -0.0538 295 PHE A CE1 
111 C CE2 . PHE A 18 ? 0.4437 0.2437 0.3186 -0.0086 -0.0722 -0.0610 295 PHE A CE2 
112 C CZ  . PHE A 18 ? 0.4319 0.2318 0.2935 -0.0109 -0.0663 -0.0548 295 PHE A CZ  
113 N N   . GLN A 19 ? 0.4384 0.3934 0.3516 0.0316  -0.1055 -0.0801 296 GLN A N   
114 C CA  . GLN A 19 ? 0.4779 0.4511 0.4156 0.0297  -0.1050 -0.1007 296 GLN A CA  
115 C C   . GLN A 19 ? 0.4175 0.4141 0.3620 0.0393  -0.1004 -0.0820 296 GLN A C   
116 O O   . GLN A 19 ? 0.3734 0.3578 0.3313 0.0324  -0.0938 -0.0884 296 GLN A O   
117 C CB  . GLN A 19 ? 0.5198 0.5509 0.4763 0.0386  -0.1177 -0.1349 296 GLN A CB  
118 C CG  . GLN A 19 ? 0.6173 0.6795 0.6080 0.0351  -0.1184 -0.1654 296 GLN A CG  
119 C CD  . GLN A 19 ? 0.7273 0.8569 0.7462 0.0440  -0.1307 -0.2095 296 GLN A CD  
120 O OE1 . GLN A 19 ? 0.7860 0.9549 0.8403 0.0427  -0.1283 -0.2353 296 GLN A OE1 
121 N NE2 . GLN A 19 ? 0.7153 0.8568 0.7252 0.0531  -0.1331 -0.2070 296 GLN A NE2 
122 N N   . SER A 20 ? 0.4099 0.4429 0.3494 0.0568  -0.1019 -0.0548 297 SER A N   
123 C CA  . SER A 20 ? 0.4134 0.4639 0.3670 0.0699  -0.0948 -0.0283 297 SER A CA  
124 C C   . SER A 20 ? 0.4510 0.4320 0.4097 0.0568  -0.0823 -0.0178 297 SER A C   
125 O O   . SER A 20 ? 0.3624 0.3398 0.3370 0.0598  -0.0762 -0.0174 297 SER A O   
126 C CB  . SER A 20 ? 0.3844 0.4869 0.3395 0.0923  -0.0952 0.0094  297 SER A CB  
127 O OG  . SER A 20 ? 0.4658 0.5676 0.4433 0.1053  -0.0837 0.0457  297 SER A OG  
128 N N   . TYR A 21 ? 0.3602 0.2949 0.3075 0.0439  -0.0792 -0.0138 298 TYR A N   
129 C CA  . TYR A 21 ? 0.3768 0.2601 0.3325 0.0323  -0.0689 -0.0149 298 TYR A CA  
130 C C   . TYR A 21 ? 0.3670 0.2345 0.3189 0.0211  -0.0662 -0.0398 298 TYR A C   
131 O O   . TYR A 21 ? 0.3906 0.2478 0.3585 0.0214  -0.0589 -0.0435 298 TYR A O   
132 C CB  . TYR A 21 ? 0.4248 0.2807 0.3686 0.0214  -0.0681 -0.0134 298 TYR A CB  
133 C CG  . TYR A 21 ? 0.4810 0.3008 0.4274 0.0078  -0.0607 -0.0303 298 TYR A CG  
134 C CD1 . TYR A 21 ? 0.4785 0.2816 0.4582 0.0085  -0.0518 -0.0319 298 TYR A CD1 
135 C CD2 . TYR A 21 ? 0.4811 0.2921 0.4011 -0.0025 -0.0621 -0.0458 298 TYR A CD2 
136 C CE1 . TYR A 21 ? 0.5169 0.3041 0.5019 -0.0016 -0.0465 -0.0574 298 TYR A CE1 
137 C CE2 . TYR A 21 ? 0.4744 0.2750 0.3948 -0.0103 -0.0558 -0.0622 298 TYR A CE2 
138 C CZ  . TYR A 21 ? 0.5214 0.3144 0.4735 -0.0103 -0.0490 -0.0723 298 TYR A CZ  
139 O OH  . TYR A 21 ? 0.5041 0.3032 0.4593 -0.0161 -0.0441 -0.0984 298 TYR A OH  
140 N N   . VAL A 22 ? 0.3859 0.2541 0.3231 0.0121  -0.0706 -0.0554 299 VAL A N   
141 C CA  . VAL A 22 ? 0.3933 0.2512 0.3341 0.0008  -0.0650 -0.0704 299 VAL A CA  
142 C C   . VAL A 22 ? 0.3898 0.2754 0.3518 0.0062  -0.0638 -0.0771 299 VAL A C   
143 O O   . VAL A 22 ? 0.3888 0.2692 0.3585 0.0011  -0.0558 -0.0824 299 VAL A O   
144 C CB  . VAL A 22 ? 0.4171 0.2689 0.3540 -0.0079 -0.0678 -0.0800 299 VAL A CB  
145 C CG1 . VAL A 22 ? 0.4797 0.3332 0.4384 -0.0186 -0.0609 -0.0909 299 VAL A CG1 
146 C CG2 . VAL A 22 ? 0.4675 0.2920 0.3824 -0.0127 -0.0646 -0.0712 299 VAL A CG2 
147 N N   . ASP A 23 ? 0.3622 0.2898 0.3335 0.0189  -0.0718 -0.0782 300 ASP A N   
148 C CA  . ASP A 23 ? 0.3898 0.3577 0.3811 0.0272  -0.0715 -0.0860 300 ASP A CA  
149 C C   . ASP A 23 ? 0.3872 0.3444 0.3867 0.0374  -0.0633 -0.0700 300 ASP A C   
150 O O   . ASP A 23 ? 0.3794 0.3426 0.3909 0.0351  -0.0580 -0.0803 300 ASP A O   
151 C CB  . ASP A 23 ? 0.3518 0.3861 0.3498 0.0453  -0.0822 -0.0891 300 ASP A CB  
152 C CG  . ASP A 23 ? 0.7070 0.7990 0.7262 0.0555  -0.0832 -0.1023 300 ASP A CG  
153 O OD1 . ASP A 23 ? 0.6819 0.7834 0.7186 0.0399  -0.0835 -0.1334 300 ASP A OD1 
154 O OD2 . ASP A 23 ? 0.7834 0.9140 0.8069 0.0795  -0.0824 -0.0796 300 ASP A OD2 
155 N N   . ARG A 24 ? 0.3705 0.3119 0.3710 0.0483  -0.0613 -0.0457 301 ARG A N   
156 C CA  . ARG A 24 ? 0.4343 0.3578 0.4577 0.0584  -0.0522 -0.0336 301 ARG A CA  
157 C C   . ARG A 24 ? 0.4618 0.3464 0.4845 0.0427  -0.0454 -0.0547 301 ARG A C   
158 O O   . ARG A 24 ? 0.3970 0.2814 0.4393 0.0488  -0.0393 -0.0628 301 ARG A O   
159 C CB  . ARG A 24 ? 0.4502 0.3610 0.4896 0.0703  -0.0486 -0.0017 301 ARG A CB  
160 C CG  . ARG A 24 ? 0.5715 0.5388 0.6111 0.0913  -0.0537 0.0273  301 ARG A CG  
161 C CD  . ARG A 24 ? 0.5394 0.4965 0.6055 0.1039  -0.0454 0.0703  301 ARG A CD  
162 N NE  . ARG A 24 ? 0.5308 0.4445 0.5899 0.0843  -0.0447 0.0667  301 ARG A NE  
163 C CZ  . ARG A 24 ? 0.5201 0.3781 0.6067 0.0724  -0.0355 0.0619  301 ARG A CZ  
164 N NH1 . ARG A 24 ? 0.5160 0.3482 0.6418 0.0780  -0.0260 0.0579  301 ARG A NH1 
165 N NH2 . ARG A 24 ? 0.5328 0.3667 0.6119 0.0555  -0.0362 0.0558  301 ARG A NH2 
166 N N   . PHE A 25 ? 0.4027 0.2644 0.4035 0.0259  -0.0464 -0.0639 302 PHE A N   
167 C CA  . PHE A 25 ? 0.4524 0.2983 0.4494 0.0150  -0.0400 -0.0828 302 PHE A CA  
168 C C   . PHE A 25 ? 0.4043 0.2733 0.4008 0.0106  -0.0360 -0.0954 302 PHE A C   
169 O O   . PHE A 25 ? 0.3946 0.2716 0.4026 0.0131  -0.0298 -0.1096 302 PHE A O   
170 C CB  . PHE A 25 ? 0.3857 0.2180 0.3566 0.0024  -0.0418 -0.0840 302 PHE A CB  
171 C CG  . PHE A 25 ? 0.3973 0.2322 0.3620 -0.0040 -0.0354 -0.1014 302 PHE A CG  
172 C CD1 . PHE A 25 ? 0.4156 0.2720 0.3678 -0.0097 -0.0300 -0.1049 302 PHE A CD1 
173 C CD2 . PHE A 25 ? 0.4433 0.2694 0.4201 -0.0038 -0.0340 -0.1145 302 PHE A CD2 
174 C CE1 . PHE A 25 ? 0.4005 0.2805 0.3446 -0.0106 -0.0238 -0.1181 302 PHE A CE1 
175 C CE2 . PHE A 25 ? 0.4887 0.3373 0.4606 -0.0067 -0.0296 -0.1382 302 PHE A CE2 
176 C CZ  . PHE A 25 ? 0.4067 0.2881 0.3583 -0.0079 -0.0248 -0.1383 302 PHE A CZ  
177 N N   . TYR A 26 ? 0.3792 0.2638 0.3692 0.0037  -0.0391 -0.0936 303 TYR A N   
178 C CA  . TYR A 26 ? 0.4495 0.3567 0.4474 -0.0049 -0.0329 -0.1026 303 TYR A CA  
179 C C   . TYR A 26 ? 0.4166 0.3538 0.4354 0.0069  -0.0324 -0.1094 303 TYR A C   
180 O O   . TYR A 26 ? 0.4217 0.3803 0.4490 0.0030  -0.0253 -0.1183 303 TYR A O   
181 C CB  . TYR A 26 ? 0.4557 0.3661 0.4571 -0.0185 -0.0345 -0.1026 303 TYR A CB  
182 C CG  . TYR A 26 ? 0.4373 0.3265 0.4263 -0.0308 -0.0278 -0.0927 303 TYR A CG  
183 C CD1 . TYR A 26 ? 0.4897 0.3544 0.4569 -0.0285 -0.0322 -0.0850 303 TYR A CD1 
184 C CD2 . TYR A 26 ? 0.5023 0.4029 0.5043 -0.0430 -0.0155 -0.0865 303 TYR A CD2 
185 C CE1 . TYR A 26 ? 0.5481 0.4016 0.5039 -0.0350 -0.0255 -0.0724 303 TYR A CE1 
186 C CE2 . TYR A 26 ? 0.5430 0.4318 0.5370 -0.0493 -0.0067 -0.0675 303 TYR A CE2 
187 C CZ  . TYR A 26 ? 0.5395 0.4055 0.5089 -0.0438 -0.0123 -0.0612 303 TYR A CZ  
188 O OH  . TYR A 26 ? 0.6530 0.5147 0.6138 -0.0455 -0.0030 -0.0389 303 TYR A OH  
189 N N   . LYS A 27 ? 0.3951 0.3428 0.4229 0.0238  -0.0388 -0.1019 304 LYS A N   
190 C CA  . LYS A 27 ? 0.4282 0.4099 0.4764 0.0407  -0.0376 -0.1039 304 LYS A CA  
191 C C   . LYS A 27 ? 0.4651 0.4315 0.5262 0.0496  -0.0301 -0.1093 304 LYS A C   
192 O O   . LYS A 27 ? 0.4869 0.4804 0.5595 0.0533  -0.0258 -0.1222 304 LYS A O   
193 C CB  . LYS A 27 ? 0.4433 0.4507 0.4996 0.0628  -0.0442 -0.0857 304 LYS A CB  
194 C CG  . LYS A 27 ? 0.5699 0.6290 0.6255 0.0606  -0.0527 -0.0966 304 LYS A CG  
195 C CD  . LYS A 27 ? 0.6755 0.7748 0.7315 0.0846  -0.0600 -0.0765 304 LYS A CD  
196 C CE  . LYS A 27 ? 0.7354 0.9027 0.7955 0.0837  -0.0703 -0.1007 304 LYS A CE  
197 N NZ  . LYS A 27 ? 0.7674 0.9872 0.8219 0.1073  -0.0784 -0.0830 304 LYS A NZ  
198 N N   A SER A 28 ? 0.4850 0.4126 0.5502 0.0527  -0.0285 -0.1047 305 SER A N   
199 N N   B SER A 28 ? 0.4894 0.4170 0.5546 0.0527  -0.0285 -0.1047 305 SER A N   
200 C CA  A SER A 28 ? 0.5291 0.4441 0.6172 0.0601  -0.0219 -0.1220 305 SER A CA  
201 C CA  B SER A 28 ? 0.5306 0.4457 0.6189 0.0602  -0.0219 -0.1219 305 SER A CA  
202 C C   A SER A 28 ? 0.5444 0.4763 0.6164 0.0454  -0.0179 -0.1465 305 SER A C   
203 C C   B SER A 28 ? 0.5420 0.4737 0.6140 0.0455  -0.0179 -0.1466 305 SER A C   
204 O O   A SER A 28 ? 0.5459 0.4980 0.6348 0.0533  -0.0132 -0.1686 305 SER A O   
205 O O   B SER A 28 ? 0.5482 0.4996 0.6374 0.0533  -0.0132 -0.1688 305 SER A O   
206 C CB  A SER A 28 ? 0.5620 0.4344 0.6718 0.0643  -0.0203 -0.1162 305 SER A CB  
207 C CB  B SER A 28 ? 0.5655 0.4380 0.6757 0.0645  -0.0203 -0.1161 305 SER A CB  
208 O OG  A SER A 28 ? 0.6177 0.4736 0.7002 0.0468  -0.0238 -0.1139 305 SER A OG  
209 O OG  B SER A 28 ? 0.5939 0.4601 0.7263 0.0823  -0.0203 -0.0836 305 SER A OG  
210 N N   . LEU A 29 ? 0.5212 0.4524 0.5634 0.0272  -0.0187 -0.1408 306 LEU A N   
211 C CA  . LEU A 29 ? 0.4714 0.4299 0.4987 0.0170  -0.0122 -0.1524 306 LEU A CA  
212 C C   . LEU A 29 ? 0.4966 0.4979 0.5291 0.0146  -0.0065 -0.1536 306 LEU A C   
213 O O   . LEU A 29 ? 0.4575 0.4978 0.4942 0.0187  0.0000  -0.1693 306 LEU A O   
214 C CB  . LEU A 29 ? 0.4264 0.3726 0.4264 0.0021  -0.0123 -0.1364 306 LEU A CB  
215 C CG  . LEU A 29 ? 0.5044 0.4880 0.4903 -0.0063 -0.0025 -0.1313 306 LEU A CG  
216 C CD1 . LEU A 29 ? 0.6088 0.6285 0.5921 0.0028  0.0011  -0.1548 306 LEU A CD1 
217 C CD2 . LEU A 29 ? 0.5551 0.5200 0.5232 -0.0179 -0.0014 -0.1070 306 LEU A CD2 
218 N N   . ARG A 30 ? 0.5204 0.5245 0.5568 0.0079  -0.0086 -0.1408 307 ARG A N   
219 C CA  . ARG A 30 ? 0.5533 0.6004 0.6028 0.0011  -0.0022 -0.1430 307 ARG A CA  
220 C C   . ARG A 30 ? 0.5087 0.5879 0.5754 0.0192  -0.0014 -0.1601 307 ARG A C   
221 O O   . ARG A 30 ? 0.4694 0.5946 0.5448 0.0154  0.0060  -0.1658 307 ARG A O   
222 C CB  . ARG A 30 ? 0.6144 0.6629 0.6757 -0.0096 -0.0064 -0.1372 307 ARG A CB  
223 C CG  . ARG A 30 ? 0.7442 0.7698 0.8023 -0.0301 -0.0036 -0.1241 307 ARG A CG  
224 C CD  . ARG A 30 ? 0.9053 0.9339 0.9840 -0.0373 -0.0110 -0.1319 307 ARG A CD  
225 N NE  . ARG A 30 ? 1.0072 1.0198 1.1040 -0.0595 -0.0044 -0.1253 307 ARG A NE  
226 C CZ  . ARG A 30 ? 1.0627 1.0970 1.1983 -0.0783 0.0063  -0.1275 307 ARG A CZ  
227 N NH1 . ARG A 30 ? 1.0470 1.1268 1.2006 -0.0786 0.0103  -0.1384 307 ARG A NH1 
228 N NH2 . ARG A 30 ? 1.0945 1.1038 1.2579 -0.0972 0.0143  -0.1178 307 ARG A NH2 
229 N N   . ALA A 31 ? 0.4077 0.4651 0.4853 0.0399  -0.0073 -0.1656 308 ALA A N   
230 C CA  . ALA A 31 ? 0.4452 0.5283 0.5465 0.0615  -0.0059 -0.1804 308 ALA A CA  
231 C C   . ALA A 31 ? 0.5466 0.6440 0.6555 0.0685  -0.0007 -0.2068 308 ALA A C   
232 O O   . ALA A 31 ? 0.5822 0.7275 0.7021 0.0767  0.0035  -0.2239 308 ALA A O   
233 C CB  . ALA A 31 ? 0.4677 0.5237 0.5892 0.0845  -0.0110 -0.1685 308 ALA A CB  
234 N N   . GLU A 32 ? 0.5551 0.6222 0.6606 0.0661  -0.0015 -0.2156 309 GLU A N   
235 C CA  . GLU A 32 ? 0.6166 0.7042 0.7396 0.0765  0.0013  -0.2526 309 GLU A CA  
236 C C   . GLU A 32 ? 0.5234 0.6536 0.6182 0.0637  0.0054  -0.2612 309 GLU A C   
237 O O   . GLU A 32 ? 0.5509 0.7078 0.6579 0.0720  0.0059  -0.2976 309 GLU A O   
238 C CB  . GLU A 32 ? 0.6936 0.7268 0.8516 0.0874  -0.0017 -0.2658 309 GLU A CB  
239 C CG  . GLU A 32 ? 0.8172 0.8118 0.9572 0.0715  -0.0045 -0.2527 309 GLU A CG  
240 C CD  . GLU A 32 ? 0.9506 0.8922 1.1361 0.0792  -0.0050 -0.2619 309 GLU A CD  
241 O OE1 . GLU A 32 ? 1.0070 0.9254 1.2365 0.0974  -0.0026 -0.2579 309 GLU A OE1 
242 O OE2 . GLU A 32 ? 0.9574 0.8827 1.1399 0.0676  -0.0063 -0.2711 309 GLU A OE2 
243 N N   . GLN A 33 ? 0.4223 1.1982 0.5271 -0.1186 0.0282  -0.0161 310 GLN A N   
244 C CA  . GLN A 33 ? 0.5256 1.1822 0.5589 -0.1450 0.0184  -0.0300 310 GLN A CA  
245 C C   . GLN A 33 ? 0.5331 1.2525 0.5559 -0.1568 0.0348  -0.0294 310 GLN A C   
246 O O   . GLN A 33 ? 0.5065 1.3505 0.5336 -0.1888 0.0484  -0.0194 310 GLN A O   
247 C CB  . GLN A 33 ? 0.6784 1.2468 0.6140 -0.2181 0.0061  -0.0342 310 GLN A CB  
248 C CG  . GLN A 33 ? 0.8233 1.5035 0.7281 -0.2944 0.0176  -0.0266 310 GLN A CG  
249 C CD  . GLN A 33 ? 1.0270 1.5903 0.8092 -0.3757 0.0131  -0.0343 310 GLN A CD  
250 O OE1 . GLN A 33 ? 1.1184 1.5151 0.8328 -0.3690 0.0029  -0.0422 310 GLN A OE1 
251 N NE2 . GLN A 33 ? 1.0873 1.7283 0.8494 -0.4470 0.0195  -0.0321 310 GLN A NE2 
252 N N   . THR A 34 ? 0.5013 1.1323 0.5072 -0.1299 0.0314  -0.0403 311 THR A N   
253 C CA  . THR A 34 ? 0.5227 1.1964 0.5159 -0.1362 0.0489  -0.0421 311 THR A CA  
254 C C   . THR A 34 ? 0.7243 1.3311 0.6134 -0.2086 0.0409  -0.0475 311 THR A C   
255 O O   . THR A 34 ? 0.8369 1.5326 0.7022 -0.2576 0.0573  -0.0437 311 THR A O   
256 C CB  . THR A 34 ? 0.5875 1.2028 0.6101 -0.0745 0.0529  -0.0525 311 THR A CB  
257 O OG1 . THR A 34 ? 0.6092 1.0800 0.5833 -0.0753 0.0249  -0.0641 311 THR A OG1 
258 C CG2 . THR A 34 ? 0.5297 1.1950 0.6400 -0.0070 0.0673  -0.0481 311 THR A CG2 
259 N N   . ASP A 35 ? 0.8687 1.3215 0.6918 -0.2141 0.0179  -0.0554 312 ASP A N   
260 C CA  . ASP A 35 ? 1.1203 1.4811 0.8288 -0.2762 0.0118  -0.0582 312 ASP A CA  
261 C C   . ASP A 35 ? 1.2078 1.4551 0.8455 -0.3054 -0.0034 -0.0565 312 ASP A C   
262 O O   . ASP A 35 ? 1.2096 1.4158 0.8867 -0.2618 -0.0168 -0.0561 312 ASP A O   
263 C CB  . ASP A 35 ? 1.2718 1.5350 0.9425 -0.2516 0.0010  -0.0653 312 ASP A CB  
264 C CG  . ASP A 35 ? 1.3238 1.6750 1.0386 -0.2335 0.0216  -0.0696 312 ASP A CG  
265 O OD1 . ASP A 35 ? 1.3032 1.7908 1.0882 -0.2244 0.0453  -0.0649 312 ASP A OD1 
266 O OD2 . ASP A 35 ? 1.3770 1.6605 1.0522 -0.2263 0.0159  -0.0764 312 ASP A OD2 
267 N N   . PRO A 36 ? 1.2929 1.4812 0.8186 -0.3807 0.0025  -0.0564 313 PRO A N   
268 C CA  . PRO A 36 ? 1.3501 1.3906 0.7829 -0.4043 -0.0062 -0.0551 313 PRO A CA  
269 C C   . PRO A 36 ? 1.3128 1.2043 0.7156 -0.3447 -0.0283 -0.0533 313 PRO A C   
270 O O   . PRO A 36 ? 1.3615 1.1551 0.7372 -0.3254 -0.0371 -0.0502 313 PRO A O   
271 C CB  . PRO A 36 ? 1.4618 1.4609 0.8205 -0.4814 0.0136  -0.0508 313 PRO A CB  
272 C CG  . PRO A 36 ? 1.4056 1.5820 0.8387 -0.5097 0.0293  -0.0525 313 PRO A CG  
273 C CD  . PRO A 36 ? 1.3293 1.5840 0.8290 -0.4436 0.0231  -0.0556 313 PRO A CD  
274 N N   . ALA A 37 ? 1.2864 1.1652 0.6926 -0.3150 -0.0369 -0.0546 314 ALA A N   
275 C CA  . ALA A 37 ? 1.2403 1.0076 0.6284 -0.2557 -0.0610 -0.0514 314 ALA A CA  
276 C C   . ALA A 37 ? 1.0994 0.9196 0.6079 -0.1837 -0.0746 -0.0554 314 ALA A C   
277 O O   . ALA A 37 ? 1.1414 0.8804 0.6437 -0.1387 -0.0933 -0.0518 314 ALA A O   
278 C CB  . ALA A 37 ? 1.3001 1.0465 0.6489 -0.2544 -0.0664 -0.0522 314 ALA A CB  
279 N N   . VAL A 38 ? 0.9818 0.9364 0.5958 -0.1701 -0.0626 -0.0619 315 VAL A N   
280 C CA  . VAL A 38 ? 0.7957 0.7938 0.5146 -0.1089 -0.0694 -0.0671 315 VAL A CA  
281 C C   . VAL A 38 ? 0.7733 0.7542 0.5064 -0.1073 -0.0707 -0.0634 315 VAL A C   
282 O O   . VAL A 38 ? 0.6123 0.5611 0.3873 -0.0601 -0.0838 -0.0661 315 VAL A O   
283 C CB  . VAL A 38 ? 0.6596 0.7869 0.4691 -0.0918 -0.0493 -0.0727 315 VAL A CB  
284 C CG1 . VAL A 38 ? 0.5316 0.6915 0.4362 -0.0349 -0.0503 -0.0785 315 VAL A CG1 
285 C CG2 . VAL A 38 ? 0.6493 0.7768 0.4383 -0.0909 -0.0457 -0.0791 315 VAL A CG2 
286 N N   . LYS A 39 ? 0.7605 0.7660 0.4552 -0.1640 -0.0561 -0.0584 316 LYS A N   
287 C CA  . LYS A 39 ? 0.8013 0.7867 0.4966 -0.1728 -0.0547 -0.0559 316 LYS A CA  
288 C C   . LYS A 39 ? 0.8926 0.7191 0.5086 -0.1592 -0.0674 -0.0535 316 LYS A C   
289 O O   . LYS A 39 ? 0.8160 0.6124 0.4632 -0.1271 -0.0725 -0.0542 316 LYS A O   
290 C CB  . LYS A 39 ? 0.8407 0.8885 0.4952 -0.2496 -0.0357 -0.0527 316 LYS A CB  
291 C CG  . LYS A 39 ? 0.8831 0.9033 0.5176 -0.2745 -0.0317 -0.0516 316 LYS A CG  
292 C CD  . LYS A 39 ? 0.9991 0.8794 0.4863 -0.3396 -0.0233 -0.0518 316 LYS A CD  
293 C CE  . LYS A 39 ? 1.0290 0.8780 0.4865 -0.3727 -0.0140 -0.0530 316 LYS A CE  
294 N NZ  . LYS A 39 ? 1.0373 1.0588 0.5553 -0.4163 -0.0043 -0.0522 316 LYS A NZ  
295 N N   . ASN A 40 ? 1.0568 0.7783 0.5663 -0.1791 -0.0704 -0.0490 317 ASN A N   
296 C CA  . ASN A 40 ? 1.2213 0.7862 0.6466 -0.1541 -0.0794 -0.0415 317 ASN A CA  
297 C C   . ASN A 40 ? 1.1037 0.6691 0.6062 -0.0703 -0.1026 -0.0419 317 ASN A C   
298 O O   . ASN A 40 ? 1.1267 0.6194 0.6197 -0.0333 -0.1077 -0.0377 317 ASN A O   
299 C CB  . ASN A 40 ? 1.4596 0.9127 0.7503 -0.1862 -0.0764 -0.0334 317 ASN A CB  
300 C CG  . ASN A 40 ? 1.6452 0.9265 0.8342 -0.1518 -0.0812 -0.0203 317 ASN A CG  
301 O OD1 . ASN A 40 ? 1.6593 0.9109 0.8641 -0.0850 -0.1032 -0.0125 317 ASN A OD1 
302 N ND2 . ASN A 40 ? 1.7718 0.9406 0.8506 -0.1970 -0.0582 -0.0171 317 ASN A ND2 
303 N N   . TRP A 41 ? 0.9383 0.5869 0.5135 -0.0425 -0.1141 -0.0480 318 TRP A N   
304 C CA  . TRP A 41 ? 0.8533 0.5184 0.5010 0.0253  -0.1348 -0.0520 318 TRP A CA  
305 C C   . TRP A 41 ? 0.7606 0.4853 0.5071 0.0520  -0.1310 -0.0606 318 TRP A C   
306 O O   . TRP A 41 ? 0.7203 0.4230 0.4999 0.1010  -0.1445 -0.0618 318 TRP A O   
307 C CB  . TRP A 41 ? 0.8246 0.5609 0.5153 0.0355  -0.1423 -0.0603 318 TRP A CB  
308 C CG  . TRP A 41 ? 0.7153 0.4879 0.4831 0.0910  -0.1601 -0.0692 318 TRP A CG  
309 C CD1 . TRP A 41 ? 0.7339 0.4662 0.4774 0.1283  -0.1851 -0.0639 318 TRP A CD1 
310 C CD2 . TRP A 41 ? 0.7066 0.5667 0.5821 0.1123  -0.1527 -0.0848 318 TRP A CD2 
311 N NE1 . TRP A 41 ? 0.7170 0.5175 0.5499 0.1640  -0.1945 -0.0781 318 TRP A NE1 
312 C CE2 . TRP A 41 ? 0.6395 0.5079 0.5496 0.1535  -0.1729 -0.0921 318 TRP A CE2 
313 C CE3 . TRP A 41 ? 0.6837 0.6169 0.6246 0.1012  -0.1296 -0.0919 318 TRP A CE3 
314 C CZ2 . TRP A 41 ? 0.6275 0.5630 0.6279 0.1753  -0.1678 -0.1099 318 TRP A CZ2 
315 C CZ3 . TRP A 41 ? 0.6331 0.6228 0.6609 0.1320  -0.1241 -0.1062 318 TRP A CZ3 
316 C CH2 . TRP A 41 ? 0.6681 0.6530 0.7215 0.1646  -0.1416 -0.1169 318 TRP A CH2 
317 N N   . MET A 42 ? 0.6566 0.4631 0.4504 0.0220  -0.1124 -0.0654 319 MET A N   
318 C CA  . MET A 42 ? 0.5792 0.4389 0.4600 0.0465  -0.1073 -0.0718 319 MET A CA  
319 C C   . MET A 42 ? 0.5864 0.3644 0.4262 0.0447  -0.1060 -0.0669 319 MET A C   
320 O O   . MET A 42 ? 0.5772 0.3591 0.4747 0.0828  -0.1095 -0.0722 319 MET A O   
321 C CB  . MET A 42 ? 0.5832 0.5563 0.5184 0.0209  -0.0876 -0.0730 319 MET A CB  
322 C CG  . MET A 42 ? 0.5318 0.5844 0.5177 0.0360  -0.0811 -0.0788 319 MET A CG  
323 S SD  . MET A 42 ? 0.5132 0.7035 0.5646 0.0245  -0.0538 -0.0739 319 MET A SD  
324 C CE  . MET A 42 ? 0.5411 0.7791 0.6318 0.0550  -0.0414 -0.0824 319 MET A CE  
325 N N   . THR A 43 ? 0.6887 0.3852 0.4221 -0.0019 -0.0972 -0.0582 320 THR A N   
326 C CA  . THR A 43 ? 0.8569 0.4601 0.5345 -0.0100 -0.0883 -0.0548 320 THR A CA  
327 C C   . THR A 43 ? 0.9775 0.4708 0.6199 0.0478  -0.1001 -0.0488 320 THR A C   
328 O O   . THR A 43 ? 1.0211 0.4535 0.6512 0.0648  -0.0925 -0.0483 320 THR A O   
329 C CB  . THR A 43 ? 0.9387 0.4790 0.4973 -0.0874 -0.0688 -0.0498 320 THR A CB  
330 O OG1 . THR A 43 ? 1.0648 0.5297 0.5309 -0.1003 -0.0716 -0.0427 320 THR A OG1 
331 C CG2 . THR A 43 ? 0.8398 0.5148 0.4426 -0.1433 -0.0572 -0.0539 320 THR A CG2 
332 N N   . GLN A 44 ? 1.0815 0.5543 0.7068 0.0805  -0.1175 -0.0431 321 GLN A N   
333 C CA  . GLN A 44 ? 1.2415 0.6251 0.8293 0.1410  -0.1301 -0.0323 321 GLN A CA  
334 C C   . GLN A 44 ? 1.1247 0.6091 0.8232 0.1976  -0.1515 -0.0382 321 GLN A C   
335 O O   . GLN A 44 ? 1.1943 0.6967 0.9097 0.2264  -0.1485 -0.0290 321 GLN A O   
336 C CB  . GLN A 44 ? 1.4746 0.7454 0.9308 0.1316  -0.1308 -0.0153 321 GLN A CB  
337 C CG  . GLN A 44 ? 1.6838 0.8246 1.0045 0.0752  -0.1018 -0.0084 321 GLN A CG  
338 C CD  . GLN A 44 ? 1.8640 0.8789 1.0425 0.0652  -0.0983 0.0085  321 GLN A CD  
339 O OE1 . GLN A 44 ? 1.8526 0.9017 1.0404 0.0856  -0.1190 0.0139  321 GLN A OE1 
340 N NE2 . GLN A 44 ? 2.0159 0.9154 1.0720 0.0297  -0.0681 0.0145  321 GLN A NE2 
341 N N   . THR A 45 ? 0.6430 0.8481 0.4540 0.1651  -0.0599 -0.1359 322 THR A N   
342 C CA  . THR A 45 ? 0.5519 0.8089 0.3844 0.1681  -0.0745 -0.1662 322 THR A CA  
343 C C   . THR A 45 ? 0.4842 0.7500 0.3653 0.1358  -0.0756 -0.1815 322 THR A C   
344 O O   . THR A 45 ? 0.4245 0.7166 0.3305 0.1289  -0.0827 -0.1966 322 THR A O   
345 C CB  . THR A 45 ? 0.6349 0.9156 0.4460 0.1840  -0.0778 -0.1763 322 THR A CB  
346 O OG1 . THR A 45 ? 0.7771 1.0434 0.5321 0.2142  -0.0768 -0.1573 322 THR A OG1 
347 C CG2 . THR A 45 ? 0.5811 0.9093 0.4327 0.1851  -0.0926 -0.2039 322 THR A CG2 
348 N N   . LEU A 46 ? 0.4119 0.6555 0.3066 0.1154  -0.0689 -0.1783 323 LEU A N   
349 C CA  . LEU A 46 ? 0.4400 0.6820 0.3743 0.0862  -0.0740 -0.1906 323 LEU A CA  
350 C C   . LEU A 46 ? 0.3804 0.6000 0.3220 0.0700  -0.0700 -0.1790 323 LEU A C   
351 O O   . LEU A 46 ? 0.3923 0.6236 0.3579 0.0499  -0.0745 -0.1891 323 LEU A O   
352 C CB  . LEU A 46 ? 0.3713 0.5907 0.3168 0.0736  -0.0717 -0.1917 323 LEU A CB  
353 C CG  . LEU A 46 ? 0.4247 0.6313 0.4064 0.0462  -0.0822 -0.2036 323 LEU A CG  
354 C CD1 . LEU A 46 ? 0.4050 0.6495 0.4115 0.0412  -0.0959 -0.2279 323 LEU A CD1 
355 C CD2 . LEU A 46 ? 0.3666 0.5531 0.3605 0.0410  -0.0837 -0.2092 323 LEU A CD2 
356 N N   . LEU A 47 ? 0.4352 0.6227 0.3559 0.0776  -0.0613 -0.1581 324 LEU A N   
357 C CA  . LEU A 47 ? 0.4558 0.6253 0.3800 0.0665  -0.0587 -0.1500 324 LEU A CA  
358 C C   . LEU A 47 ? 0.4089 0.6195 0.3395 0.0713  -0.0622 -0.1631 324 LEU A C   
359 O O   . LEU A 47 ? 0.4759 0.6922 0.4204 0.0514  -0.0602 -0.1671 324 LEU A O   
360 C CB  . LEU A 47 ? 0.4762 0.6075 0.3806 0.0786  -0.0516 -0.1299 324 LEU A CB  
361 C CG  . LEU A 47 ? 0.4284 0.5378 0.3346 0.0718  -0.0505 -0.1235 324 LEU A CG  
362 C CD1 . LEU A 47 ? 0.3863 0.4707 0.3068 0.0459  -0.0521 -0.1235 324 LEU A CD1 
363 C CD2 . LEU A 47 ? 0.4471 0.5222 0.3381 0.0883  -0.0467 -0.1073 324 LEU A CD2 
364 N N   . VAL A 48 ? 0.4323 0.6737 0.3519 0.0978  -0.0676 -0.1713 325 VAL A N   
365 C CA  . VAL A 48 ? 0.4384 0.7268 0.3713 0.1057  -0.0729 -0.1904 325 VAL A CA  
366 C C   . VAL A 48 ? 0.3845 0.7140 0.3527 0.0840  -0.0759 -0.2134 325 VAL A C   
367 O O   . VAL A 48 ? 0.3785 0.7369 0.3698 0.0674  -0.0719 -0.2256 325 VAL A O   
368 C CB  . VAL A 48 ? 0.5310 0.8356 0.4404 0.1448  -0.0832 -0.1943 325 VAL A CB  
369 C CG1 . VAL A 48 ? 0.5638 0.9256 0.4953 0.1558  -0.0922 -0.2221 325 VAL A CG1 
370 C CG2 . VAL A 48 ? 0.6188 0.8751 0.4962 0.1622  -0.0805 -0.1693 325 VAL A CG2 
371 N N   . GLN A 49 ? 0.3637 0.6971 0.3380 0.0826  -0.0823 -0.2210 326 GLN A N   
372 C CA  . GLN A 49 ? 0.3553 0.7258 0.3677 0.0640  -0.0889 -0.2458 326 GLN A CA  
373 C C   . GLN A 49 ? 0.3970 0.7469 0.4314 0.0232  -0.0815 -0.2399 326 GLN A C   
374 O O   . GLN A 49 ? 0.3684 0.7503 0.4361 0.0016  -0.0814 -0.2568 326 GLN A O   
375 C CB  . GLN A 49 ? 0.3800 0.7507 0.3955 0.0734  -0.0970 -0.2527 326 GLN A CB  
376 C CG  . GLN A 49 ? 0.5572 0.9600 0.5655 0.1088  -0.1035 -0.2620 326 GLN A CG  
377 C CD  . GLN A 49 ? 0.6035 1.0566 0.6521 0.1088  -0.1078 -0.2874 326 GLN A CD  
378 O OE1 . GLN A 49 ? 0.6932 1.1732 0.7373 0.1352  -0.1121 -0.2948 326 GLN A OE1 
379 N NE2 . GLN A 49 ? 0.6465 1.1095 0.7361 0.0793  -0.1072 -0.3018 326 GLN A NE2 
380 N N   . ASN A 50 ? 0.4147 0.7104 0.4308 0.0117  -0.0760 -0.2165 327 ASN A N   
381 C CA  . ASN A 50 ? 0.4328 0.6982 0.4589 -0.0239 -0.0730 -0.2078 327 ASN A CA  
382 C C   . ASN A 50 ? 0.4428 0.7031 0.4553 -0.0347 -0.0601 -0.1955 327 ASN A C   
383 O O   . ASN A 50 ? 0.4493 0.6793 0.4581 -0.0628 -0.0566 -0.1839 327 ASN A O   
384 C CB  . ASN A 50 ? 0.4735 0.6843 0.4909 -0.0292 -0.0794 -0.1952 327 ASN A CB  
385 C CG  . ASN A 50 ? 0.5378 0.7561 0.5781 -0.0295 -0.0931 -0.2130 327 ASN A CG  
386 O OD1 . ASN A 50 ? 0.4608 0.7245 0.5198 -0.0217 -0.0982 -0.2342 327 ASN A OD1 
387 N ND2 . ASN A 50 ? 0.5914 0.7677 0.6332 -0.0361 -0.1013 -0.2088 327 ASN A ND2 
388 N N   . ALA A 51 ? 0.4079 0.6960 0.4103 -0.0114 -0.0550 -0.1987 328 ALA A N   
389 C CA  . ALA A 51 ? 0.4682 0.7635 0.4617 -0.0190 -0.0433 -0.1945 328 ALA A CA  
390 C C   . ALA A 51 ? 0.3928 0.7381 0.4143 -0.0449 -0.0340 -0.2114 328 ALA A C   
391 O O   . ALA A 51 ? 0.3649 0.7457 0.4175 -0.0506 -0.0389 -0.2303 328 ALA A O   
392 C CB  . ALA A 51 ? 0.3778 0.6883 0.3575 0.0165  -0.0443 -0.1975 328 ALA A CB  
393 N N   . ASN A 52 ? 0.3991 0.7496 0.4106 -0.0618 -0.0196 -0.2062 329 ASN A N   
394 C CA  . ASN A 52 ? 0.4465 0.8492 0.4841 -0.0903 -0.0045 -0.2215 329 ASN A CA  
395 C C   . ASN A 52 ? 0.4714 0.9499 0.5385 -0.0654 -0.0045 -0.2535 329 ASN A C   
396 O O   . ASN A 52 ? 0.4328 0.9129 0.4881 -0.0255 -0.0160 -0.2580 329 ASN A O   
397 C CB  . ASN A 52 ? 0.4600 0.8473 0.4708 -0.1158 0.0134  -0.2056 329 ASN A CB  
398 C CG  . ASN A 52 ? 0.5050 0.8946 0.4902 -0.0868 0.0154  -0.2053 329 ASN A CG  
399 O OD1 . ASN A 52 ? 0.5328 0.9558 0.5297 -0.0523 0.0082  -0.2231 329 ASN A OD1 
400 N ND2 . ASN A 52 ? 0.5261 0.8767 0.4745 -0.0994 0.0223  -0.1860 329 ASN A ND2 
401 N N   . PRO A 53 ? 0.4970 1.0374 0.6044 -0.0883 0.0067  -0.2770 330 PRO A N   
402 C CA  . PRO A 53 ? 0.4926 1.1104 0.6349 -0.0614 0.0024  -0.3141 330 PRO A CA  
403 C C   . PRO A 53 ? 0.4723 1.1094 0.5972 -0.0301 0.0039  -0.3212 330 PRO A C   
404 O O   . PRO A 53 ? 0.5118 1.1787 0.6460 0.0110  -0.0130 -0.3427 330 PRO A O   
405 C CB  . PRO A 53 ? 0.4875 1.1664 0.6791 -0.1021 0.0206  -0.3365 330 PRO A CB  
406 C CG  . PRO A 53 ? 0.4894 1.1138 0.6769 -0.1420 0.0228  -0.3123 330 PRO A CG  
407 C CD  . PRO A 53 ? 0.5267 1.0677 0.6552 -0.1385 0.0203  -0.2733 330 PRO A CD  
408 N N   . ASP A 54 ? 0.4723 1.0904 0.5699 -0.0460 0.0208  -0.3049 331 ASP A N   
409 C CA  . ASP A 54 ? 0.5384 1.1772 0.6236 -0.0156 0.0204  -0.3162 331 ASP A CA  
410 C C   . ASP A 54 ? 0.4963 1.0803 0.5516 0.0283  -0.0035 -0.3023 331 ASP A C   
411 O O   . ASP A 54 ? 0.3838 0.9928 0.4459 0.0679  -0.0180 -0.3220 331 ASP A O   
412 C CB  . ASP A 54 ? 0.6366 1.2656 0.6947 -0.0422 0.0429  -0.3024 331 ASP A CB  
413 C CG  . ASP A 54 ? 0.7011 1.3987 0.7878 -0.0826 0.0715  -0.3203 331 ASP A CG  
414 O OD1 . ASP A 54 ? 0.7246 1.4968 0.8622 -0.0790 0.0728  -0.3556 331 ASP A OD1 
415 O OD2 . ASP A 54 ? 0.7690 1.4463 0.8270 -0.1183 0.0927  -0.2995 331 ASP A OD2 
416 N N   . CYS A 55 ? 0.4015 0.9097 0.4253 0.0214  -0.0083 -0.2689 332 CYS A N   
417 C CA  . CYS A 55 ? 0.4251 0.8805 0.4232 0.0566  -0.0264 -0.2537 332 CYS A CA  
418 C C   . CYS A 55 ? 0.4046 0.8640 0.4106 0.0796  -0.0430 -0.2594 332 CYS A C   
419 O O   . CYS A 55 ? 0.3869 0.8265 0.3760 0.1160  -0.0580 -0.2562 332 CYS A O   
420 C CB  . CYS A 55 ? 0.3870 0.7672 0.3545 0.0413  -0.0246 -0.2211 332 CYS A CB  
421 S SG  . CYS A 55 ? 0.4761 0.8379 0.4197 0.0315  -0.0137 -0.2134 332 CYS A SG  
422 N N   . LYS A 56 ? 0.3668 0.8489 0.3955 0.0596  -0.0418 -0.2676 333 LYS A N   
423 C CA  . LYS A 56 ? 0.4145 0.9069 0.4482 0.0838  -0.0589 -0.2772 333 LYS A CA  
424 C C   . LYS A 56 ? 0.4233 0.9688 0.4702 0.1212  -0.0726 -0.3065 333 LYS A C   
425 O O   . LYS A 56 ? 0.4694 0.9980 0.5016 0.1562  -0.0892 -0.3008 333 LYS A O   
426 C CB  . LYS A 56 ? 0.4632 0.9762 0.5265 0.0552  -0.0570 -0.2873 333 LYS A CB  
427 C CG  . LYS A 56 ? 0.4440 0.9562 0.5046 0.0779  -0.0749 -0.2936 333 LYS A CG  
428 C CD  . LYS A 56 ? 0.4724 0.9993 0.5662 0.0479  -0.0751 -0.3051 333 LYS A CD  
429 C CE  . LYS A 56 ? 0.4949 1.0109 0.5843 0.0724  -0.0882 -0.3054 333 LYS A CE  
430 N NZ  . LYS A 56 ? 0.5443 1.0696 0.6703 0.0472  -0.0890 -0.3180 333 LYS A NZ  
431 N N   . LEU A 57 ? 0.3976 1.0025 0.4766 0.1138  -0.0639 -0.3325 334 LEU A N   
432 C CA  . LEU A 57 ? 0.3832 1.0349 0.4874 0.1508  -0.0780 -0.3568 334 LEU A CA  
433 C C   . LEU A 57 ? 0.4655 1.0676 0.5334 0.1899  -0.0936 -0.3388 334 LEU A C   
434 O O   . LEU A 57 ? 0.4226 1.0180 0.4824 0.2297  -0.1152 -0.3418 334 LEU A O   
435 C CB  . LEU A 57 ? 0.4564 1.1821 0.6027 0.1313  -0.0632 -0.3879 334 LEU A CB  
436 C CG  . LEU A 57 ? 0.4462 1.2505 0.6470 0.1057  -0.0542 -0.4243 334 LEU A CG  
437 C CD1 . LEU A 57 ? 0.4207 1.2810 0.6458 0.0795  -0.0373 -0.4484 334 LEU A CD1 
438 C CD2 . LEU A 57 ? 0.4678 1.2786 0.6795 0.1420  -0.0737 -0.4424 334 LEU A CD2 
439 N N   . VAL A 58 ? 0.4047 0.9689 0.4484 0.1797  -0.0832 -0.3215 335 VAL A N   
440 C CA  . VAL A 58 ? 0.4860 1.0035 0.5001 0.2140  -0.0978 -0.3092 335 VAL A CA  
441 C C   . VAL A 58 ? 0.5647 1.0160 0.5350 0.2331  -0.1104 -0.2829 335 VAL A C   
442 O O   . VAL A 58 ? 0.4720 0.8973 0.4196 0.2720  -0.1308 -0.2803 335 VAL A O   
443 C CB  . VAL A 58 ? 0.4763 0.9701 0.4785 0.1967  -0.0832 -0.2995 335 VAL A CB  
444 C CG1 . VAL A 58 ? 0.5062 0.9426 0.4786 0.2301  -0.0992 -0.2875 335 VAL A CG1 
445 C CG2 . VAL A 58 ? 0.5057 1.0691 0.5452 0.1827  -0.0715 -0.3259 335 VAL A CG2 
446 N N   . LEU A 59 ? 0.4417 0.8637 0.3989 0.2054  -0.0988 -0.2625 336 LEU A N   
447 C CA  . LEU A 59 ? 0.4755 0.8371 0.3971 0.2166  -0.1046 -0.2329 336 LEU A CA  
448 C C   . LEU A 59 ? 0.4667 0.8462 0.3756 0.2489  -0.1237 -0.2432 336 LEU A C   
449 O O   . LEU A 59 ? 0.5634 0.8971 0.4337 0.2763  -0.1350 -0.2233 336 LEU A O   
450 C CB  . LEU A 59 ? 0.4199 0.7563 0.3415 0.1799  -0.0889 -0.2144 336 LEU A CB  
451 C CG  . LEU A 59 ? 0.4534 0.7539 0.3748 0.1533  -0.0748 -0.1983 336 LEU A CG  
452 C CD1 . LEU A 59 ? 0.4363 0.7148 0.3610 0.1202  -0.0649 -0.1854 336 LEU A CD1 
453 C CD2 . LEU A 59 ? 0.4319 0.6756 0.3290 0.1727  -0.0793 -0.1778 336 LEU A CD2 
454 N N   . LYS A 60 ? 0.4526 0.8909 0.4008 0.2431  -0.1242 -0.2671 337 LYS A N   
455 C CA  . LYS A 60 ? 0.5314 0.9846 0.4765 0.2744  -0.1402 -0.2761 337 LYS A CA  
456 C C   . LYS A 60 ? 0.5163 0.9704 0.4523 0.3184  -0.1595 -0.2882 337 LYS A C   
457 O O   . LYS A 60 ? 0.5631 0.9990 0.4708 0.3508  -0.1740 -0.2866 337 LYS A O   
458 C CB  . LYS A 60 ? 0.4559 0.9720 0.4509 0.2580  -0.1361 -0.3040 337 LYS A CB  
459 C CG  . LYS A 60 ? 0.4717 0.9744 0.4672 0.2254  -0.1248 -0.2924 337 LYS A CG  
460 C CD  . LYS A 60 ? 0.6075 1.1682 0.6550 0.2080  -0.1218 -0.3225 337 LYS A CD  
461 C CE  . LYS A 60 ? 0.6902 1.2317 0.7365 0.1846  -0.1171 -0.3134 337 LYS A CE  
462 N NZ  . LYS A 60 ? 0.7859 1.2973 0.7938 0.2134  -0.1274 -0.2987 337 LYS A NZ  
463 N N   . GLY A 61 ? 0.5153 0.9859 0.4702 0.3209  -0.1599 -0.3017 338 GLY A N   
464 C CA  . GLY A 61 ? 0.5667 1.0272 0.5095 0.3639  -0.1795 -0.3159 338 GLY A CA  
465 C C   . GLY A 61 ? 0.6235 0.9994 0.5062 0.3849  -0.1920 -0.2835 338 GLY A C   
466 O O   . GLY A 61 ? 0.7132 1.0620 0.5758 0.4176  -0.2107 -0.2913 338 GLY A O   
467 N N   . LEU A 62 ? 0.6003 0.9294 0.4526 0.3642  -0.1823 -0.2477 339 LEU A N   
468 C CA  . LEU A 62 ? 0.6856 0.9347 0.4920 0.3780  -0.1898 -0.2118 339 LEU A CA  
469 C C   . LEU A 62 ? 0.7275 0.9271 0.4803 0.4004  -0.1989 -0.1857 339 LEU A C   
470 O O   . LEU A 62 ? 0.7779 0.9059 0.4909 0.4105  -0.2028 -0.1514 339 LEU A O   
471 C CB  . LEU A 62 ? 0.6108 0.8222 0.4216 0.3363  -0.1615 -0.1848 339 LEU A CB  
472 C CG  . LEU A 62 ? 0.5672 0.8074 0.4185 0.3120  -0.1486 -0.2024 339 LEU A CG  
473 C CD1 . LEU A 62 ? 0.6052 0.7996 0.4542 0.2771  -0.1269 -0.1753 339 LEU A CD1 
474 C CD2 . LEU A 62 ? 0.5747 0.8144 0.4348 0.3412  -0.1665 -0.2195 339 LEU A CD2 
475 N N   . GLY A 63 ? 0.7032 0.9362 0.4563 0.4062  -0.1996 -0.2000 340 GLY A N   
476 C CA  . GLY A 63 ? 0.7885 0.9775 0.4868 0.4280  -0.2072 -0.1775 340 GLY A CA  
477 C C   . GLY A 63 ? 0.8076 0.9690 0.4722 0.4067  -0.1891 -0.1436 340 GLY A C   
478 O O   . GLY A 63 ? 0.8009 0.9947 0.4929 0.3754  -0.1725 -0.1495 340 GLY A O   
479 N N   . MET A 64 ? 0.8792 0.9774 0.4823 0.4219  -0.1908 -0.1085 341 MET A N   
480 C CA  . MET A 64 ? 0.9239 0.9982 0.4880 0.4052  -0.1713 -0.0779 341 MET A CA  
481 C C   . MET A 64 ? 0.9260 0.9467 0.4830 0.3800  -0.1515 -0.0445 341 MET A C   
482 O O   . MET A 64 ? 0.9926 0.9628 0.5458 0.3872  -0.1576 -0.0287 341 MET A O   
483 C CB  . MET A 64 ? 1.0522 1.0866 0.5535 0.4293  -0.1767 -0.0555 341 MET A CB  
484 C CG  . MET A 64 ? 1.1167 1.2023 0.6234 0.4423  -0.1832 -0.0822 341 MET A CG  
485 S SD  . MET A 64 ? 1.2525 1.2863 0.6731 0.4642  -0.1839 -0.0481 341 MET A SD  
486 C CE  . MET A 64 ? 1.1872 1.1835 0.5735 0.4287  -0.1482 -0.0039 341 MET A CE  
487 N N   . ASN A 65 ? 0.8858 0.9161 0.4561 0.3454  -0.1241 -0.0378 342 ASN A N   
488 C CA  . ASN A 65 ? 1.0018 0.9841 0.5800 0.3134  -0.0972 -0.0098 342 ASN A CA  
489 C C   . ASN A 65 ? 0.9257 0.8818 0.5428 0.3039  -0.0994 -0.0107 342 ASN A C   
490 O O   . ASN A 65 ? 1.0033 0.8969 0.6028 0.3069  -0.0977 0.0162  342 ASN A O   
491 C CB  . ASN A 65 ? 1.1099 1.0332 0.6249 0.3192  -0.0854 0.0314  342 ASN A CB  
492 C CG  . ASN A 65 ? 1.2020 1.1536 0.6721 0.3294  -0.0814 0.0317  342 ASN A CG  
493 O OD1 . ASN A 65 ? 1.1978 1.2069 0.6968 0.3173  -0.0768 0.0048  342 ASN A OD1 
494 N ND2 . ASN A 65 ? 1.2683 1.1767 0.6645 0.3525  -0.0846 0.0622  342 ASN A ND2 
495 N N   . PRO A 66 ? 0.8708 0.8725 0.5397 0.2922  -0.1031 -0.0414 343 PRO A N   
496 C CA  . PRO A 66 ? 0.8126 0.7941 0.5147 0.2840  -0.1043 -0.0450 343 PRO A CA  
497 C C   . PRO A 66 ? 0.8070 0.7572 0.5294 0.2491  -0.0809 -0.0290 343 PRO A C   
498 O O   . PRO A 66 ? 0.7061 0.6800 0.4430 0.2247  -0.0660 -0.0338 343 PRO A O   
499 C CB  . PRO A 66 ? 0.7470 0.7957 0.4900 0.2809  -0.1122 -0.0828 343 PRO A CB  
500 C CG  . PRO A 66 ? 0.8415 0.9415 0.5747 0.2928  -0.1200 -0.1001 343 PRO A CG  
501 C CD  . PRO A 66 ? 0.8187 0.8922 0.5160 0.2871  -0.1073 -0.0751 343 PRO A CD  
502 N N   . THR A 67 ? 0.8472 0.7439 0.5741 0.2483  -0.0806 -0.0132 344 THR A N   
503 C CA  . THR A 67 ? 0.7424 0.6122 0.4966 0.2175  -0.0619 -0.0042 344 THR A CA  
504 C C   . THR A 67 ? 0.6771 0.5836 0.4728 0.2005  -0.0627 -0.0308 344 THR A C   
505 O O   . THR A 67 ? 0.5969 0.5432 0.4015 0.2113  -0.0755 -0.0535 344 THR A O   
506 C CB  . THR A 67 ? 0.7606 0.5647 0.5157 0.2217  -0.0643 0.0152  344 THR A CB  
507 O OG1 . THR A 67 ? 0.7919 0.5993 0.5667 0.2391  -0.0852 -0.0047 344 THR A OG1 
508 C CG2 . THR A 67 ? 0.8237 0.5826 0.5289 0.2399  -0.0659 0.0457  344 THR A CG2 
509 N N   . LEU A 68 ? 0.6041 0.4346 0.5176 0.1646  -0.0379 0.0149  345 LEU A N   
510 C CA  . LEU A 68 ? 0.5249 0.3440 0.4451 0.1415  -0.0505 -0.0020 345 LEU A CA  
511 C C   . LEU A 68 ? 0.5798 0.3617 0.4741 0.1462  -0.0533 -0.0063 345 LEU A C   
512 O O   . LEU A 68 ? 0.5975 0.3961 0.4846 0.1414  -0.0602 -0.0202 345 LEU A O   
513 C CB  . LEU A 68 ? 0.5361 0.3323 0.4848 0.1138  -0.0577 0.0016  345 LEU A CB  
514 C CG  . LEU A 68 ? 0.5361 0.3311 0.4969 0.0922  -0.0696 -0.0062 345 LEU A CG  
515 C CD1 . LEU A 68 ? 0.5319 0.3699 0.4991 0.0938  -0.0672 -0.0201 345 LEU A CD1 
516 C CD2 . LEU A 68 ? 0.5129 0.3004 0.5077 0.0710  -0.0743 0.0039  345 LEU A CD2 
517 N N   . GLU A 69 ? 0.6171 0.3483 0.4992 0.1544  -0.0448 0.0038  346 GLU A N   
518 C CA  . GLU A 69 ? 0.6999 0.3928 0.5602 0.1573  -0.0420 -0.0066 346 GLU A CA  
519 C C   . GLU A 69 ? 0.7043 0.4280 0.5440 0.1874  -0.0359 -0.0103 346 GLU A C   
520 O O   . GLU A 69 ? 0.7169 0.4401 0.5424 0.1839  -0.0407 -0.0271 346 GLU A O   
521 C CB  . GLU A 69 ? 0.8820 0.5089 0.7394 0.1590  -0.0262 0.0018  346 GLU A CB  
522 C CG  . GLU A 69 ? 1.0487 0.6315 0.8862 0.1652  -0.0147 -0.0134 346 GLU A CG  
523 C CD  . GLU A 69 ? 1.1930 0.7047 1.0352 0.1475  0.0007  -0.0181 346 GLU A CD  
524 O OE1 . GLU A 69 ? 1.2178 0.7240 1.0762 0.1171  -0.0078 -0.0181 346 GLU A OE1 
525 O OE2 . GLU A 69 ? 1.2458 0.7078 1.0782 0.1631  0.0239  -0.0233 346 GLU A OE2 
526 N N   . GLU A 70 ? 0.6677 0.4289 0.5058 0.2172  -0.0255 0.0062  347 GLU A N   
527 C CA  . GLU A 70 ? 0.6790 0.4864 0.4998 0.2474  -0.0200 0.0051  347 GLU A CA  
528 C C   . GLU A 70 ? 0.6158 0.4800 0.4383 0.2305  -0.0344 -0.0179 347 GLU A C   
529 O O   . GLU A 70 ? 0.6018 0.4853 0.4081 0.2408  -0.0349 -0.0292 347 GLU A O   
530 C CB  . GLU A 70 ? 0.7761 0.6311 0.5967 0.2820  -0.0065 0.0314  347 GLU A CB  
531 C CG  . GLU A 70 ? 0.8311 0.6285 0.6503 0.3073  0.0145  0.0617  347 GLU A CG  
532 C CD  . GLU A 70 ? 0.9408 0.7963 0.7636 0.3396  0.0269  0.0957  347 GLU A CD  
533 O OE1 . GLU A 70 ? 0.9245 0.8658 0.7517 0.3339  0.0171  0.0892  347 GLU A OE1 
534 O OE2 . GLU A 70 ? 1.0219 0.8433 0.8461 0.3635  0.0485  0.1267  347 GLU A OE2 
535 N N   . MET A 71 ? 0.5453 0.4346 0.3900 0.2046  -0.0430 -0.0249 348 MET A N   
536 C CA  . MET A 71 ? 0.5110 0.4427 0.3643 0.1853  -0.0509 -0.0456 348 MET A CA  
537 C C   . MET A 71 ? 0.5479 0.4439 0.3958 0.1662  -0.0613 -0.0547 348 MET A C   
538 O O   . MET A 71 ? 0.5516 0.4759 0.3899 0.1651  -0.0640 -0.0677 348 MET A O   
539 C CB  . MET A 71 ? 0.4783 0.4324 0.3638 0.1622  -0.0511 -0.0506 348 MET A CB  
540 C CG  . MET A 71 ? 0.5473 0.5601 0.4388 0.1751  -0.0406 -0.0498 348 MET A CG  
541 S SD  . MET A 71 ? 0.5882 0.6208 0.5221 0.1444  -0.0359 -0.0638 348 MET A SD  
542 C CE  . MET A 71 ? 0.6115 0.7366 0.5426 0.1603  -0.0230 -0.0700 348 MET A CE  
543 N N   . LEU A 72 ? 0.5294 0.3726 0.3835 0.1494  -0.0670 -0.0480 349 LEU A N   
544 C CA  . LEU A 72 ? 0.5367 0.3613 0.3850 0.1293  -0.0774 -0.0558 349 LEU A CA  
545 C C   . LEU A 72 ? 0.5692 0.3835 0.3862 0.1452  -0.0733 -0.0673 349 LEU A C   
546 O O   . LEU A 72 ? 0.6100 0.4428 0.4174 0.1356  -0.0802 -0.0789 349 LEU A O   
547 C CB  . LEU A 72 ? 0.5483 0.3325 0.4084 0.1077  -0.0833 -0.0482 349 LEU A CB  
548 C CG  . LEU A 72 ? 0.6222 0.4194 0.5177 0.0888  -0.0888 -0.0363 349 LEU A CG  
549 C CD1 . LEU A 72 ? 0.5655 0.3294 0.4710 0.0727  -0.0924 -0.0273 349 LEU A CD1 
550 C CD2 . LEU A 72 ? 0.4944 0.3226 0.4045 0.0724  -0.0969 -0.0356 349 LEU A CD2 
551 N N   . THR A 73 ? 0.6038 0.3896 0.4075 0.1711  -0.0594 -0.0623 350 THR A N   
552 C CA  . THR A 73 ? 0.6417 0.4131 0.4210 0.1912  -0.0495 -0.0729 350 THR A CA  
553 C C   . THR A 73 ? 0.6702 0.5035 0.4391 0.2090  -0.0503 -0.0791 350 THR A C   
554 O O   . THR A 73 ? 0.7142 0.5576 0.4676 0.2070  -0.0527 -0.0953 350 THR A O   
555 C CB  . THR A 73 ? 0.6882 0.4138 0.4637 0.2205  -0.0280 -0.0587 350 THR A CB  
556 O OG1 . THR A 73 ? 0.8493 0.5169 0.6358 0.1987  -0.0252 -0.0568 350 THR A OG1 
557 C CG2 . THR A 73 ? 0.7349 0.4397 0.4912 0.2455  -0.0118 -0.0690 350 THR A CG2 
558 N N   . ALA A 74 ? 0.5955 0.4789 0.3729 0.2241  -0.0477 -0.0689 351 ALA A N   
559 C CA  . ALA A 74 ? 0.6211 0.5742 0.3897 0.2399  -0.0464 -0.0768 351 ALA A CA  
560 C C   . ALA A 74 ? 0.5478 0.5317 0.3219 0.2094  -0.0585 -0.0948 351 ALA A C   
561 O O   . ALA A 74 ? 0.5459 0.5712 0.3072 0.2164  -0.0579 -0.1067 351 ALA A O   
562 C CB  . ALA A 74 ? 0.5774 0.5905 0.3555 0.2567  -0.0402 -0.0658 351 ALA A CB  
563 N N   . CYS A 75 ? 0.5660 0.5321 0.3615 0.1774  -0.0673 -0.0937 352 CYS A N   
564 C CA  . CYS A 75 ? 0.6001 0.5933 0.4087 0.1505  -0.0739 -0.1025 352 CYS A CA  
565 C C   . CYS A 75 ? 0.5143 0.4819 0.3139 0.1329  -0.0838 -0.1033 352 CYS A C   
566 O O   . CYS A 75 ? 0.4982 0.4882 0.3097 0.1121  -0.0883 -0.1031 352 CYS A O   
567 C CB  . CYS A 75 ? 0.5663 0.5638 0.4106 0.1291  -0.0726 -0.0974 352 CYS A CB  
568 S SG  . CYS A 75 ? 0.5320 0.5914 0.3901 0.1374  -0.0591 -0.1090 352 CYS A SG  
569 N N   . GLN A 76 ? 0.5743 0.4999 0.3551 0.1393  -0.0848 -0.1046 353 GLN A N   
570 C CA  . GLN A 76 ? 0.5999 0.5151 0.3704 0.1190  -0.0937 -0.1108 353 GLN A CA  
571 C C   . GLN A 76 ? 0.6447 0.6029 0.3984 0.1201  -0.0949 -0.1233 353 GLN A C   
572 O O   . GLN A 76 ? 0.5878 0.5549 0.3210 0.1443  -0.0861 -0.1358 353 GLN A O   
573 C CB  . GLN A 76 ? 0.6074 0.4721 0.3610 0.1241  -0.0881 -0.1202 353 GLN A CB  
574 C CG  . GLN A 76 ? 0.7626 0.6293 0.5032 0.0988  -0.0960 -0.1346 353 GLN A CG  
575 C CD  . GLN A 76 ? 0.9257 0.7417 0.6512 0.0999  -0.0839 -0.1546 353 GLN A CD  
576 O OE1 . GLN A 76 ? 1.0205 0.7969 0.7422 0.1275  -0.0663 -0.1559 353 GLN A OE1 
577 N NE2 . GLN A 76 ? 0.9893 0.8105 0.7089 0.0692  -0.0907 -0.1699 353 GLN A NE2 
578 N N   . GLY A 77 ? 0.5736 0.5613 0.3380 0.0955  -0.1039 -0.1164 354 GLY A N   
579 C CA  . GLY A 77 ? 0.5910 0.6233 0.3421 0.0923  -0.1048 -0.1248 354 GLY A CA  
580 C C   . GLY A 77 ? 0.5735 0.6456 0.3352 0.0988  -0.0967 -0.1269 354 GLY A C   
581 O O   . GLY A 77 ? 0.6363 0.7489 0.3935 0.0905  -0.0964 -0.1308 354 GLY A O   
582 N N   . VAL A 78 ? 0.5598 0.6289 0.3362 0.1106  -0.0890 -0.1264 355 VAL A N   
583 C CA  . VAL A 78 ? 0.6099 0.7280 0.3971 0.1123  -0.0793 -0.1358 355 VAL A CA  
584 C C   . VAL A 78 ? 0.6574 0.7889 0.4769 0.0821  -0.0756 -0.1278 355 VAL A C   
585 O O   . VAL A 78 ? 0.6601 0.7606 0.5067 0.0672  -0.0768 -0.1105 355 VAL A O   
586 C CB  . VAL A 78 ? 0.5909 0.7135 0.3865 0.1290  -0.0715 -0.1380 355 VAL A CB  
587 C CG1 . VAL A 78 ? 0.6422 0.8290 0.4521 0.1232  -0.0603 -0.1538 355 VAL A CG1 
588 C CG2 . VAL A 78 ? 0.5373 0.6476 0.3048 0.1639  -0.0701 -0.1380 355 VAL A CG2 
589 N N   . GLY A 79 ? 0.6236 0.8013 0.4437 0.0739  -0.0685 -0.1386 356 GLY A N   
590 C CA  . GLY A 79 ? 0.7386 0.9253 0.5916 0.0460  -0.0593 -0.1288 356 GLY A CA  
591 C C   . GLY A 79 ? 0.8289 1.0248 0.6716 0.0354  -0.0665 -0.1132 356 GLY A C   
592 O O   . GLY A 79 ? 0.8784 1.0812 0.7505 0.0144  -0.0567 -0.0965 356 GLY A O   
593 N N   . GLY A 80 ? 0.8953 1.0931 0.6994 0.0489  -0.0803 -0.1177 357 GLY A N   
594 C CA  . GLY A 80 ? 0.9148 1.1361 0.7037 0.0384  -0.0876 -0.1078 357 GLY A CA  
595 C C   . GLY A 80 ? 0.9274 1.1664 0.6724 0.0565  -0.0939 -0.1316 357 GLY A C   
596 O O   . GLY A 80 ? 0.9140 1.1414 0.6553 0.0769  -0.0860 -0.1456 357 GLY A O   
597 N N   . PRO A 81 ? 0.8965 1.1541 0.6262 0.0462  -0.1002 -0.1263 358 PRO A N   
598 C CA  . PRO A 81 ? 0.8896 1.1401 0.6033 0.0564  -0.0948 -0.1412 358 PRO A CA  
599 C C   . PRO A 81 ? 0.8572 1.0639 0.5539 0.0669  -0.0986 -0.1538 358 PRO A C   
600 O O   . PRO A 81 ? 0.8842 1.0836 0.5671 0.0781  -0.0915 -0.1711 358 PRO A O   
601 C CB  . PRO A 81 ? 0.9189 1.2089 0.6272 0.0368  -0.0986 -0.1313 358 PRO A CB  
602 C CG  . PRO A 81 ? 0.9296 1.2338 0.6451 0.0188  -0.1114 -0.1062 358 PRO A CG  
603 C CD  . PRO A 81 ? 0.8909 1.1737 0.6318 0.0224  -0.1070 -0.0981 358 PRO A CD  
604 N N   . GLY A 82 ? 0.7900 0.9692 0.4881 0.0642  -0.1088 -0.1481 359 GLY A N   
605 C CA  . GLY A 82 ? 0.7928 0.9306 0.4739 0.0698  -0.1119 -0.1635 359 GLY A CA  
606 C C   . GLY A 82 ? 0.7101 0.8086 0.3838 0.1016  -0.0993 -0.1791 359 GLY A C   
607 O O   . GLY A 82 ? 0.8177 0.8824 0.4732 0.1112  -0.0932 -0.1996 359 GLY A O   
608 N N   . GLN A 83 ? 0.6192 0.7257 0.3077 0.1184  -0.0930 -0.1706 360 GLN A N   
609 C CA  . GLN A 83 ? 0.6687 0.7520 0.3509 0.1529  -0.0813 -0.1773 360 GLN A CA  
610 C C   . GLN A 83 ? 0.6636 0.7584 0.3353 0.1731  -0.0684 -0.1898 360 GLN A C   
611 O O   . GLN A 83 ? 0.7746 0.8410 0.4349 0.2068  -0.0565 -0.1956 360 GLN A O   
612 C CB  . GLN A 83 ? 0.7107 0.8221 0.4144 0.1617  -0.0773 -0.1652 360 GLN A CB  
613 C CG  . GLN A 83 ? 0.7037 0.8743 0.4269 0.1517  -0.0714 -0.1628 360 GLN A CG  
614 C CD  . GLN A 83 ? 0.7128 0.9190 0.4577 0.1598  -0.0639 -0.1591 360 GLN A CD  
615 O OE1 . GLN A 83 ? 0.6886 0.8820 0.4320 0.1795  -0.0620 -0.1557 360 GLN A OE1 
616 N NE2 . GLN A 83 ? 0.7490 1.0041 0.5138 0.1434  -0.0586 -0.1611 360 GLN A NE2 
617 N N   . LYS A 84 ? 0.6273 0.7614 0.3023 0.1561  -0.0686 -0.1925 361 LYS A N   
618 C CA  . LYS A 84 ? 0.6557 0.8036 0.3218 0.1750  -0.0569 -0.2059 361 LYS A CA  
619 C C   . LYS A 84 ? 0.7974 0.8961 0.4399 0.1828  -0.0483 -0.2298 361 LYS A C   
620 O O   . LYS A 84 ? 0.8222 0.9165 0.4568 0.2074  -0.0329 -0.2433 361 LYS A O   
621 C CB  . LYS A 84 ? 0.6455 0.8442 0.3199 0.1526  -0.0592 -0.2036 361 LYS A CB  
622 C CG  . LYS A 84 ? 0.6464 0.8885 0.3464 0.1444  -0.0605 -0.1872 361 LYS A CG  
623 C CD  . LYS A 84 ? 0.6900 0.9557 0.4021 0.1753  -0.0524 -0.1855 361 LYS A CD  
624 C CE  . LYS A 84 ? 0.7157 1.0283 0.4553 0.1606  -0.0513 -0.1768 361 LYS A CE  
625 N NZ  . LYS A 84 ? 0.6932 1.0461 0.4475 0.1874  -0.0453 -0.1752 361 LYS A NZ  
626 N N   . ALA A 85 ? 0.7806 0.8427 0.4145 0.1611  -0.0557 -0.2372 362 ALA A N   
627 C CA  . ALA A 85 ? 0.8470 0.8573 0.4640 0.1618  -0.0430 -0.2663 362 ALA A CA  
628 C C   . ALA A 85 ? 0.8986 0.8472 0.5141 0.2046  -0.0215 -0.2698 362 ALA A C   
629 O O   . ALA A 85 ? 0.9798 0.8790 0.5903 0.2118  0.0004  -0.2942 362 ALA A O   
630 C CB  . ALA A 85 ? 0.8640 0.8579 0.4775 0.1258  -0.0571 -0.2723 362 ALA A CB  
631 N N   . ARG A 86 ? 0.8463 0.7979 0.4704 0.2316  -0.0232 -0.2439 363 ARG A N   
632 C CA  . ARG A 86 ? 0.8756 0.7808 0.5033 0.2771  0.0001  -0.2345 363 ARG A CA  
633 C C   . ARG A 86 ? 0.8529 0.7767 0.4833 0.3083  0.0203  -0.2369 363 ARG A C   
634 O O   . ARG A 86 ? 0.9312 0.8007 0.5689 0.3380  0.0479  -0.2356 363 ARG A O   
635 C CB  . ARG A 86 ? 0.8284 0.7596 0.4709 0.2931  -0.0075 -0.2006 363 ARG A CB  
636 C CG  . ARG A 86 ? 0.7391 0.6611 0.3960 0.2577  -0.0267 -0.1876 363 ARG A CG  
637 C CD  . ARG A 86 ? 0.6981 0.6615 0.3690 0.2726  -0.0312 -0.1625 363 ARG A CD  
638 N NE  . ARG A 86 ? 0.6599 0.6195 0.3485 0.2403  -0.0468 -0.1518 363 ARG A NE  
639 C CZ  . ARG A 86 ? 0.7562 0.7525 0.4605 0.2423  -0.0506 -0.1373 363 ARG A CZ  
640 N NH1 . ARG A 86 ? 0.6726 0.6596 0.3963 0.2142  -0.0609 -0.1295 363 ARG A NH1 
641 N NH2 . ARG A 86 ? 0.6180 0.6682 0.3193 0.2729  -0.0423 -0.1320 363 ARG A NH2 
642 N N   . LEU A 87 ? 0.8223 0.8201 0.4527 0.3005  0.0091  -0.2367 364 LEU A N   
643 C CA  . LEU A 87 ? 0.9049 0.9334 0.5383 0.3313  0.0243  -0.2358 364 LEU A CA  
644 C C   . LEU A 87 ? 0.9538 0.9508 0.5805 0.3238  0.0430  -0.2682 364 LEU A C   
645 O O   . LEU A 87 ? 0.9955 1.0207 0.6248 0.3451  0.0553  -0.2711 364 LEU A O   
646 C CB  . LEU A 87 ? 0.8688 0.9889 0.5109 0.3212  0.0055  -0.2238 364 LEU A CB  
647 C CG  . LEU A 87 ? 0.8097 0.9726 0.4666 0.3197  -0.0096 -0.1986 364 LEU A CG  
648 C CD1 . LEU A 87 ? 0.8022 1.0475 0.4797 0.3017  -0.0214 -0.1930 364 LEU A CD1 
649 C CD2 . LEU A 87 ? 0.7564 0.9134 0.4139 0.3671  0.0036  -0.1764 364 LEU A CD2 
650 N N   . MET A 88 ? 1.0257 0.9706 0.6452 0.2922  0.0462  -0.2945 365 MET A N   
651 C CA  . MET A 88 ? 1.1715 1.0921 0.7854 0.2767  0.0663  -0.3321 365 MET A CA  
652 C C   . MET A 88 ? 1.3035 1.1545 0.9147 0.2469  0.0766  -0.3599 365 MET A C   
653 O O   . MET A 88 ? 1.3102 1.1475 0.9198 0.2284  0.0583  -0.3504 365 MET A O   
654 C CB  . MET A 88 ? 1.1051 1.0994 0.7079 0.2440  0.0474  -0.3418 365 MET A CB  
655 C CG  . MET A 88 ? 1.0339 1.0679 0.6334 0.2022  0.0146  -0.3280 365 MET A CG  
656 S SD  . MET A 88 ? 1.0174 1.1448 0.6238 0.1856  -0.0061 -0.3074 365 MET A SD  
657 C CE  . MET A 88 ? 0.9535 1.1073 0.5778 0.2288  -0.0057 -0.2783 365 MET A CE  
658 O OXT . MET A 88 ? 1.4102 1.2180 1.0226 0.2382  0.1051  -0.3944 365 MET A OXT 
# 
loop_
_pdbx_poly_seq_scheme.asym_id 
_pdbx_poly_seq_scheme.entity_id 
_pdbx_poly_seq_scheme.seq_id 
_pdbx_poly_seq_scheme.mon_id 
_pdbx_poly_seq_scheme.ndb_seq_num 
_pdbx_poly_seq_scheme.pdb_seq_num 
_pdbx_poly_seq_scheme.auth_seq_num 
_pdbx_poly_seq_scheme.pdb_mon_id 
_pdbx_poly_seq_scheme.auth_mon_id 
_pdbx_poly_seq_scheme.pdb_strand_id 
_pdbx_poly_seq_scheme.pdb_ins_code 
_pdbx_poly_seq_scheme.hetero 
A 1 1  GLY 1  278 ?   ?   ?   A . n 
A 1 2  PRO 2  279 ?   ?   ?   A . n 
A 1 3  ASN 3  280 ?   ?   ?   A . n 
A 1 4  PRO 4  281 ?   ?   ?   A . n 
A 1 5  THR 5  282 282 THR THR A . n 
A 1 6  ASN 6  283 283 ASN ASN A . n 
A 1 7  ILE 7  284 284 ILE ILE A . n 
A 1 8  LEU 8  285 285 LEU LEU A . n 
A 1 9  ASP 9  286 286 ASP ASP A . n 
A 1 10 ILE 10 287 287 ILE ILE A . n 
A 1 11 LYS 11 288 288 LYS LYS A . n 
A 1 12 GLN 12 289 289 GLN GLN A . n 
A 1 13 GLY 13 290 290 GLY GLY A . n 
A 1 14 PRO 14 291 291 PRO PRO A . n 
A 1 15 LYS 15 292 292 LYS LYS A . n 
A 1 16 GLU 16 293 293 GLU GLU A . n 
A 1 17 PRO 17 294 294 PRO PRO A . n 
A 1 18 PHE 18 295 295 PHE PHE A . n 
A 1 19 GLN 19 296 296 GLN GLN A . n 
A 1 20 SER 20 297 297 SER SER A . n 
A 1 21 TYR 21 298 298 TYR TYR A . n 
A 1 22 VAL 22 299 299 VAL VAL A . n 
A 1 23 ASP 23 300 300 ASP ASP A . n 
A 1 24 ARG 24 301 301 ARG ARG A . n 
A 1 25 PHE 25 302 302 PHE PHE A . n 
A 1 26 TYR 26 303 303 TYR TYR A . n 
A 1 27 LYS 27 304 304 LYS LYS A . n 
A 1 28 SER 28 305 305 SER SER A . n 
A 1 29 LEU 29 306 306 LEU LEU A . n 
A 1 30 ARG 30 307 307 ARG ARG A . n 
A 1 31 ALA 31 308 308 ALA ALA A . n 
A 1 32 GLU 32 309 309 GLU GLU A . n 
A 1 33 GLN 33 310 310 GLN GLN A . n 
A 1 34 THR 34 311 311 THR THR A . n 
A 1 35 ASP 35 312 312 ASP ASP A . n 
A 1 36 PRO 36 313 313 PRO PRO A . n 
A 1 37 ALA 37 314 314 ALA ALA A . n 
A 1 38 VAL 38 315 315 VAL VAL A . n 
A 1 39 LYS 39 316 316 LYS LYS A . n 
A 1 40 ASN 40 317 317 ASN ASN A . n 
A 1 41 TRP 41 318 318 TRP TRP A . n 
A 1 42 MET 42 319 319 MET MET A . n 
A 1 43 THR 43 320 320 THR THR A . n 
A 1 44 GLN 44 321 321 GLN GLN A . n 
A 1 45 THR 45 322 322 THR THR A . n 
A 1 46 LEU 46 323 323 LEU LEU A . n 
A 1 47 LEU 47 324 324 LEU LEU A . n 
A 1 48 VAL 48 325 325 VAL VAL A . n 
A 1 49 GLN 49 326 326 GLN GLN A . n 
A 1 50 ASN 50 327 327 ASN ASN A . n 
A 1 51 ALA 51 328 328 ALA ALA A . n 
A 1 52 ASN 52 329 329 ASN ASN A . n 
A 1 53 PRO 53 330 330 PRO PRO A . n 
A 1 54 ASP 54 331 331 ASP ASP A . n 
A 1 55 CYS 55 332 332 CYS CYS A . n 
A 1 56 LYS 56 333 333 LYS LYS A . n 
A 1 57 LEU 57 334 334 LEU LEU A . n 
A 1 58 VAL 58 335 335 VAL VAL A . n 
A 1 59 LEU 59 336 336 LEU LEU A . n 
A 1 60 LYS 60 337 337 LYS LYS A . n 
A 1 61 GLY 61 338 338 GLY GLY A . n 
A 1 62 LEU 62 339 339 LEU LEU A . n 
A 1 63 GLY 63 340 340 GLY GLY A . n 
A 1 64 MET 64 341 341 MET MET A . n 
A 1 65 ASN 65 342 342 ASN ASN A . n 
A 1 66 PRO 66 343 343 PRO PRO A . n 
A 1 67 THR 67 344 344 THR THR A . n 
A 1 68 LEU 68 345 345 LEU LEU A . n 
A 1 69 GLU 69 346 346 GLU GLU A . n 
A 1 70 GLU 70 347 347 GLU GLU A . n 
A 1 71 MET 71 348 348 MET MET A . n 
A 1 72 LEU 72 349 349 LEU LEU A . n 
A 1 73 THR 73 350 350 THR THR A . n 
A 1 74 ALA 74 351 351 ALA ALA A . n 
A 1 75 CYS 75 352 352 CYS CYS A . n 
A 1 76 GLN 76 353 353 GLN GLN A . n 
A 1 77 GLY 77 354 354 GLY GLY A . n 
A 1 78 VAL 78 355 355 VAL VAL A . n 
A 1 79 GLY 79 356 356 GLY GLY A . n 
A 1 80 GLY 80 357 357 GLY GLY A . n 
A 1 81 PRO 81 358 358 PRO PRO A . n 
A 1 82 GLY 82 359 359 GLY GLY A . n 
A 1 83 GLN 83 360 360 GLN GLN A . n 
A 1 84 LYS 84 361 361 LYS LYS A . n 
A 1 85 ALA 85 362 362 ALA ALA A . n 
A 1 86 ARG 86 363 363 ARG ARG A . n 
A 1 87 LEU 87 364 364 LEU LEU A . n 
A 1 88 MET 88 365 365 MET MET A . n 
# 
_pdbx_contact_author.id                 2 
_pdbx_contact_author.email              aihar001@umn.edu 
_pdbx_contact_author.name_first         Hideki 
_pdbx_contact_author.name_last          Aihara 
_pdbx_contact_author.name_mi            ? 
_pdbx_contact_author.role               'principal investigator/group leader' 
_pdbx_contact_author.identifier_ORCID   0000-0001-7508-6230 
# 
loop_
_pdbx_nonpoly_scheme.asym_id 
_pdbx_nonpoly_scheme.entity_id 
_pdbx_nonpoly_scheme.mon_id 
_pdbx_nonpoly_scheme.ndb_seq_num 
_pdbx_nonpoly_scheme.pdb_seq_num 
_pdbx_nonpoly_scheme.auth_seq_num 
_pdbx_nonpoly_scheme.pdb_mon_id 
_pdbx_nonpoly_scheme.auth_mon_id 
_pdbx_nonpoly_scheme.pdb_strand_id 
_pdbx_nonpoly_scheme.pdb_ins_code 
B 2 HOH 1  401 8  HOH HOH A . 
B 2 HOH 2  402 17 HOH HOH A . 
B 2 HOH 3  403 10 HOH HOH A . 
B 2 HOH 4  404 21 HOH HOH A . 
B 2 HOH 5  405 6  HOH HOH A . 
B 2 HOH 6  406 5  HOH HOH A . 
B 2 HOH 7  407 7  HOH HOH A . 
B 2 HOH 8  408 25 HOH HOH A . 
B 2 HOH 9  409 2  HOH HOH A . 
B 2 HOH 10 410 15 HOH HOH A . 
B 2 HOH 11 411 3  HOH HOH A . 
B 2 HOH 12 412 1  HOH HOH A . 
B 2 HOH 13 413 11 HOH HOH A . 
B 2 HOH 14 414 49 HOH HOH A . 
B 2 HOH 15 415 22 HOH HOH A . 
B 2 HOH 16 416 44 HOH HOH A . 
B 2 HOH 17 417 4  HOH HOH A . 
B 2 HOH 18 418 9  HOH HOH A . 
B 2 HOH 19 419 47 HOH HOH A . 
B 2 HOH 20 420 18 HOH HOH A . 
B 2 HOH 21 421 12 HOH HOH A . 
B 2 HOH 22 422 23 HOH HOH A . 
B 2 HOH 23 423 33 HOH HOH A . 
B 2 HOH 24 424 32 HOH HOH A . 
B 2 HOH 25 425 48 HOH HOH A . 
# 
_pdbx_struct_assembly.id                   1 
_pdbx_struct_assembly.details              author_and_software_defined_assembly 
_pdbx_struct_assembly.method_details       PISA 
_pdbx_struct_assembly.oligomeric_details   dimeric 
_pdbx_struct_assembly.oligomeric_count     2 
# 
_pdbx_struct_assembly_gen.assembly_id       1 
_pdbx_struct_assembly_gen.oper_expression   1,2 
_pdbx_struct_assembly_gen.asym_id_list      A,B 
# 
loop_
_pdbx_struct_assembly_prop.biol_id 
_pdbx_struct_assembly_prop.type 
_pdbx_struct_assembly_prop.value 
_pdbx_struct_assembly_prop.details 
1 'ABSA (A^2)' 1240 ? 
1 MORE         -11  ? 
1 'SSA (A^2)'  9950 ? 
# 
loop_
_pdbx_struct_oper_list.id 
_pdbx_struct_oper_list.type 
_pdbx_struct_oper_list.name 
_pdbx_struct_oper_list.symmetry_operation 
_pdbx_struct_oper_list.matrix[1][1] 
_pdbx_struct_oper_list.matrix[1][2] 
_pdbx_struct_oper_list.matrix[1][3] 
_pdbx_struct_oper_list.vector[1] 
_pdbx_struct_oper_list.matrix[2][1] 
_pdbx_struct_oper_list.matrix[2][2] 
_pdbx_struct_oper_list.matrix[2][3] 
_pdbx_struct_oper_list.vector[2] 
_pdbx_struct_oper_list.matrix[3][1] 
_pdbx_struct_oper_list.matrix[3][2] 
_pdbx_struct_oper_list.matrix[3][3] 
_pdbx_struct_oper_list.vector[3] 
1 'identity operation'         1_555 x,y,z     1.0000000000  0.0000000000 0.0000000000  0.0000000000   0.0000000000 1.0000000000  0.0000000000  0.0000000000  0.0000000000  0.0000000000  1.0000000000  0.0000000000  
2 'crystal symmetry operation' 2_556 -x,y,-z+1 -0.3463834966 0.6758896463 -0.6505318280 -18.8522317994 0.6758896463 -0.3010782138 -0.6726998552 17.0355261286 -0.6505318280 -0.6726998552 -0.3525382895 -1.2420516020 
# 
loop_
_pdbx_audit_revision_history.ordinal 
_pdbx_audit_revision_history.data_content_type 
_pdbx_audit_revision_history.major_revision 
_pdbx_audit_revision_history.minor_revision 
_pdbx_audit_revision_history.revision_date 
1 'Structure model' 1 0 2023-05-17 
2 'Structure model' 1 1 2023-06-14 
3 'Structure model' 1 2 2023-10-25 
# 
_pdbx_audit_revision_details.ordinal             1 
_pdbx_audit_revision_details.revision_ordinal    1 
_pdbx_audit_revision_details.data_content_type   'Structure model' 
_pdbx_audit_revision_details.provider            repository 
_pdbx_audit_revision_details.type                'Initial release' 
_pdbx_audit_revision_details.description         ? 
_pdbx_audit_revision_details.details             ? 
# 
loop_
_pdbx_audit_revision_group.ordinal 
_pdbx_audit_revision_group.revision_ordinal 
_pdbx_audit_revision_group.data_content_type 
_pdbx_audit_revision_group.group 
1 2 'Structure model' 'Database references'    
2 3 'Structure model' 'Data collection'        
3 3 'Structure model' 'Refinement description' 
4 3 'Structure model' 'Source and taxonomy'    
# 
loop_
_pdbx_audit_revision_category.ordinal 
_pdbx_audit_revision_category.revision_ordinal 
_pdbx_audit_revision_category.data_content_type 
_pdbx_audit_revision_category.category 
1 2 'Structure model' citation                      
2 3 'Structure model' chem_comp_atom                
3 3 'Structure model' chem_comp_bond                
4 3 'Structure model' entity_src_gen                
5 3 'Structure model' pdbx_initial_refinement_model 
# 
loop_
_pdbx_audit_revision_item.ordinal 
_pdbx_audit_revision_item.revision_ordinal 
_pdbx_audit_revision_item.data_content_type 
_pdbx_audit_revision_item.item 
1 2 'Structure model' '_citation.journal_volume'                       
2 3 'Structure model' '_entity_src_gen.pdbx_gene_src_ncbi_taxonomy_id' 
3 3 'Structure model' '_entity_src_gen.pdbx_gene_src_scientific_name'  
# 
loop_
_pdbx_refine_tls.id 
_pdbx_refine_tls.pdbx_refine_id 
_pdbx_refine_tls.details 
_pdbx_refine_tls.method 
_pdbx_refine_tls.origin_x 
_pdbx_refine_tls.origin_y 
_pdbx_refine_tls.origin_z 
_pdbx_refine_tls.T[1][1] 
_pdbx_refine_tls.T[1][1]_esd 
_pdbx_refine_tls.T[1][2] 
_pdbx_refine_tls.T[1][2]_esd 
_pdbx_refine_tls.T[1][3] 
_pdbx_refine_tls.T[1][3]_esd 
_pdbx_refine_tls.T[2][2] 
_pdbx_refine_tls.T[2][2]_esd 
_pdbx_refine_tls.T[2][3] 
_pdbx_refine_tls.T[2][3]_esd 
_pdbx_refine_tls.T[3][3] 
_pdbx_refine_tls.T[3][3]_esd 
_pdbx_refine_tls.L[1][1] 
_pdbx_refine_tls.L[1][1]_esd 
_pdbx_refine_tls.L[1][2] 
_pdbx_refine_tls.L[1][2]_esd 
_pdbx_refine_tls.L[1][3] 
_pdbx_refine_tls.L[1][3]_esd 
_pdbx_refine_tls.L[2][2] 
_pdbx_refine_tls.L[2][2]_esd 
_pdbx_refine_tls.L[2][3] 
_pdbx_refine_tls.L[2][3]_esd 
_pdbx_refine_tls.L[3][3] 
_pdbx_refine_tls.L[3][3]_esd 
_pdbx_refine_tls.S[1][1] 
_pdbx_refine_tls.S[1][1]_esd 
_pdbx_refine_tls.S[1][2] 
_pdbx_refine_tls.S[1][2]_esd 
_pdbx_refine_tls.S[1][3] 
_pdbx_refine_tls.S[1][3]_esd 
_pdbx_refine_tls.S[2][1] 
_pdbx_refine_tls.S[2][1]_esd 
_pdbx_refine_tls.S[2][2] 
_pdbx_refine_tls.S[2][2]_esd 
_pdbx_refine_tls.S[2][3] 
_pdbx_refine_tls.S[2][3]_esd 
_pdbx_refine_tls.S[3][1] 
_pdbx_refine_tls.S[3][1]_esd 
_pdbx_refine_tls.S[3][2] 
_pdbx_refine_tls.S[3][2]_esd 
_pdbx_refine_tls.S[3][3] 
_pdbx_refine_tls.S[3][3]_esd 
1 'X-RAY DIFFRACTION' ? refined 1.1511  -8.6729 2.0159   0.4131 ? -0.0060 ? -0.0301 ? 0.3751 ? -0.0416 ? 0.3250 ? 2.4873  ? -0.7771 ? -5.2041 ? 1.2413 ? 3.0388  ? 17.2165 ? -0.1789 ? -0.1475 ? -0.7001 ? 0.5400  ? 0.1098  ? 0.4848  ? 1.9182  ? 0.1742  ? 0.0980  ? 
2 'X-RAY DIFFRACTION' ? refined 7.6358  -2.8388 1.3098   0.3775 ? 0.0121  ? -0.0444 ? 0.2581 ? -0.0840 ? 0.3686 ? 11.8338 ? -2.3490 ? -1.2452 ? 0.5687 ? 0.7739  ? 3.6852  ? -0.1848 ? -0.2050 ? -0.4297 ? -0.0956 ? 0.2295  ? -0.3218 ? 0.1541  ? 0.5254  ? -0.0779 ? 
3 'X-RAY DIFFRACTION' ? refined 8.4724  -1.3114 -10.8386 0.6861 ? -0.1220 ? -0.0728 ? 0.5991 ? -0.0586 ? 0.3792 ? 2.2400  ? 1.4663  ? -3.7438 ? 2.5929 ? -0.4015 ? 11.3759 ? -0.0182 ? 0.2715  ? -0.0172 ? -0.7831 ? -0.0475 ? 0.2255  ? -2.3076 ? 1.6531  ? 0.0295  ? 
4 'X-RAY DIFFRACTION' ? refined -5.0413 0.7733  -3.8322  0.4074 ? 0.1611  ? -0.0869 ? 0.7488 ? -0.2123 ? 0.3324 ? 4.7012  ? -0.9515 ? 1.6560  ? 4.2516 ? 2.8536  ? 3.7102  ? 0.2361  ? 0.3675  ? -0.0511 ? -0.3618 ? -0.6670 ? 0.4770  ? -0.4860 ? -1.2063 ? 0.4993  ? 
5 'X-RAY DIFFRACTION' ? refined -6.2389 7.8251  7.2932   0.5984 ? 0.1811  ? -0.0712 ? 0.5401 ? -0.1304 ? 0.3286 ? 8.1850  ? 0.6324  ? -3.6601 ? 0.6887 ? -0.1410 ? 4.8504  ? 0.4709  ? -0.2437 ? 0.5227  ? 0.1669  ? -0.2549 ? -0.2327 ? -0.9273 ? -0.8530 ? -0.0073 ? 
# 
loop_
_pdbx_refine_tls_group.id 
_pdbx_refine_tls_group.pdbx_refine_id 
_pdbx_refine_tls_group.refine_tls_id 
_pdbx_refine_tls_group.beg_label_asym_id 
_pdbx_refine_tls_group.beg_label_seq_id 
_pdbx_refine_tls_group.beg_auth_asym_id 
_pdbx_refine_tls_group.beg_auth_seq_id 
_pdbx_refine_tls_group.beg_PDB_ins_code 
_pdbx_refine_tls_group.end_label_asym_id 
_pdbx_refine_tls_group.end_label_seq_id 
_pdbx_refine_tls_group.end_auth_asym_id 
_pdbx_refine_tls_group.end_auth_seq_id 
_pdbx_refine_tls_group.end_PDB_ins_code 
_pdbx_refine_tls_group.selection 
_pdbx_refine_tls_group.selection_details 
1 'X-RAY DIFFRACTION' 1 ? ? A 282 ? ? ? A 294 ? ? 
;chain 'A' and (resid 282 through 294 )
;
2 'X-RAY DIFFRACTION' 2 ? ? A 295 ? ? ? A 309 ? ? 
;chain 'A' and (resid 295 through 309 )
;
3 'X-RAY DIFFRACTION' 3 ? ? A 310 ? ? ? A 321 ? ? 
;chain 'A' and (resid 310 through 321 )
;
4 'X-RAY DIFFRACTION' 4 ? ? A 322 ? ? ? A 344 ? ? 
;chain 'A' and (resid 322 through 344 )
;
5 'X-RAY DIFFRACTION' 5 ? ? A 345 ? ? ? A 365 ? ? 
;chain 'A' and (resid 345 through 365 )
;
# 
loop_
_software.citation_id 
_software.classification 
_software.compiler_name 
_software.compiler_version 
_software.contact_author 
_software.contact_author_email 
_software.date 
_software.description 
_software.dependencies 
_software.hardware 
_software.language 
_software.location 
_software.mods 
_software.name 
_software.os 
_software.os_version 
_software.type 
_software.version 
_software.pdbx_ordinal 
? 'data scaling'    ? ? ? ? ? ? ? ? ? ? ? Aimless     ? ? ? 0.7.4       1 
? refinement        ? ? ? ? ? ? ? ? ? ? ? PHENIX      ? ? ? 1.20.1_4487 2 
? 'data extraction' ? ? ? ? ? ? ? ? ? ? ? PDB_EXTRACT ? ? ? 3.27        3 
? 'data reduction'  ? ? ? ? ? ? ? ? ? ? ? XDS         ? ? ? .           4 
? phasing           ? ? ? ? ? ? ? ? ? ? ? PHASER      ? ? ? .           5 
# 
loop_
_pdbx_unobs_or_zero_occ_residues.id 
_pdbx_unobs_or_zero_occ_residues.PDB_model_num 
_pdbx_unobs_or_zero_occ_residues.polymer_flag 
_pdbx_unobs_or_zero_occ_residues.occupancy_flag 
_pdbx_unobs_or_zero_occ_residues.auth_asym_id 
_pdbx_unobs_or_zero_occ_residues.auth_comp_id 
_pdbx_unobs_or_zero_occ_residues.auth_seq_id 
_pdbx_unobs_or_zero_occ_residues.PDB_ins_code 
_pdbx_unobs_or_zero_occ_residues.label_asym_id 
_pdbx_unobs_or_zero_occ_residues.label_comp_id 
_pdbx_unobs_or_zero_occ_residues.label_seq_id 
1 1 Y 1 A GLY 278 ? A GLY 1 
2 1 Y 1 A PRO 279 ? A PRO 2 
3 1 Y 1 A ASN 280 ? A ASN 3 
4 1 Y 1 A PRO 281 ? A PRO 4 
# 
loop_
_chem_comp_atom.comp_id 
_chem_comp_atom.atom_id 
_chem_comp_atom.type_symbol 
_chem_comp_atom.pdbx_aromatic_flag 
_chem_comp_atom.pdbx_stereo_config 
_chem_comp_atom.pdbx_ordinal 
ALA N    N N N 1   
ALA CA   C N S 2   
ALA C    C N N 3   
ALA O    O N N 4   
ALA CB   C N N 5   
ALA OXT  O N N 6   
ALA H    H N N 7   
ALA H2   H N N 8   
ALA HA   H N N 9   
ALA HB1  H N N 10  
ALA HB2  H N N 11  
ALA HB3  H N N 12  
ALA HXT  H N N 13  
ARG N    N N N 14  
ARG CA   C N S 15  
ARG C    C N N 16  
ARG O    O N N 17  
ARG CB   C N N 18  
ARG CG   C N N 19  
ARG CD   C N N 20  
ARG NE   N N N 21  
ARG CZ   C N N 22  
ARG NH1  N N N 23  
ARG NH2  N N N 24  
ARG OXT  O N N 25  
ARG H    H N N 26  
ARG H2   H N N 27  
ARG HA   H N N 28  
ARG HB2  H N N 29  
ARG HB3  H N N 30  
ARG HG2  H N N 31  
ARG HG3  H N N 32  
ARG HD2  H N N 33  
ARG HD3  H N N 34  
ARG HE   H N N 35  
ARG HH11 H N N 36  
ARG HH12 H N N 37  
ARG HH21 H N N 38  
ARG HH22 H N N 39  
ARG HXT  H N N 40  
ASN N    N N N 41  
ASN CA   C N S 42  
ASN C    C N N 43  
ASN O    O N N 44  
ASN CB   C N N 45  
ASN CG   C N N 46  
ASN OD1  O N N 47  
ASN ND2  N N N 48  
ASN OXT  O N N 49  
ASN H    H N N 50  
ASN H2   H N N 51  
ASN HA   H N N 52  
ASN HB2  H N N 53  
ASN HB3  H N N 54  
ASN HD21 H N N 55  
ASN HD22 H N N 56  
ASN HXT  H N N 57  
ASP N    N N N 58  
ASP CA   C N S 59  
ASP C    C N N 60  
ASP O    O N N 61  
ASP CB   C N N 62  
ASP CG   C N N 63  
ASP OD1  O N N 64  
ASP OD2  O N N 65  
ASP OXT  O N N 66  
ASP H    H N N 67  
ASP H2   H N N 68  
ASP HA   H N N 69  
ASP HB2  H N N 70  
ASP HB3  H N N 71  
ASP HD2  H N N 72  
ASP HXT  H N N 73  
CYS N    N N N 74  
CYS CA   C N R 75  
CYS C    C N N 76  
CYS O    O N N 77  
CYS CB   C N N 78  
CYS SG   S N N 79  
CYS OXT  O N N 80  
CYS H    H N N 81  
CYS H2   H N N 82  
CYS HA   H N N 83  
CYS HB2  H N N 84  
CYS HB3  H N N 85  
CYS HG   H N N 86  
CYS HXT  H N N 87  
GLN N    N N N 88  
GLN CA   C N S 89  
GLN C    C N N 90  
GLN O    O N N 91  
GLN CB   C N N 92  
GLN CG   C N N 93  
GLN CD   C N N 94  
GLN OE1  O N N 95  
GLN NE2  N N N 96  
GLN OXT  O N N 97  
GLN H    H N N 98  
GLN H2   H N N 99  
GLN HA   H N N 100 
GLN HB2  H N N 101 
GLN HB3  H N N 102 
GLN HG2  H N N 103 
GLN HG3  H N N 104 
GLN HE21 H N N 105 
GLN HE22 H N N 106 
GLN HXT  H N N 107 
GLU N    N N N 108 
GLU CA   C N S 109 
GLU C    C N N 110 
GLU O    O N N 111 
GLU CB   C N N 112 
GLU CG   C N N 113 
GLU CD   C N N 114 
GLU OE1  O N N 115 
GLU OE2  O N N 116 
GLU OXT  O N N 117 
GLU H    H N N 118 
GLU H2   H N N 119 
GLU HA   H N N 120 
GLU HB2  H N N 121 
GLU HB3  H N N 122 
GLU HG2  H N N 123 
GLU HG3  H N N 124 
GLU HE2  H N N 125 
GLU HXT  H N N 126 
GLY N    N N N 127 
GLY CA   C N N 128 
GLY C    C N N 129 
GLY O    O N N 130 
GLY OXT  O N N 131 
GLY H    H N N 132 
GLY H2   H N N 133 
GLY HA2  H N N 134 
GLY HA3  H N N 135 
GLY HXT  H N N 136 
HOH O    O N N 137 
HOH H1   H N N 138 
HOH H2   H N N 139 
ILE N    N N N 140 
ILE CA   C N S 141 
ILE C    C N N 142 
ILE O    O N N 143 
ILE CB   C N S 144 
ILE CG1  C N N 145 
ILE CG2  C N N 146 
ILE CD1  C N N 147 
ILE OXT  O N N 148 
ILE H    H N N 149 
ILE H2   H N N 150 
ILE HA   H N N 151 
ILE HB   H N N 152 
ILE HG12 H N N 153 
ILE HG13 H N N 154 
ILE HG21 H N N 155 
ILE HG22 H N N 156 
ILE HG23 H N N 157 
ILE HD11 H N N 158 
ILE HD12 H N N 159 
ILE HD13 H N N 160 
ILE HXT  H N N 161 
LEU N    N N N 162 
LEU CA   C N S 163 
LEU C    C N N 164 
LEU O    O N N 165 
LEU CB   C N N 166 
LEU CG   C N N 167 
LEU CD1  C N N 168 
LEU CD2  C N N 169 
LEU OXT  O N N 170 
LEU H    H N N 171 
LEU H2   H N N 172 
LEU HA   H N N 173 
LEU HB2  H N N 174 
LEU HB3  H N N 175 
LEU HG   H N N 176 
LEU HD11 H N N 177 
LEU HD12 H N N 178 
LEU HD13 H N N 179 
LEU HD21 H N N 180 
LEU HD22 H N N 181 
LEU HD23 H N N 182 
LEU HXT  H N N 183 
LYS N    N N N 184 
LYS CA   C N S 185 
LYS C    C N N 186 
LYS O    O N N 187 
LYS CB   C N N 188 
LYS CG   C N N 189 
LYS CD   C N N 190 
LYS CE   C N N 191 
LYS NZ   N N N 192 
LYS OXT  O N N 193 
LYS H    H N N 194 
LYS H2   H N N 195 
LYS HA   H N N 196 
LYS HB2  H N N 197 
LYS HB3  H N N 198 
LYS HG2  H N N 199 
LYS HG3  H N N 200 
LYS HD2  H N N 201 
LYS HD3  H N N 202 
LYS HE2  H N N 203 
LYS HE3  H N N 204 
LYS HZ1  H N N 205 
LYS HZ2  H N N 206 
LYS HZ3  H N N 207 
LYS HXT  H N N 208 
MET N    N N N 209 
MET CA   C N S 210 
MET C    C N N 211 
MET O    O N N 212 
MET CB   C N N 213 
MET CG   C N N 214 
MET SD   S N N 215 
MET CE   C N N 216 
MET OXT  O N N 217 
MET H    H N N 218 
MET H2   H N N 219 
MET HA   H N N 220 
MET HB2  H N N 221 
MET HB3  H N N 222 
MET HG2  H N N 223 
MET HG3  H N N 224 
MET HE1  H N N 225 
MET HE2  H N N 226 
MET HE3  H N N 227 
MET HXT  H N N 228 
PHE N    N N N 229 
PHE CA   C N S 230 
PHE C    C N N 231 
PHE O    O N N 232 
PHE CB   C N N 233 
PHE CG   C Y N 234 
PHE CD1  C Y N 235 
PHE CD2  C Y N 236 
PHE CE1  C Y N 237 
PHE CE2  C Y N 238 
PHE CZ   C Y N 239 
PHE OXT  O N N 240 
PHE H    H N N 241 
PHE H2   H N N 242 
PHE HA   H N N 243 
PHE HB2  H N N 244 
PHE HB3  H N N 245 
PHE HD1  H N N 246 
PHE HD2  H N N 247 
PHE HE1  H N N 248 
PHE HE2  H N N 249 
PHE HZ   H N N 250 
PHE HXT  H N N 251 
PRO N    N N N 252 
PRO CA   C N S 253 
PRO C    C N N 254 
PRO O    O N N 255 
PRO CB   C N N 256 
PRO CG   C N N 257 
PRO CD   C N N 258 
PRO OXT  O N N 259 
PRO H    H N N 260 
PRO HA   H N N 261 
PRO HB2  H N N 262 
PRO HB3  H N N 263 
PRO HG2  H N N 264 
PRO HG3  H N N 265 
PRO HD2  H N N 266 
PRO HD3  H N N 267 
PRO HXT  H N N 268 
SER N    N N N 269 
SER CA   C N S 270 
SER C    C N N 271 
SER O    O N N 272 
SER CB   C N N 273 
SER OG   O N N 274 
SER OXT  O N N 275 
SER H    H N N 276 
SER H2   H N N 277 
SER HA   H N N 278 
SER HB2  H N N 279 
SER HB3  H N N 280 
SER HG   H N N 281 
SER HXT  H N N 282 
THR N    N N N 283 
THR CA   C N S 284 
THR C    C N N 285 
THR O    O N N 286 
THR CB   C N R 287 
THR OG1  O N N 288 
THR CG2  C N N 289 
THR OXT  O N N 290 
THR H    H N N 291 
THR H2   H N N 292 
THR HA   H N N 293 
THR HB   H N N 294 
THR HG1  H N N 295 
THR HG21 H N N 296 
THR HG22 H N N 297 
THR HG23 H N N 298 
THR HXT  H N N 299 
TRP N    N N N 300 
TRP CA   C N S 301 
TRP C    C N N 302 
TRP O    O N N 303 
TRP CB   C N N 304 
TRP CG   C Y N 305 
TRP CD1  C Y N 306 
TRP CD2  C Y N 307 
TRP NE1  N Y N 308 
TRP CE2  C Y N 309 
TRP CE3  C Y N 310 
TRP CZ2  C Y N 311 
TRP CZ3  C Y N 312 
TRP CH2  C Y N 313 
TRP OXT  O N N 314 
TRP H    H N N 315 
TRP H2   H N N 316 
TRP HA   H N N 317 
TRP HB2  H N N 318 
TRP HB3  H N N 319 
TRP HD1  H N N 320 
TRP HE1  H N N 321 
TRP HE3  H N N 322 
TRP HZ2  H N N 323 
TRP HZ3  H N N 324 
TRP HH2  H N N 325 
TRP HXT  H N N 326 
TYR N    N N N 327 
TYR CA   C N S 328 
TYR C    C N N 329 
TYR O    O N N 330 
TYR CB   C N N 331 
TYR CG   C Y N 332 
TYR CD1  C Y N 333 
TYR CD2  C Y N 334 
TYR CE1  C Y N 335 
TYR CE2  C Y N 336 
TYR CZ   C Y N 337 
TYR OH   O N N 338 
TYR OXT  O N N 339 
TYR H    H N N 340 
TYR H2   H N N 341 
TYR HA   H N N 342 
TYR HB2  H N N 343 
TYR HB3  H N N 344 
TYR HD1  H N N 345 
TYR HD2  H N N 346 
TYR HE1  H N N 347 
TYR HE2  H N N 348 
TYR HH   H N N 349 
TYR HXT  H N N 350 
VAL N    N N N 351 
VAL CA   C N S 352 
VAL C    C N N 353 
VAL O    O N N 354 
VAL CB   C N N 355 
VAL CG1  C N N 356 
VAL CG2  C N N 357 
VAL OXT  O N N 358 
VAL H    H N N 359 
VAL H2   H N N 360 
VAL HA   H N N 361 
VAL HB   H N N 362 
VAL HG11 H N N 363 
VAL HG12 H N N 364 
VAL HG13 H N N 365 
VAL HG21 H N N 366 
VAL HG22 H N N 367 
VAL HG23 H N N 368 
VAL HXT  H N N 369 
# 
loop_
_chem_comp_bond.comp_id 
_chem_comp_bond.atom_id_1 
_chem_comp_bond.atom_id_2 
_chem_comp_bond.value_order 
_chem_comp_bond.pdbx_aromatic_flag 
_chem_comp_bond.pdbx_stereo_config 
_chem_comp_bond.pdbx_ordinal 
ALA N   CA   sing N N 1   
ALA N   H    sing N N 2   
ALA N   H2   sing N N 3   
ALA CA  C    sing N N 4   
ALA CA  CB   sing N N 5   
ALA CA  HA   sing N N 6   
ALA C   O    doub N N 7   
ALA C   OXT  sing N N 8   
ALA CB  HB1  sing N N 9   
ALA CB  HB2  sing N N 10  
ALA CB  HB3  sing N N 11  
ALA OXT HXT  sing N N 12  
ARG N   CA   sing N N 13  
ARG N   H    sing N N 14  
ARG N   H2   sing N N 15  
ARG CA  C    sing N N 16  
ARG CA  CB   sing N N 17  
ARG CA  HA   sing N N 18  
ARG C   O    doub N N 19  
ARG C   OXT  sing N N 20  
ARG CB  CG   sing N N 21  
ARG CB  HB2  sing N N 22  
ARG CB  HB3  sing N N 23  
ARG CG  CD   sing N N 24  
ARG CG  HG2  sing N N 25  
ARG CG  HG3  sing N N 26  
ARG CD  NE   sing N N 27  
ARG CD  HD2  sing N N 28  
ARG CD  HD3  sing N N 29  
ARG NE  CZ   sing N N 30  
ARG NE  HE   sing N N 31  
ARG CZ  NH1  sing N N 32  
ARG CZ  NH2  doub N N 33  
ARG NH1 HH11 sing N N 34  
ARG NH1 HH12 sing N N 35  
ARG NH2 HH21 sing N N 36  
ARG NH2 HH22 sing N N 37  
ARG OXT HXT  sing N N 38  
ASN N   CA   sing N N 39  
ASN N   H    sing N N 40  
ASN N   H2   sing N N 41  
ASN CA  C    sing N N 42  
ASN CA  CB   sing N N 43  
ASN CA  HA   sing N N 44  
ASN C   O    doub N N 45  
ASN C   OXT  sing N N 46  
ASN CB  CG   sing N N 47  
ASN CB  HB2  sing N N 48  
ASN CB  HB3  sing N N 49  
ASN CG  OD1  doub N N 50  
ASN CG  ND2  sing N N 51  
ASN ND2 HD21 sing N N 52  
ASN ND2 HD22 sing N N 53  
ASN OXT HXT  sing N N 54  
ASP N   CA   sing N N 55  
ASP N   H    sing N N 56  
ASP N   H2   sing N N 57  
ASP CA  C    sing N N 58  
ASP CA  CB   sing N N 59  
ASP CA  HA   sing N N 60  
ASP C   O    doub N N 61  
ASP C   OXT  sing N N 62  
ASP CB  CG   sing N N 63  
ASP CB  HB2  sing N N 64  
ASP CB  HB3  sing N N 65  
ASP CG  OD1  doub N N 66  
ASP CG  OD2  sing N N 67  
ASP OD2 HD2  sing N N 68  
ASP OXT HXT  sing N N 69  
CYS N   CA   sing N N 70  
CYS N   H    sing N N 71  
CYS N   H2   sing N N 72  
CYS CA  C    sing N N 73  
CYS CA  CB   sing N N 74  
CYS CA  HA   sing N N 75  
CYS C   O    doub N N 76  
CYS C   OXT  sing N N 77  
CYS CB  SG   sing N N 78  
CYS CB  HB2  sing N N 79  
CYS CB  HB3  sing N N 80  
CYS SG  HG   sing N N 81  
CYS OXT HXT  sing N N 82  
GLN N   CA   sing N N 83  
GLN N   H    sing N N 84  
GLN N   H2   sing N N 85  
GLN CA  C    sing N N 86  
GLN CA  CB   sing N N 87  
GLN CA  HA   sing N N 88  
GLN C   O    doub N N 89  
GLN C   OXT  sing N N 90  
GLN CB  CG   sing N N 91  
GLN CB  HB2  sing N N 92  
GLN CB  HB3  sing N N 93  
GLN CG  CD   sing N N 94  
GLN CG  HG2  sing N N 95  
GLN CG  HG3  sing N N 96  
GLN CD  OE1  doub N N 97  
GLN CD  NE2  sing N N 98  
GLN NE2 HE21 sing N N 99  
GLN NE2 HE22 sing N N 100 
GLN OXT HXT  sing N N 101 
GLU N   CA   sing N N 102 
GLU N   H    sing N N 103 
GLU N   H2   sing N N 104 
GLU CA  C    sing N N 105 
GLU CA  CB   sing N N 106 
GLU CA  HA   sing N N 107 
GLU C   O    doub N N 108 
GLU C   OXT  sing N N 109 
GLU CB  CG   sing N N 110 
GLU CB  HB2  sing N N 111 
GLU CB  HB3  sing N N 112 
GLU CG  CD   sing N N 113 
GLU CG  HG2  sing N N 114 
GLU CG  HG3  sing N N 115 
GLU CD  OE1  doub N N 116 
GLU CD  OE2  sing N N 117 
GLU OE2 HE2  sing N N 118 
GLU OXT HXT  sing N N 119 
GLY N   CA   sing N N 120 
GLY N   H    sing N N 121 
GLY N   H2   sing N N 122 
GLY CA  C    sing N N 123 
GLY CA  HA2  sing N N 124 
GLY CA  HA3  sing N N 125 
GLY C   O    doub N N 126 
GLY C   OXT  sing N N 127 
GLY OXT HXT  sing N N 128 
HOH O   H1   sing N N 129 
HOH O   H2   sing N N 130 
ILE N   CA   sing N N 131 
ILE N   H    sing N N 132 
ILE N   H2   sing N N 133 
ILE CA  C    sing N N 134 
ILE CA  CB   sing N N 135 
ILE CA  HA   sing N N 136 
ILE C   O    doub N N 137 
ILE C   OXT  sing N N 138 
ILE CB  CG1  sing N N 139 
ILE CB  CG2  sing N N 140 
ILE CB  HB   sing N N 141 
ILE CG1 CD1  sing N N 142 
ILE CG1 HG12 sing N N 143 
ILE CG1 HG13 sing N N 144 
ILE CG2 HG21 sing N N 145 
ILE CG2 HG22 sing N N 146 
ILE CG2 HG23 sing N N 147 
ILE CD1 HD11 sing N N 148 
ILE CD1 HD12 sing N N 149 
ILE CD1 HD13 sing N N 150 
ILE OXT HXT  sing N N 151 
LEU N   CA   sing N N 152 
LEU N   H    sing N N 153 
LEU N   H2   sing N N 154 
LEU CA  C    sing N N 155 
LEU CA  CB   sing N N 156 
LEU CA  HA   sing N N 157 
LEU C   O    doub N N 158 
LEU C   OXT  sing N N 159 
LEU CB  CG   sing N N 160 
LEU CB  HB2  sing N N 161 
LEU CB  HB3  sing N N 162 
LEU CG  CD1  sing N N 163 
LEU CG  CD2  sing N N 164 
LEU CG  HG   sing N N 165 
LEU CD1 HD11 sing N N 166 
LEU CD1 HD12 sing N N 167 
LEU CD1 HD13 sing N N 168 
LEU CD2 HD21 sing N N 169 
LEU CD2 HD22 sing N N 170 
LEU CD2 HD23 sing N N 171 
LEU OXT HXT  sing N N 172 
LYS N   CA   sing N N 173 
LYS N   H    sing N N 174 
LYS N   H2   sing N N 175 
LYS CA  C    sing N N 176 
LYS CA  CB   sing N N 177 
LYS CA  HA   sing N N 178 
LYS C   O    doub N N 179 
LYS C   OXT  sing N N 180 
LYS CB  CG   sing N N 181 
LYS CB  HB2  sing N N 182 
LYS CB  HB3  sing N N 183 
LYS CG  CD   sing N N 184 
LYS CG  HG2  sing N N 185 
LYS CG  HG3  sing N N 186 
LYS CD  CE   sing N N 187 
LYS CD  HD2  sing N N 188 
LYS CD  HD3  sing N N 189 
LYS CE  NZ   sing N N 190 
LYS CE  HE2  sing N N 191 
LYS CE  HE3  sing N N 192 
LYS NZ  HZ1  sing N N 193 
LYS NZ  HZ2  sing N N 194 
LYS NZ  HZ3  sing N N 195 
LYS OXT HXT  sing N N 196 
MET N   CA   sing N N 197 
MET N   H    sing N N 198 
MET N   H2   sing N N 199 
MET CA  C    sing N N 200 
MET CA  CB   sing N N 201 
MET CA  HA   sing N N 202 
MET C   O    doub N N 203 
MET C   OXT  sing N N 204 
MET CB  CG   sing N N 205 
MET CB  HB2  sing N N 206 
MET CB  HB3  sing N N 207 
MET CG  SD   sing N N 208 
MET CG  HG2  sing N N 209 
MET CG  HG3  sing N N 210 
MET SD  CE   sing N N 211 
MET CE  HE1  sing N N 212 
MET CE  HE2  sing N N 213 
MET CE  HE3  sing N N 214 
MET OXT HXT  sing N N 215 
PHE N   CA   sing N N 216 
PHE N   H    sing N N 217 
PHE N   H2   sing N N 218 
PHE CA  C    sing N N 219 
PHE CA  CB   sing N N 220 
PHE CA  HA   sing N N 221 
PHE C   O    doub N N 222 
PHE C   OXT  sing N N 223 
PHE CB  CG   sing N N 224 
PHE CB  HB2  sing N N 225 
PHE CB  HB3  sing N N 226 
PHE CG  CD1  doub Y N 227 
PHE CG  CD2  sing Y N 228 
PHE CD1 CE1  sing Y N 229 
PHE CD1 HD1  sing N N 230 
PHE CD2 CE2  doub Y N 231 
PHE CD2 HD2  sing N N 232 
PHE CE1 CZ   doub Y N 233 
PHE CE1 HE1  sing N N 234 
PHE CE2 CZ   sing Y N 235 
PHE CE2 HE2  sing N N 236 
PHE CZ  HZ   sing N N 237 
PHE OXT HXT  sing N N 238 
PRO N   CA   sing N N 239 
PRO N   CD   sing N N 240 
PRO N   H    sing N N 241 
PRO CA  C    sing N N 242 
PRO CA  CB   sing N N 243 
PRO CA  HA   sing N N 244 
PRO C   O    doub N N 245 
PRO C   OXT  sing N N 246 
PRO CB  CG   sing N N 247 
PRO CB  HB2  sing N N 248 
PRO CB  HB3  sing N N 249 
PRO CG  CD   sing N N 250 
PRO CG  HG2  sing N N 251 
PRO CG  HG3  sing N N 252 
PRO CD  HD2  sing N N 253 
PRO CD  HD3  sing N N 254 
PRO OXT HXT  sing N N 255 
SER N   CA   sing N N 256 
SER N   H    sing N N 257 
SER N   H2   sing N N 258 
SER CA  C    sing N N 259 
SER CA  CB   sing N N 260 
SER CA  HA   sing N N 261 
SER C   O    doub N N 262 
SER C   OXT  sing N N 263 
SER CB  OG   sing N N 264 
SER CB  HB2  sing N N 265 
SER CB  HB3  sing N N 266 
SER OG  HG   sing N N 267 
SER OXT HXT  sing N N 268 
THR N   CA   sing N N 269 
THR N   H    sing N N 270 
THR N   H2   sing N N 271 
THR CA  C    sing N N 272 
THR CA  CB   sing N N 273 
THR CA  HA   sing N N 274 
THR C   O    doub N N 275 
THR C   OXT  sing N N 276 
THR CB  OG1  sing N N 277 
THR CB  CG2  sing N N 278 
THR CB  HB   sing N N 279 
THR OG1 HG1  sing N N 280 
THR CG2 HG21 sing N N 281 
THR CG2 HG22 sing N N 282 
THR CG2 HG23 sing N N 283 
THR OXT HXT  sing N N 284 
TRP N   CA   sing N N 285 
TRP N   H    sing N N 286 
TRP N   H2   sing N N 287 
TRP CA  C    sing N N 288 
TRP CA  CB   sing N N 289 
TRP CA  HA   sing N N 290 
TRP C   O    doub N N 291 
TRP C   OXT  sing N N 292 
TRP CB  CG   sing N N 293 
TRP CB  HB2  sing N N 294 
TRP CB  HB3  sing N N 295 
TRP CG  CD1  doub Y N 296 
TRP CG  CD2  sing Y N 297 
TRP CD1 NE1  sing Y N 298 
TRP CD1 HD1  sing N N 299 
TRP CD2 CE2  doub Y N 300 
TRP CD2 CE3  sing Y N 301 
TRP NE1 CE2  sing Y N 302 
TRP NE1 HE1  sing N N 303 
TRP CE2 CZ2  sing Y N 304 
TRP CE3 CZ3  doub Y N 305 
TRP CE3 HE3  sing N N 306 
TRP CZ2 CH2  doub Y N 307 
TRP CZ2 HZ2  sing N N 308 
TRP CZ3 CH2  sing Y N 309 
TRP CZ3 HZ3  sing N N 310 
TRP CH2 HH2  sing N N 311 
TRP OXT HXT  sing N N 312 
TYR N   CA   sing N N 313 
TYR N   H    sing N N 314 
TYR N   H2   sing N N 315 
TYR CA  C    sing N N 316 
TYR CA  CB   sing N N 317 
TYR CA  HA   sing N N 318 
TYR C   O    doub N N 319 
TYR C   OXT  sing N N 320 
TYR CB  CG   sing N N 321 
TYR CB  HB2  sing N N 322 
TYR CB  HB3  sing N N 323 
TYR CG  CD1  doub Y N 324 
TYR CG  CD2  sing Y N 325 
TYR CD1 CE1  sing Y N 326 
TYR CD1 HD1  sing N N 327 
TYR CD2 CE2  doub Y N 328 
TYR CD2 HD2  sing N N 329 
TYR CE1 CZ   doub Y N 330 
TYR CE1 HE1  sing N N 331 
TYR CE2 CZ   sing Y N 332 
TYR CE2 HE2  sing N N 333 
TYR CZ  OH   sing N N 334 
TYR OH  HH   sing N N 335 
TYR OXT HXT  sing N N 336 
VAL N   CA   sing N N 337 
VAL N   H    sing N N 338 
VAL N   H2   sing N N 339 
VAL CA  C    sing N N 340 
VAL CA  CB   sing N N 341 
VAL CA  HA   sing N N 342 
VAL C   O    doub N N 343 
VAL C   OXT  sing N N 344 
VAL CB  CG1  sing N N 345 
VAL CB  CG2  sing N N 346 
VAL CB  HB   sing N N 347 
VAL CG1 HG11 sing N N 348 
VAL CG1 HG12 sing N N 349 
VAL CG1 HG13 sing N N 350 
VAL CG2 HG21 sing N N 351 
VAL CG2 HG22 sing N N 352 
VAL CG2 HG23 sing N N 353 
VAL OXT HXT  sing N N 354 
# 
loop_
_pdbx_audit_support.funding_organization 
_pdbx_audit_support.country 
_pdbx_audit_support.grant_number 
_pdbx_audit_support.ordinal 
'National Institutes of Health/National Institute Of Allergy and Infectious Diseases (NIH/NIAID)' 'United States' R37-AI064064 1 
'National Institutes of Health/National Cancer Institute (NIH/NCI)'                               'United States' R35-GM118047 2 
# 
_pdbx_entity_nonpoly.entity_id   2 
_pdbx_entity_nonpoly.name        water 
_pdbx_entity_nonpoly.comp_id     HOH 
# 
_pdbx_initial_refinement_model.id               1 
_pdbx_initial_refinement_model.entity_id_list   ? 
_pdbx_initial_refinement_model.type             'experimental model' 
_pdbx_initial_refinement_model.source_name      PDB 
_pdbx_initial_refinement_model.accession_code   6AXX 
_pdbx_initial_refinement_model.details          ? 
# 
_pdbx_struct_assembly_auth_evidence.id                     1 
_pdbx_struct_assembly_auth_evidence.assembly_id            1 
_pdbx_struct_assembly_auth_evidence.experimental_support   'gel filtration' 
_pdbx_struct_assembly_auth_evidence.details                ? 
# 
